data_1ZK9
# 
_entry.id   1ZK9 
# 
_audit_conform.dict_name       mmcif_pdbx.dic 
_audit_conform.dict_version    5.376 
_audit_conform.dict_location   http://mmcif.pdb.org/dictionaries/ascii/mmcif_pdbx.dic 
# 
loop_
_database_2.database_id 
_database_2.database_code 
_database_2.pdbx_database_accession 
_database_2.pdbx_DOI 
PDB   1ZK9         pdb_00001zk9 10.2210/pdb1zk9/pdb 
RCSB  RCSB032813   ?            ?                   
WWPDB D_1000032813 ?            ?                   
# 
_pdbx_database_related.db_name        PDB 
_pdbx_database_related.db_id          1ZKA 
_pdbx_database_related.details        'Y300S mutant' 
_pdbx_database_related.content_type   unspecified 
# 
_pdbx_database_status.status_code                     REL 
_pdbx_database_status.entry_id                        1ZK9 
_pdbx_database_status.recvd_initial_deposition_date   2005-05-02 
_pdbx_database_status.deposit_site                    RCSB 
_pdbx_database_status.process_site                    RCSB 
_pdbx_database_status.status_code_sf                  ? 
_pdbx_database_status.status_code_mr                  ? 
_pdbx_database_status.SG_entry                        ? 
_pdbx_database_status.pdb_format_compatible           Y 
_pdbx_database_status.status_code_cs                  ? 
_pdbx_database_status.methods_development_category    ? 
_pdbx_database_status.status_code_nmr_data            ? 
# 
loop_
_audit_author.name 
_audit_author.pdbx_ordinal 
'Huang, D.B.' 1 
'Vu, D.'      2 
'Ghosh, G.'   3 
# 
_citation.id                        primary 
_citation.title                     'NF-kappaB RelB Forms an Intertwined Homodimer.' 
_citation.journal_abbrev            Structure 
_citation.journal_volume            13 
_citation.page_first                1365 
_citation.page_last                 1373 
_citation.year                      2005 
_citation.journal_id_ASTM           STRUE6 
_citation.country                   UK 
_citation.journal_id_ISSN           0969-2126 
_citation.journal_id_CSD            2005 
_citation.book_publisher            ? 
_citation.pdbx_database_id_PubMed   16154093 
_citation.pdbx_database_id_DOI      10.1016/j.str.2005.06.018 
# 
loop_
_citation_author.citation_id 
_citation_author.name 
_citation_author.ordinal 
_citation_author.identifier_ORCID 
primary 'Huang, D.B.' 1 ? 
primary 'Vu, D.'      2 ? 
primary 'Ghosh, G.'   3 ? 
# 
_cell.entry_id           1ZK9 
_cell.length_a           69.200 
_cell.length_b           69.200 
_cell.length_c           64.740 
_cell.angle_alpha        90.00 
_cell.angle_beta         90.00 
_cell.angle_gamma        120.00 
_cell.Z_PDB              6 
_cell.pdbx_unique_axis   ? 
# 
_symmetry.entry_id                         1ZK9 
_symmetry.space_group_name_H-M             'P 31 2 1' 
_symmetry.pdbx_full_space_group_name_H-M   ? 
_symmetry.cell_setting                     ? 
_symmetry.Int_Tables_number                152 
_symmetry.space_group_name_Hall            ? 
# 
loop_
_entity.id 
_entity.type 
_entity.src_method 
_entity.pdbx_description 
_entity.formula_weight 
_entity.pdbx_number_of_molecules 
_entity.pdbx_ec 
_entity.pdbx_mutation 
_entity.pdbx_fragment 
_entity.details 
1 polymer man 'Transcription factor RelB' 12400.038 1   ? ? 'dimerization domain' ? 
2 water   nat water                       18.015    103 ? ? ?                     ? 
# 
_entity_poly.entity_id                      1 
_entity_poly.type                           'polypeptide(L)' 
_entity_poly.nstd_linkage                   no 
_entity_poly.nstd_monomer                   no 
_entity_poly.pdbx_seq_one_letter_code       
;LVPRGSHMNTSELRICRINKESGPCTGGEELYLLCDKVQKEDISVVFSTASWEGRADFSQADVHRQIAIVFKTPPYEDLE
ISEPVTVNVFLQRLTDGVCSEPLPFTYLPR
;
_entity_poly.pdbx_seq_one_letter_code_can   
;LVPRGSHMNTSELRICRINKESGPCTGGEELYLLCDKVQKEDISVVFSTASWEGRADFSQADVHRQIAIVFKTPPYEDLE
ISEPVTVNVFLQRLTDGVCSEPLPFTYLPR
;
_entity_poly.pdbx_strand_id                 A 
_entity_poly.pdbx_target_identifier         ? 
# 
loop_
_entity_poly_seq.entity_id 
_entity_poly_seq.num 
_entity_poly_seq.mon_id 
_entity_poly_seq.hetero 
1 1   LEU n 
1 2   VAL n 
1 3   PRO n 
1 4   ARG n 
1 5   GLY n 
1 6   SER n 
1 7   HIS n 
1 8   MET n 
1 9   ASN n 
1 10  THR n 
1 11  SER n 
1 12  GLU n 
1 13  LEU n 
1 14  ARG n 
1 15  ILE n 
1 16  CYS n 
1 17  ARG n 
1 18  ILE n 
1 19  ASN n 
1 20  LYS n 
1 21  GLU n 
1 22  SER n 
1 23  GLY n 
1 24  PRO n 
1 25  CYS n 
1 26  THR n 
1 27  GLY n 
1 28  GLY n 
1 29  GLU n 
1 30  GLU n 
1 31  LEU n 
1 32  TYR n 
1 33  LEU n 
1 34  LEU n 
1 35  CYS n 
1 36  ASP n 
1 37  LYS n 
1 38  VAL n 
1 39  GLN n 
1 40  LYS n 
1 41  GLU n 
1 42  ASP n 
1 43  ILE n 
1 44  SER n 
1 45  VAL n 
1 46  VAL n 
1 47  PHE n 
1 48  SER n 
1 49  THR n 
1 50  ALA n 
1 51  SER n 
1 52  TRP n 
1 53  GLU n 
1 54  GLY n 
1 55  ARG n 
1 56  ALA n 
1 57  ASP n 
1 58  PHE n 
1 59  SER n 
1 60  GLN n 
1 61  ALA n 
1 62  ASP n 
1 63  VAL n 
1 64  HIS n 
1 65  ARG n 
1 66  GLN n 
1 67  ILE n 
1 68  ALA n 
1 69  ILE n 
1 70  VAL n 
1 71  PHE n 
1 72  LYS n 
1 73  THR n 
1 74  PRO n 
1 75  PRO n 
1 76  TYR n 
1 77  GLU n 
1 78  ASP n 
1 79  LEU n 
1 80  GLU n 
1 81  ILE n 
1 82  SER n 
1 83  GLU n 
1 84  PRO n 
1 85  VAL n 
1 86  THR n 
1 87  VAL n 
1 88  ASN n 
1 89  VAL n 
1 90  PHE n 
1 91  LEU n 
1 92  GLN n 
1 93  ARG n 
1 94  LEU n 
1 95  THR n 
1 96  ASP n 
1 97  GLY n 
1 98  VAL n 
1 99  CYS n 
1 100 SER n 
1 101 GLU n 
1 102 PRO n 
1 103 LEU n 
1 104 PRO n 
1 105 PHE n 
1 106 THR n 
1 107 TYR n 
1 108 LEU n 
1 109 PRO n 
1 110 ARG n 
# 
_entity_src_gen.entity_id                          1 
_entity_src_gen.pdbx_src_id                        1 
_entity_src_gen.pdbx_alt_source_flag               sample 
_entity_src_gen.pdbx_seq_type                      ? 
_entity_src_gen.pdbx_beg_seq_num                   ? 
_entity_src_gen.pdbx_end_seq_num                   ? 
_entity_src_gen.gene_src_common_name               'house mouse' 
_entity_src_gen.gene_src_genus                     Mus 
_entity_src_gen.pdbx_gene_src_gene                 Relb 
_entity_src_gen.gene_src_species                   ? 
_entity_src_gen.gene_src_strain                    ? 
_entity_src_gen.gene_src_tissue                    ? 
_entity_src_gen.gene_src_tissue_fraction           ? 
_entity_src_gen.gene_src_details                   ? 
_entity_src_gen.pdbx_gene_src_fragment             ? 
_entity_src_gen.pdbx_gene_src_scientific_name      'Mus musculus' 
_entity_src_gen.pdbx_gene_src_ncbi_taxonomy_id     10090 
_entity_src_gen.pdbx_gene_src_variant              ? 
_entity_src_gen.pdbx_gene_src_cell_line            ? 
_entity_src_gen.pdbx_gene_src_atcc                 ? 
_entity_src_gen.pdbx_gene_src_organ                ? 
_entity_src_gen.pdbx_gene_src_organelle            ? 
_entity_src_gen.pdbx_gene_src_cell                 ? 
_entity_src_gen.pdbx_gene_src_cellular_location    ? 
_entity_src_gen.host_org_common_name               ? 
_entity_src_gen.pdbx_host_org_scientific_name      'Escherichia coli BL21' 
_entity_src_gen.pdbx_host_org_ncbi_taxonomy_id     511693 
_entity_src_gen.host_org_genus                     Escherichia 
_entity_src_gen.pdbx_host_org_gene                 ? 
_entity_src_gen.pdbx_host_org_organ                ? 
_entity_src_gen.host_org_species                   'Escherichia coli' 
_entity_src_gen.pdbx_host_org_tissue               ? 
_entity_src_gen.pdbx_host_org_tissue_fraction      ? 
_entity_src_gen.pdbx_host_org_strain               Bl21 
_entity_src_gen.pdbx_host_org_variant              ? 
_entity_src_gen.pdbx_host_org_cell_line            ? 
_entity_src_gen.pdbx_host_org_atcc                 ? 
_entity_src_gen.pdbx_host_org_culture_collection   ? 
_entity_src_gen.pdbx_host_org_cell                 ? 
_entity_src_gen.pdbx_host_org_organelle            ? 
_entity_src_gen.pdbx_host_org_cellular_location    ? 
_entity_src_gen.pdbx_host_org_vector_type          't7 promoter' 
_entity_src_gen.pdbx_host_org_vector               ? 
_entity_src_gen.host_org_details                   ? 
_entity_src_gen.expression_system_id               ? 
_entity_src_gen.plasmid_name                       PET15b 
_entity_src_gen.plasmid_details                    ? 
_entity_src_gen.pdbx_description                   ? 
# 
_struct_ref.id                         1 
_struct_ref.db_name                    UNP 
_struct_ref.db_code                    RELB_MOUSE 
_struct_ref.pdbx_db_accession          Q04863 
_struct_ref.entity_id                  1 
_struct_ref.pdbx_seq_one_letter_code   
;NTSELRICRINKESGPCTGGEELYLLCDKVQKEDISVVFSTASWEGRADFSQADVHRQIAIVFKTPPYEDLEISEPVTVN
VFLQRLTDGVCSEPLPFTYLPR
;
_struct_ref.pdbx_align_begin           277 
_struct_ref.pdbx_db_isoform            ? 
# 
_struct_ref_seq.align_id                      1 
_struct_ref_seq.ref_id                        1 
_struct_ref_seq.pdbx_PDB_id_code              1ZK9 
_struct_ref_seq.pdbx_strand_id                A 
_struct_ref_seq.seq_align_beg                 9 
_struct_ref_seq.pdbx_seq_align_beg_ins_code   ? 
_struct_ref_seq.seq_align_end                 110 
_struct_ref_seq.pdbx_seq_align_end_ins_code   ? 
_struct_ref_seq.pdbx_db_accession             Q04863 
_struct_ref_seq.db_align_beg                  277 
_struct_ref_seq.pdbx_db_align_beg_ins_code    ? 
_struct_ref_seq.db_align_end                  378 
_struct_ref_seq.pdbx_db_align_end_ins_code    ? 
_struct_ref_seq.pdbx_auth_seq_align_beg       277 
_struct_ref_seq.pdbx_auth_seq_align_end       378 
# 
loop_
_struct_ref_seq_dif.align_id 
_struct_ref_seq_dif.pdbx_pdb_id_code 
_struct_ref_seq_dif.mon_id 
_struct_ref_seq_dif.pdbx_pdb_strand_id 
_struct_ref_seq_dif.seq_num 
_struct_ref_seq_dif.pdbx_pdb_ins_code 
_struct_ref_seq_dif.pdbx_seq_db_name 
_struct_ref_seq_dif.pdbx_seq_db_accession_code 
_struct_ref_seq_dif.db_mon_id 
_struct_ref_seq_dif.pdbx_seq_db_seq_num 
_struct_ref_seq_dif.details 
_struct_ref_seq_dif.pdbx_auth_seq_num 
_struct_ref_seq_dif.pdbx_ordinal 
1 1ZK9 LEU A 1 ? UNP Q04863 ? ? 'cloning artifact' 269 1 
1 1ZK9 VAL A 2 ? UNP Q04863 ? ? 'cloning artifact' 270 2 
1 1ZK9 PRO A 3 ? UNP Q04863 ? ? 'cloning artifact' 271 3 
1 1ZK9 ARG A 4 ? UNP Q04863 ? ? 'cloning artifact' 272 4 
1 1ZK9 GLY A 5 ? UNP Q04863 ? ? 'cloning artifact' 273 5 
1 1ZK9 SER A 6 ? UNP Q04863 ? ? 'cloning artifact' 274 6 
1 1ZK9 HIS A 7 ? UNP Q04863 ? ? 'cloning artifact' 275 7 
1 1ZK9 MET A 8 ? UNP Q04863 ? ? 'cloning artifact' 276 8 
# 
loop_
_chem_comp.id 
_chem_comp.type 
_chem_comp.mon_nstd_flag 
_chem_comp.name 
_chem_comp.pdbx_synonyms 
_chem_comp.formula 
_chem_comp.formula_weight 
ALA 'L-peptide linking' y ALANINE         ? 'C3 H7 N O2'     89.093  
ARG 'L-peptide linking' y ARGININE        ? 'C6 H15 N4 O2 1' 175.209 
ASN 'L-peptide linking' y ASPARAGINE      ? 'C4 H8 N2 O3'    132.118 
ASP 'L-peptide linking' y 'ASPARTIC ACID' ? 'C4 H7 N O4'     133.103 
CYS 'L-peptide linking' y CYSTEINE        ? 'C3 H7 N O2 S'   121.158 
GLN 'L-peptide linking' y GLUTAMINE       ? 'C5 H10 N2 O3'   146.144 
GLU 'L-peptide linking' y 'GLUTAMIC ACID' ? 'C5 H9 N O4'     147.129 
GLY 'peptide linking'   y GLYCINE         ? 'C2 H5 N O2'     75.067  
HIS 'L-peptide linking' y HISTIDINE       ? 'C6 H10 N3 O2 1' 156.162 
HOH non-polymer         . WATER           ? 'H2 O'           18.015  
ILE 'L-peptide linking' y ISOLEUCINE      ? 'C6 H13 N O2'    131.173 
LEU 'L-peptide linking' y LEUCINE         ? 'C6 H13 N O2'    131.173 
LYS 'L-peptide linking' y LYSINE          ? 'C6 H15 N2 O2 1' 147.195 
MET 'L-peptide linking' y METHIONINE      ? 'C5 H11 N O2 S'  149.211 
PHE 'L-peptide linking' y PHENYLALANINE   ? 'C9 H11 N O2'    165.189 
PRO 'L-peptide linking' y PROLINE         ? 'C5 H9 N O2'     115.130 
SER 'L-peptide linking' y SERINE          ? 'C3 H7 N O3'     105.093 
THR 'L-peptide linking' y THREONINE       ? 'C4 H9 N O3'     119.119 
TRP 'L-peptide linking' y TRYPTOPHAN      ? 'C11 H12 N2 O2'  204.225 
TYR 'L-peptide linking' y TYROSINE        ? 'C9 H11 N O3'    181.189 
VAL 'L-peptide linking' y VALINE          ? 'C5 H11 N O2'    117.146 
# 
_exptl.entry_id          1ZK9 
_exptl.method            'X-RAY DIFFRACTION' 
_exptl.crystals_number   1 
# 
_exptl_crystal.id                    1 
_exptl_crystal.density_meas          ? 
_exptl_crystal.density_Matthews      3.70 
_exptl_crystal.density_percent_sol   66.0 
_exptl_crystal.description           ? 
_exptl_crystal.F_000                 ? 
_exptl_crystal.preparation           ? 
# 
_exptl_crystal_grow.crystal_id      1 
_exptl_crystal_grow.method          'VAPOR DIFFUSION, HANGING DROP' 
_exptl_crystal_grow.temp            291 
_exptl_crystal_grow.temp_details    ? 
_exptl_crystal_grow.pH              6.5 
_exptl_crystal_grow.pdbx_details    
'PEG 8000, ammonium sulfate, cacodylate, pH 6.5, VAPOR DIFFUSION, HANGING DROP, temperature 291K' 
_exptl_crystal_grow.pdbx_pH_range   . 
# 
_diffrn.id                     1 
_diffrn.ambient_temp           105 
_diffrn.ambient_temp_details   ? 
_diffrn.crystal_id             1 
# 
_diffrn_detector.diffrn_id              1 
_diffrn_detector.detector               'AREA DETECTOR' 
_diffrn_detector.type                   MARRESEARCH 
_diffrn_detector.pdbx_collection_date   1998-11-30 
_diffrn_detector.details                mirrors 
# 
_diffrn_radiation.diffrn_id                        1 
_diffrn_radiation.wavelength_id                    1 
_diffrn_radiation.pdbx_monochromatic_or_laue_m_l   M 
_diffrn_radiation.monochromator                    GRAPHITE 
_diffrn_radiation.pdbx_diffrn_protocol             'SINGLE WAVELENGTH' 
_diffrn_radiation.pdbx_scattering_type             x-ray 
# 
_diffrn_radiation_wavelength.id           1 
_diffrn_radiation_wavelength.wavelength   1.5418 
_diffrn_radiation_wavelength.wt           1.0 
# 
_diffrn_source.diffrn_id                   1 
_diffrn_source.source                      'ROTATING ANODE' 
_diffrn_source.type                        'RIGAKU RU200' 
_diffrn_source.pdbx_synchrotron_site       ? 
_diffrn_source.pdbx_synchrotron_beamline   ? 
_diffrn_source.pdbx_wavelength             ? 
_diffrn_source.pdbx_wavelength_list        1.5418 
# 
_reflns.entry_id                     1ZK9 
_reflns.observed_criterion_sigma_I   1.0 
_reflns.observed_criterion_sigma_F   2.0 
_reflns.d_resolution_low             30.0 
_reflns.d_resolution_high            2.18 
_reflns.number_obs                   8226 
_reflns.number_all                   9660 
_reflns.percent_possible_obs         85 
_reflns.pdbx_Rmerge_I_obs            0.061 
_reflns.pdbx_Rsym_value              ? 
_reflns.pdbx_netI_over_sigmaI        7.8 
_reflns.B_iso_Wilson_estimate        30.2 
_reflns.pdbx_redundancy              11.2 
_reflns.R_free_details               ? 
_reflns.limit_h_max                  ? 
_reflns.limit_h_min                  ? 
_reflns.limit_k_max                  ? 
_reflns.limit_k_min                  ? 
_reflns.limit_l_max                  ? 
_reflns.limit_l_min                  ? 
_reflns.observed_criterion_F_max     ? 
_reflns.observed_criterion_F_min     ? 
_reflns.pdbx_chi_squared             ? 
_reflns.pdbx_scaling_rejects         ? 
_reflns.pdbx_ordinal                 1 
_reflns.pdbx_diffrn_id               1 
# 
_reflns_shell.d_res_high             2.18 
_reflns_shell.d_res_low              2.26 
_reflns_shell.percent_possible_all   99 
_reflns_shell.Rmerge_I_obs           0.46 
_reflns_shell.pdbx_Rsym_value        ? 
_reflns_shell.meanI_over_sigI_obs    2.5 
_reflns_shell.pdbx_redundancy        10 
_reflns_shell.percent_possible_obs   ? 
_reflns_shell.number_unique_all      952 
_reflns_shell.number_measured_all    ? 
_reflns_shell.number_measured_obs    ? 
_reflns_shell.number_unique_obs      ? 
_reflns_shell.pdbx_chi_squared       ? 
_reflns_shell.pdbx_ordinal           1 
_reflns_shell.pdbx_diffrn_id         1 
# 
_refine.entry_id                                 1ZK9 
_refine.ls_number_reflns_obs                     8178 
_refine.ls_number_reflns_all                     9660 
_refine.pdbx_ls_sigma_I                          ? 
_refine.pdbx_ls_sigma_F                          2.0 
_refine.pdbx_data_cutoff_high_absF               696824.93 
_refine.pdbx_data_cutoff_low_absF                0.000000 
_refine.pdbx_data_cutoff_high_rms_absF           ? 
_refine.ls_d_res_low                             14.98 
_refine.ls_d_res_high                            2.18 
_refine.ls_percent_reflns_obs                    84.8 
_refine.ls_R_factor_obs                          0.195 
_refine.ls_R_factor_all                          ? 
_refine.ls_R_factor_R_work                       0.195 
_refine.ls_R_factor_R_free                       0.218 
_refine.ls_R_factor_R_free_error                 0.010 
_refine.ls_R_factor_R_free_error_details         ? 
_refine.ls_percent_reflns_R_free                 6.2 
_refine.ls_number_reflns_R_free                  509 
_refine.ls_number_parameters                     ? 
_refine.ls_number_restraints                     ? 
_refine.occupancy_min                            ? 
_refine.occupancy_max                            ? 
_refine.correlation_coeff_Fo_to_Fc               ? 
_refine.correlation_coeff_Fo_to_Fc_free          ? 
_refine.B_iso_mean                               48.5 
_refine.aniso_B[1][1]                            5.93 
_refine.aniso_B[2][2]                            5.93 
_refine.aniso_B[3][3]                            -11.87 
_refine.aniso_B[1][2]                            6.82 
_refine.aniso_B[1][3]                            0.00 
_refine.aniso_B[2][3]                            0.00 
_refine.solvent_model_details                    'FLAT MODEL' 
_refine.solvent_model_param_ksol                 0.358063 
_refine.solvent_model_param_bsol                 60.5442 
_refine.pdbx_solvent_vdw_probe_radii             ? 
_refine.pdbx_solvent_ion_probe_radii             ? 
_refine.pdbx_solvent_shrinkage_radii             ? 
_refine.pdbx_ls_cross_valid_method               THROUGHOUT 
_refine.details                                  ? 
_refine.pdbx_starting_model                      'PDB rentry 1BFT' 
_refine.pdbx_method_to_determine_struct          'MOLECULAR REPLACEMENT' 
_refine.pdbx_isotropic_thermal_model             RESTRAINED 
_refine.pdbx_stereochemistry_target_values       'Engh & Huber' 
_refine.pdbx_stereochem_target_val_spec_case     ? 
_refine.pdbx_R_Free_selection_details            RANDOM 
_refine.pdbx_overall_ESU_R                       ? 
_refine.pdbx_overall_ESU_R_Free                  ? 
_refine.overall_SU_ML                            ? 
_refine.overall_SU_B                             ? 
_refine.ls_redundancy_reflns_obs                 ? 
_refine.B_iso_min                                ? 
_refine.B_iso_max                                ? 
_refine.overall_SU_R_Cruickshank_DPI             ? 
_refine.overall_SU_R_free                        ? 
_refine.ls_wR_factor_R_free                      ? 
_refine.ls_wR_factor_R_work                      ? 
_refine.overall_FOM_free_R_set                   ? 
_refine.overall_FOM_work_R_set                   ? 
_refine.pdbx_refine_id                           'X-RAY DIFFRACTION' 
_refine.pdbx_diffrn_id                           1 
_refine.pdbx_TLS_residual_ADP_flag               ? 
_refine.pdbx_overall_phase_error                 ? 
_refine.pdbx_overall_SU_R_free_Cruickshank_DPI   ? 
_refine.pdbx_overall_SU_R_Blow_DPI               ? 
_refine.pdbx_overall_SU_R_free_Blow_DPI          ? 
# 
_refine_analyze.entry_id                        1ZK9 
_refine_analyze.Luzzati_coordinate_error_obs    0.24 
_refine_analyze.Luzzati_sigma_a_obs             0.24 
_refine_analyze.Luzzati_d_res_low_obs           6.00 
_refine_analyze.Luzzati_coordinate_error_free   0.28 
_refine_analyze.Luzzati_sigma_a_free            0.19 
_refine_analyze.Luzzati_d_res_low_free          ? 
_refine_analyze.number_disordered_residues      ? 
_refine_analyze.occupancy_sum_hydrogen          ? 
_refine_analyze.occupancy_sum_non_hydrogen      ? 
_refine_analyze.pdbx_Luzzati_d_res_high_obs     ? 
_refine_analyze.pdbx_refine_id                  'X-RAY DIFFRACTION' 
# 
_refine_hist.pdbx_refine_id                   'X-RAY DIFFRACTION' 
_refine_hist.cycle_id                         LAST 
_refine_hist.pdbx_number_atoms_protein        869 
_refine_hist.pdbx_number_atoms_nucleic_acid   0 
_refine_hist.pdbx_number_atoms_ligand         0 
_refine_hist.number_atoms_solvent             103 
_refine_hist.number_atoms_total               972 
_refine_hist.d_res_high                       2.18 
_refine_hist.d_res_low                        14.98 
# 
loop_
_refine_ls_restr.type 
_refine_ls_restr.dev_ideal 
_refine_ls_restr.dev_ideal_target 
_refine_ls_restr.weight 
_refine_ls_restr.number 
_refine_ls_restr.pdbx_refine_id 
_refine_ls_restr.pdbx_restraint_function 
c_bond_d           0.005 ?    ? ? 'X-RAY DIFFRACTION' ? 
c_angle_deg        1.5   ?    ? ? 'X-RAY DIFFRACTION' ? 
c_dihedral_angle_d 25.9  ?    ? ? 'X-RAY DIFFRACTION' ? 
c_improper_angle_d 0.96  ?    ? ? 'X-RAY DIFFRACTION' ? 
c_mcbond_it        3.27  1.50 ? ? 'X-RAY DIFFRACTION' ? 
c_mcangle_it       4.47  2.00 ? ? 'X-RAY DIFFRACTION' ? 
c_scbond_it        5.49  2.00 ? ? 'X-RAY DIFFRACTION' ? 
c_scangle_it       7.61  2.50 ? ? 'X-RAY DIFFRACTION' ? 
# 
_refine_ls_shell.pdbx_total_number_of_bins_used   6 
_refine_ls_shell.d_res_high                       2.18 
_refine_ls_shell.d_res_low                        2.32 
_refine_ls_shell.number_reflns_R_work             897 
_refine_ls_shell.R_factor_R_work                  0.258 
_refine_ls_shell.percent_reflns_obs               59.9 
_refine_ls_shell.R_factor_R_free                  0.255 
_refine_ls_shell.R_factor_R_free_error            0.033 
_refine_ls_shell.percent_reflns_R_free            6.4 
_refine_ls_shell.number_reflns_R_free             61 
_refine_ls_shell.number_reflns_obs                ? 
_refine_ls_shell.redundancy_reflns_obs            ? 
_refine_ls_shell.number_reflns_all                ? 
_refine_ls_shell.pdbx_refine_id                   'X-RAY DIFFRACTION' 
_refine_ls_shell.R_factor_all                     ? 
# 
loop_
_pdbx_xplor_file.serial_no 
_pdbx_xplor_file.param_file 
_pdbx_xplor_file.topol_file 
_pdbx_xplor_file.pdbx_refine_id 
1 protein_rep.param protein.top 'X-RAY DIFFRACTION' 
2 water_rep.param   ?           'X-RAY DIFFRACTION' 
# 
_struct.entry_id                  1ZK9 
_struct.title                     'NF-kB RelB forms an intertwined homodimer' 
_struct.pdbx_model_details        ? 
_struct.pdbx_CASP_flag            ? 
_struct.pdbx_model_type_details   ? 
# 
_struct_keywords.entry_id        1ZK9 
_struct_keywords.pdbx_keywords   TRANSCRIPTION 
_struct_keywords.text            'NF-kB, Transcription factors, intertwined dimer, TRANSCRIPTION' 
# 
loop_
_struct_asym.id 
_struct_asym.pdbx_blank_PDB_chainid_flag 
_struct_asym.pdbx_modified 
_struct_asym.entity_id 
_struct_asym.details 
A N N 1 ? 
B N N 2 ? 
# 
_struct_biol.id                    1 
_struct_biol.pdbx_parent_biol_id   ? 
_struct_biol.details               ? 
# 
_struct_conf.conf_type_id            HELX_P 
_struct_conf.id                      HELX_P1 
_struct_conf.pdbx_PDB_helix_id       1 
_struct_conf.beg_label_comp_id       SER 
_struct_conf.beg_label_asym_id       A 
_struct_conf.beg_label_seq_id        59 
_struct_conf.pdbx_beg_PDB_ins_code   ? 
_struct_conf.end_label_comp_id       VAL 
_struct_conf.end_label_asym_id       A 
_struct_conf.end_label_seq_id        63 
_struct_conf.pdbx_end_PDB_ins_code   ? 
_struct_conf.beg_auth_comp_id        SER 
_struct_conf.beg_auth_asym_id        A 
_struct_conf.beg_auth_seq_id         327 
_struct_conf.end_auth_comp_id        VAL 
_struct_conf.end_auth_asym_id        A 
_struct_conf.end_auth_seq_id         331 
_struct_conf.pdbx_PDB_helix_class    5 
_struct_conf.details                 ? 
_struct_conf.pdbx_PDB_helix_length   5 
# 
_struct_conf_type.id          HELX_P 
_struct_conf_type.criteria    ? 
_struct_conf_type.reference   ? 
# 
loop_
_struct_sheet.id 
_struct_sheet.type 
_struct_sheet.number_strands 
_struct_sheet.details 
A ? 2 ? 
B ? 2 ? 
C ? 2 ? 
D ? 2 ? 
# 
loop_
_struct_sheet_order.sheet_id 
_struct_sheet_order.range_id_1 
_struct_sheet_order.range_id_2 
_struct_sheet_order.offset 
_struct_sheet_order.sense 
A 1 2 ? anti-parallel 
B 1 2 ? anti-parallel 
C 1 2 ? anti-parallel 
D 1 2 ? anti-parallel 
# 
loop_
_struct_sheet_range.sheet_id 
_struct_sheet_range.id 
_struct_sheet_range.beg_label_comp_id 
_struct_sheet_range.beg_label_asym_id 
_struct_sheet_range.beg_label_seq_id 
_struct_sheet_range.pdbx_beg_PDB_ins_code 
_struct_sheet_range.end_label_comp_id 
_struct_sheet_range.end_label_asym_id 
_struct_sheet_range.end_label_seq_id 
_struct_sheet_range.pdbx_end_PDB_ins_code 
_struct_sheet_range.beg_auth_comp_id 
_struct_sheet_range.beg_auth_asym_id 
_struct_sheet_range.beg_auth_seq_id 
_struct_sheet_range.end_auth_comp_id 
_struct_sheet_range.end_auth_asym_id 
_struct_sheet_range.end_auth_seq_id 
A 1 VAL A 2   ? ARG A 4   ? VAL A 270 ARG A 272 
A 2 HIS A 7   ? ASN A 9   ? HIS A 275 ASN A 277 
B 1 ILE A 15  ? ILE A 18  ? ILE A 283 ILE A 286 
B 2 LEU A 33  ? CYS A 35  ? LEU A 301 CYS A 303 
C 1 VAL A 46  ? THR A 49  ? VAL A 314 THR A 317 
C 2 TRP A 52  ? ARG A 55  ? TRP A 320 ARG A 323 
D 1 VAL A 85  ? VAL A 89  ? VAL A 353 VAL A 357 
D 2 LEU A 103 ? TYR A 107 ? LEU A 371 TYR A 375 
# 
loop_
_pdbx_struct_sheet_hbond.sheet_id 
_pdbx_struct_sheet_hbond.range_id_1 
_pdbx_struct_sheet_hbond.range_id_2 
_pdbx_struct_sheet_hbond.range_1_label_atom_id 
_pdbx_struct_sheet_hbond.range_1_label_comp_id 
_pdbx_struct_sheet_hbond.range_1_label_asym_id 
_pdbx_struct_sheet_hbond.range_1_label_seq_id 
_pdbx_struct_sheet_hbond.range_1_PDB_ins_code 
_pdbx_struct_sheet_hbond.range_1_auth_atom_id 
_pdbx_struct_sheet_hbond.range_1_auth_comp_id 
_pdbx_struct_sheet_hbond.range_1_auth_asym_id 
_pdbx_struct_sheet_hbond.range_1_auth_seq_id 
_pdbx_struct_sheet_hbond.range_2_label_atom_id 
_pdbx_struct_sheet_hbond.range_2_label_comp_id 
_pdbx_struct_sheet_hbond.range_2_label_asym_id 
_pdbx_struct_sheet_hbond.range_2_label_seq_id 
_pdbx_struct_sheet_hbond.range_2_PDB_ins_code 
_pdbx_struct_sheet_hbond.range_2_auth_atom_id 
_pdbx_struct_sheet_hbond.range_2_auth_comp_id 
_pdbx_struct_sheet_hbond.range_2_auth_asym_id 
_pdbx_struct_sheet_hbond.range_2_auth_seq_id 
A 1 2 N VAL A 2  ? N VAL A 270 O ASN A 9   ? O ASN A 277 
B 1 2 N CYS A 16 ? N CYS A 284 O LEU A 34  ? O LEU A 302 
C 1 2 N PHE A 47 ? N PHE A 315 O GLY A 54  ? O GLY A 322 
D 1 2 N VAL A 85 ? N VAL A 353 O TYR A 107 ? O TYR A 375 
# 
_atom_sites.entry_id                    1ZK9 
_atom_sites.fract_transf_matrix[1][1]   -0.01615996 
_atom_sites.fract_transf_matrix[1][2]   -0.00221774 
_atom_sites.fract_transf_matrix[1][3]   -0.00351771 
_atom_sites.fract_transf_matrix[2][1]   -0.00501333 
_atom_sites.fract_transf_matrix[2][2]   -0.00105247 
_atom_sites.fract_transf_matrix[2][3]   -0.01588022 
_atom_sites.fract_transf_matrix[3][1]   0.00201881 
_atom_sites.fract_transf_matrix[3][2]   -0.01530885 
_atom_sites.fract_transf_matrix[3][3]   0.00037727 
_atom_sites.fract_transf_vector[1]      0.494050 
_atom_sites.fract_transf_vector[2]      0.030921 
_atom_sites.fract_transf_vector[3]      0.329417 
# 
loop_
_atom_type.symbol 
C 
N 
O 
S 
# 
loop_
_atom_site.group_PDB 
_atom_site.id 
_atom_site.type_symbol 
_atom_site.label_atom_id 
_atom_site.label_alt_id 
_atom_site.label_comp_id 
_atom_site.label_asym_id 
_atom_site.label_entity_id 
_atom_site.label_seq_id 
_atom_site.pdbx_PDB_ins_code 
_atom_site.Cartn_x 
_atom_site.Cartn_y 
_atom_site.Cartn_z 
_atom_site.occupancy 
_atom_site.B_iso_or_equiv 
_atom_site.pdbx_formal_charge 
_atom_site.auth_seq_id 
_atom_site.auth_comp_id 
_atom_site.auth_asym_id 
_atom_site.auth_atom_id 
_atom_site.pdbx_PDB_model_num 
ATOM   1   N N   . LEU A 1 1   ? -19.940 13.591  -12.026 1.00 62.31  ? 269 LEU A N   1 
ATOM   2   C CA  . LEU A 1 1   ? -19.240 12.825  -13.094 1.00 62.23  ? 269 LEU A CA  1 
ATOM   3   C C   . LEU A 1 1   ? -18.623 13.772  -14.119 1.00 65.21  ? 269 LEU A C   1 
ATOM   4   O O   . LEU A 1 1   ? -19.299 14.239  -15.040 1.00 68.63  ? 269 LEU A O   1 
ATOM   5   C CB  . LEU A 1 1   ? -20.221 11.875  -13.786 1.00 63.94  ? 269 LEU A CB  1 
ATOM   6   C CG  . LEU A 1 1   ? -19.935 10.372  -13.684 1.00 64.46  ? 269 LEU A CG  1 
ATOM   7   C CD1 . LEU A 1 1   ? -19.870 9.948   -12.226 1.00 62.29  ? 269 LEU A CD1 1 
ATOM   8   C CD2 . LEU A 1 1   ? -21.020 9.600   -14.418 1.00 65.89  ? 269 LEU A CD2 1 
ATOM   9   N N   . VAL A 1 2   ? -17.332 14.051  -13.950 1.00 62.62  ? 270 VAL A N   1 
ATOM   10  C CA  . VAL A 1 2   ? -16.606 14.946  -14.847 1.00 60.49  ? 270 VAL A CA  1 
ATOM   11  C C   . VAL A 1 2   ? -15.900 14.179  -15.965 1.00 59.93  ? 270 VAL A C   1 
ATOM   12  O O   . VAL A 1 2   ? -15.382 13.084  -15.750 1.00 58.95  ? 270 VAL A O   1 
ATOM   13  C CB  . VAL A 1 2   ? -15.538 15.760  -14.072 1.00 58.32  ? 270 VAL A CB  1 
ATOM   14  C CG1 . VAL A 1 2   ? -14.796 16.701  -15.024 1.00 51.76  ? 270 VAL A CG1 1 
ATOM   15  C CG2 . VAL A 1 2   ? -16.201 16.544  -12.947 1.00 59.27  ? 270 VAL A CG2 1 
ATOM   16  N N   . PRO A 1 3   ? -15.879 14.743  -17.183 1.00 58.11  ? 271 PRO A N   1 
ATOM   17  C CA  . PRO A 1 3   ? -15.206 14.041  -18.277 1.00 57.25  ? 271 PRO A CA  1 
ATOM   18  C C   . PRO A 1 3   ? -13.693 14.047  -18.065 1.00 53.28  ? 271 PRO A C   1 
ATOM   19  O O   . PRO A 1 3   ? -13.138 14.994  -17.508 1.00 54.74  ? 271 PRO A O   1 
ATOM   20  C CB  . PRO A 1 3   ? -15.615 14.846  -19.514 1.00 57.03  ? 271 PRO A CB  1 
ATOM   21  C CG  . PRO A 1 3   ? -16.922 15.461  -19.112 1.00 55.16  ? 271 PRO A CG  1 
ATOM   22  C CD  . PRO A 1 3   ? -16.650 15.888  -17.695 1.00 54.58  ? 271 PRO A CD  1 
ATOM   23  N N   . ARG A 1 4   ? -13.042 12.979  -18.514 1.00 51.82  ? 272 ARG A N   1 
ATOM   24  C CA  . ARG A 1 4   ? -11.596 12.821  -18.408 1.00 49.06  ? 272 ARG A CA  1 
ATOM   25  C C   . ARG A 1 4   ? -11.172 11.947  -19.584 1.00 48.97  ? 272 ARG A C   1 
ATOM   26  O O   . ARG A 1 4   ? -11.184 10.718  -19.493 1.00 49.09  ? 272 ARG A O   1 
ATOM   27  C CB  . ARG A 1 4   ? -11.235 12.133  -17.091 1.00 52.06  ? 272 ARG A CB  1 
ATOM   28  C CG  . ARG A 1 4   ? -9.792  11.672  -16.993 1.00 56.17  ? 272 ARG A CG  1 
ATOM   29  C CD  . ARG A 1 4   ? -8.838  12.796  -16.650 1.00 52.12  ? 272 ARG A CD  1 
ATOM   30  N NE  . ARG A 1 4   ? -7.451  12.342  -16.728 1.00 65.19  ? 272 ARG A NE  1 
ATOM   31  C CZ  . ARG A 1 4   ? -6.425  12.951  -16.141 1.00 65.81  ? 272 ARG A CZ  1 
ATOM   32  N NH1 . ARG A 1 4   ? -6.625  14.047  -15.422 1.00 67.33  ? 272 ARG A NH1 1 
ATOM   33  N NH2 . ARG A 1 4   ? -5.196  12.467  -16.276 1.00 63.75  ? 272 ARG A NH2 1 
ATOM   34  N N   . GLY A 1 5   ? -10.805 12.577  -20.693 1.00 45.74  ? 273 GLY A N   1 
ATOM   35  C CA  . GLY A 1 5   ? -10.419 11.806  -21.859 1.00 47.35  ? 273 GLY A CA  1 
ATOM   36  C C   . GLY A 1 5   ? -11.640 11.098  -22.418 1.00 49.06  ? 273 GLY A C   1 
ATOM   37  O O   . GLY A 1 5   ? -12.679 11.725  -22.631 1.00 49.18  ? 273 GLY A O   1 
ATOM   38  N N   . SER A 1 6   ? -11.524 9.791   -22.633 1.00 54.59  ? 274 SER A N   1 
ATOM   39  C CA  . SER A 1 6   ? -12.615 8.986   -23.181 1.00 56.03  ? 274 SER A CA  1 
ATOM   40  C C   . SER A 1 6   ? -13.556 8.416   -22.122 1.00 57.89  ? 274 SER A C   1 
ATOM   41  O O   . SER A 1 6   ? -14.472 7.658   -22.449 1.00 60.72  ? 274 SER A O   1 
ATOM   42  C CB  . SER A 1 6   ? -12.048 7.826   -24.006 1.00 55.47  ? 274 SER A CB  1 
ATOM   43  O OG  . SER A 1 6   ? -11.250 8.295   -25.075 1.00 73.90  ? 274 SER A OG  1 
ATOM   44  N N   . HIS A 1 7   ? -13.341 8.768   -20.860 1.00 57.98  ? 275 HIS A N   1 
ATOM   45  C CA  . HIS A 1 7   ? -14.196 8.251   -19.797 1.00 63.82  ? 275 HIS A CA  1 
ATOM   46  C C   . HIS A 1 7   ? -14.602 9.292   -18.763 1.00 62.84  ? 275 HIS A C   1 
ATOM   47  O O   . HIS A 1 7   ? -14.219 10.457  -18.848 1.00 64.62  ? 275 HIS A O   1 
ATOM   48  C CB  . HIS A 1 7   ? -13.526 7.051   -19.111 1.00 67.54  ? 275 HIS A CB  1 
ATOM   49  C CG  . HIS A 1 7   ? -12.115 7.303   -18.674 1.00 71.72  ? 275 HIS A CG  1 
ATOM   50  N ND1 . HIS A 1 7   ? -11.791 8.193   -17.672 1.00 74.81  ? 275 HIS A ND1 1 
ATOM   51  C CD2 . HIS A 1 7   ? -10.944 6.770   -19.098 1.00 71.85  ? 275 HIS A CD2 1 
ATOM   52  C CE1 . HIS A 1 7   ? -10.482 8.196   -17.496 1.00 77.04  ? 275 HIS A CE1 1 
ATOM   53  N NE2 . HIS A 1 7   ? -9.944  7.342   -18.348 1.00 78.34  ? 275 HIS A NE2 1 
ATOM   54  N N   . MET A 1 8   ? -15.398 8.860   -17.789 1.00 60.25  ? 276 MET A N   1 
ATOM   55  C CA  . MET A 1 8   ? -15.876 9.748   -16.740 1.00 61.45  ? 276 MET A CA  1 
ATOM   56  C C   . MET A 1 8   ? -15.212 9.416   -15.409 1.00 58.28  ? 276 MET A C   1 
ATOM   57  O O   . MET A 1 8   ? -15.015 8.245   -15.085 1.00 55.19  ? 276 MET A O   1 
ATOM   58  C CB  . MET A 1 8   ? -17.394 9.603   -16.586 1.00 69.81  ? 276 MET A CB  1 
ATOM   59  C CG  . MET A 1 8   ? -18.196 9.820   -17.860 1.00 76.12  ? 276 MET A CG  1 
ATOM   60  S SD  . MET A 1 8   ? -18.223 11.533  -18.420 1.00 71.56  ? 276 MET A SD  1 
ATOM   61  C CE  . MET A 1 8   ? -17.023 11.479  -19.763 1.00 87.99  ? 276 MET A CE  1 
ATOM   62  N N   . ASN A 1 9   ? -14.864 10.450  -14.647 1.00 58.18  ? 277 ASN A N   1 
ATOM   63  C CA  . ASN A 1 9   ? -14.261 10.271  -13.331 1.00 61.23  ? 277 ASN A CA  1 
ATOM   64  C C   . ASN A 1 9   ? -15.298 10.612  -12.262 1.00 63.27  ? 277 ASN A C   1 
ATOM   65  O O   . ASN A 1 9   ? -16.202 11.416  -12.495 1.00 61.08  ? 277 ASN A O   1 
ATOM   66  C CB  . ASN A 1 9   ? -13.035 11.171  -13.155 1.00 62.00  ? 277 ASN A CB  1 
ATOM   67  C CG  . ASN A 1 9   ? -11.824 10.656  -13.899 1.00 62.79  ? 277 ASN A CG  1 
ATOM   68  O OD1 . ASN A 1 9   ? -10.707 11.135  -13.704 1.00 59.26  ? 277 ASN A OD1 1 
ATOM   69  N ND2 . ASN A 1 9   ? -12.038 9.673   -14.759 1.00 60.20  ? 277 ASN A ND2 1 
ATOM   70  N N   . THR A 1 10  ? -15.167 9.997   -11.093 1.00 66.48  ? 278 THR A N   1 
ATOM   71  C CA  . THR A 1 10  ? -16.090 10.246  -9.996  1.00 68.95  ? 278 THR A CA  1 
ATOM   72  C C   . THR A 1 10  ? -15.314 10.374  -8.694  1.00 72.71  ? 278 THR A C   1 
ATOM   73  O O   . THR A 1 10  ? -14.232 9.805   -8.549  1.00 71.31  ? 278 THR A O   1 
ATOM   74  C CB  . THR A 1 10  ? -17.114 9.097   -9.846  1.00 67.59  ? 278 THR A CB  1 
ATOM   75  O OG1 . THR A 1 10  ? -18.037 9.409   -8.795  1.00 60.63  ? 278 THR A OG1 1 
ATOM   76  C CG2 . THR A 1 10  ? -16.404 7.791   -9.507  1.00 65.13  ? 278 THR A CG2 1 
ATOM   77  N N   . SER A 1 11  ? -15.871 11.129  -7.753  1.00 75.96  ? 279 SER A N   1 
ATOM   78  C CA  . SER A 1 11  ? -15.244 11.332  -6.452  1.00 74.04  ? 279 SER A CA  1 
ATOM   79  C C   . SER A 1 11  ? -15.528 10.110  -5.588  1.00 70.10  ? 279 SER A C   1 
ATOM   80  O O   . SER A 1 11  ? -14.949 9.942   -4.516  1.00 69.27  ? 279 SER A O   1 
ATOM   81  C CB  . SER A 1 11  ? -15.529 12.747  -5.949  1.00 78.10  ? 279 SER A CB  1 
ATOM   82  O OG  . SER A 1 11  ? -16.909 12.924  -5.686  1.00 83.34  ? 279 SER A OG  1 
ATOM   83  N N   . GLU A 1 12  ? -16.428 9.263   -6.081  1.00 66.73  ? 280 GLU A N   1 
ATOM   84  C CA  . GLU A 1 12  ? -16.838 8.043   -5.396  1.00 63.55  ? 280 GLU A CA  1 
ATOM   85  C C   . GLU A 1 12  ? -15.726 6.993   -5.384  1.00 58.69  ? 280 GLU A C   1 
ATOM   86  O O   . GLU A 1 12  ? -15.610 6.213   -4.439  1.00 56.87  ? 280 GLU A O   1 
ATOM   87  C CB  . GLU A 1 12  ? -18.090 7.485   -6.077  1.00 72.41  ? 280 GLU A CB  1 
ATOM   88  C CG  . GLU A 1 12  ? -18.674 6.246   -5.431  1.00 84.63  ? 280 GLU A CG  1 
ATOM   89  C CD  . GLU A 1 12  ? -20.008 5.859   -6.040  1.00 91.02  ? 280 GLU A CD  1 
ATOM   90  O OE1 . GLU A 1 12  ? -20.070 5.677   -7.275  1.00 93.84  ? 280 GLU A OE1 1 
ATOM   91  O OE2 . GLU A 1 12  ? -20.996 5.741   -5.284  1.00 95.53  ? 280 GLU A OE2 1 
ATOM   92  N N   . LEU A 1 13  ? -14.915 6.973   -6.438  1.00 52.61  ? 281 LEU A N   1 
ATOM   93  C CA  . LEU A 1 13  ? -13.801 6.031   -6.540  1.00 46.85  ? 281 LEU A CA  1 
ATOM   94  C C   . LEU A 1 13  ? -12.516 6.785   -6.247  1.00 45.35  ? 281 LEU A C   1 
ATOM   95  O O   . LEU A 1 13  ? -12.229 7.807   -6.876  1.00 41.51  ? 281 LEU A O   1 
ATOM   96  C CB  . LEU A 1 13  ? -13.722 5.425   -7.943  1.00 42.89  ? 281 LEU A CB  1 
ATOM   97  C CG  . LEU A 1 13  ? -14.863 4.508   -8.385  1.00 43.59  ? 281 LEU A CG  1 
ATOM   98  C CD1 . LEU A 1 13  ? -14.626 4.055   -9.824  1.00 39.54  ? 281 LEU A CD1 1 
ATOM   99  C CD2 . LEU A 1 13  ? -14.942 3.305   -7.451  1.00 40.37  ? 281 LEU A CD2 1 
ATOM   100 N N   . ARG A 1 14  ? -11.735 6.287   -5.299  1.00 40.53  ? 282 ARG A N   1 
ATOM   101 C CA  . ARG A 1 14  ? -10.500 6.973   -4.963  1.00 42.91  ? 282 ARG A CA  1 
ATOM   102 C C   . ARG A 1 14  ? -9.376  6.066   -4.505  1.00 36.61  ? 282 ARG A C   1 
ATOM   103 O O   . ARG A 1 14  ? -9.563  5.212   -3.645  1.00 39.43  ? 282 ARG A O   1 
ATOM   104 C CB  . ARG A 1 14  ? -10.758 8.015   -3.872  1.00 44.25  ? 282 ARG A CB  1 
ATOM   105 C CG  . ARG A 1 14  ? -9.643  9.046   -3.745  1.00 59.52  ? 282 ARG A CG  1 
ATOM   106 C CD  . ARG A 1 14  ? -10.048 10.194  -2.832  1.00 72.11  ? 282 ARG A CD  1 
ATOM   107 N NE  . ARG A 1 14  ? -10.123 9.766   -1.440  1.00 76.71  ? 282 ARG A NE  1 
ATOM   108 C CZ  . ARG A 1 14  ? -9.075  9.399   -0.713  1.00 84.22  ? 282 ARG A CZ  1 
ATOM   109 N NH1 . ARG A 1 14  ? -7.856  9.419   -1.237  1.00 87.91  ? 282 ARG A NH1 1 
ATOM   110 N NH2 . ARG A 1 14  ? -9.247  9.007   0.542   1.00 86.97  ? 282 ARG A NH2 1 
ATOM   111 N N   . ILE A 1 15  ? -8.203  6.264   -5.091  1.00 35.52  ? 283 ILE A N   1 
ATOM   112 C CA  . ILE A 1 15  ? -7.025  5.501   -4.711  1.00 38.69  ? 283 ILE A CA  1 
ATOM   113 C C   . ILE A 1 15  ? -6.282  6.376   -3.714  1.00 39.31  ? 283 ILE A C   1 
ATOM   114 O O   . ILE A 1 15  ? -6.055  7.557   -3.976  1.00 39.27  ? 283 ILE A O   1 
ATOM   115 C CB  . ILE A 1 15  ? -6.097  5.236   -5.914  1.00 37.16  ? 283 ILE A CB  1 
ATOM   116 C CG1 . ILE A 1 15  ? -6.805  4.332   -6.925  1.00 39.42  ? 283 ILE A CG1 1 
ATOM   117 C CG2 . ILE A 1 15  ? -4.793  4.607   -5.426  1.00 38.51  ? 283 ILE A CG2 1 
ATOM   118 C CD1 . ILE A 1 15  ? -5.955  3.956   -8.125  1.00 42.94  ? 283 ILE A CD1 1 
ATOM   119 N N   . CYS A 1 16  ? -5.912  5.809   -2.570  1.00 43.76  ? 284 CYS A N   1 
ATOM   120 C CA  . CYS A 1 16  ? -5.198  6.574   -1.556  1.00 49.39  ? 284 CYS A CA  1 
ATOM   121 C C   . CYS A 1 16  ? -3.697  6.504   -1.780  1.00 49.43  ? 284 CYS A C   1 
ATOM   122 O O   . CYS A 1 16  ? -3.002  7.513   -1.681  1.00 51.53  ? 284 CYS A O   1 
ATOM   123 C CB  . CYS A 1 16  ? -5.550  6.059   -0.161  1.00 51.08  ? 284 CYS A CB  1 
ATOM   124 S SG  . CYS A 1 16  ? -7.312  6.207   0.213   1.00 62.72  ? 284 CYS A SG  1 
ATOM   125 N N   . ARG A 1 17  ? -3.197  5.312   -2.082  1.00 46.24  ? 285 ARG A N   1 
ATOM   126 C CA  . ARG A 1 17  ? -1.777  5.142   -2.336  1.00 46.06  ? 285 ARG A CA  1 
ATOM   127 C C   . ARG A 1 17  ? -1.443  3.771   -2.900  1.00 44.71  ? 285 ARG A C   1 
ATOM   128 O O   . ARG A 1 17  ? -2.247  2.840   -2.836  1.00 44.17  ? 285 ARG A O   1 
ATOM   129 C CB  . ARG A 1 17  ? -0.972  5.376   -1.053  1.00 57.55  ? 285 ARG A CB  1 
ATOM   130 C CG  . ARG A 1 17  ? -1.292  4.412   0.071   1.00 56.62  ? 285 ARG A CG  1 
ATOM   131 C CD  . ARG A 1 17  ? -1.867  5.143   1.274   1.00 71.42  ? 285 ARG A CD  1 
ATOM   132 N NE  . ARG A 1 17  ? -0.941  6.141   1.807   1.00 77.27  ? 285 ARG A NE  1 
ATOM   133 C CZ  . ARG A 1 17  ? -1.194  6.903   2.867   1.00 80.83  ? 285 ARG A CZ  1 
ATOM   134 N NH1 . ARG A 1 17  ? -2.349  6.786   3.511   1.00 81.66  ? 285 ARG A NH1 1 
ATOM   135 N NH2 . ARG A 1 17  ? -0.294  7.785   3.283   1.00 74.29  ? 285 ARG A NH2 1 
ATOM   136 N N   . ILE A 1 18  ? -0.246  3.676   -3.466  1.00 36.96  ? 286 ILE A N   1 
ATOM   137 C CA  . ILE A 1 18  ? 0.276   2.445   -4.041  1.00 39.49  ? 286 ILE A CA  1 
ATOM   138 C C   . ILE A 1 18  ? 1.512   2.215   -3.175  1.00 43.60  ? 286 ILE A C   1 
ATOM   139 O O   . ILE A 1 18  ? 2.227   3.172   -2.867  1.00 46.51  ? 286 ILE A O   1 
ATOM   140 C CB  . ILE A 1 18  ? 0.691   2.647   -5.521  1.00 38.37  ? 286 ILE A CB  1 
ATOM   141 C CG1 . ILE A 1 18  ? -0.428  3.359   -6.286  1.00 42.65  ? 286 ILE A CG1 1 
ATOM   142 C CG2 . ILE A 1 18  ? 0.937   1.306   -6.182  1.00 33.62  ? 286 ILE A CG2 1 
ATOM   143 C CD1 . ILE A 1 18  ? -0.092  3.648   -7.731  1.00 49.73  ? 286 ILE A CD1 1 
ATOM   144 N N   . ASN A 1 19  ? 1.755   0.972   -2.766  1.00 39.10  ? 287 ASN A N   1 
ATOM   145 C CA  . ASN A 1 19  ? 2.886   0.680   -1.893  1.00 38.94  ? 287 ASN A CA  1 
ATOM   146 C C   . ASN A 1 19  ? 4.230   1.079   -2.494  1.00 38.08  ? 287 ASN A C   1 
ATOM   147 O O   . ASN A 1 19  ? 5.123   1.531   -1.776  1.00 43.30  ? 287 ASN A O   1 
ATOM   148 C CB  . ASN A 1 19  ? 2.879   -0.801  -1.479  1.00 41.88  ? 287 ASN A CB  1 
ATOM   149 C CG  . ASN A 1 19  ? 3.256   -1.740  -2.606  1.00 38.87  ? 287 ASN A CG  1 
ATOM   150 O OD1 . ASN A 1 19  ? 2.624   -1.760  -3.665  1.00 38.43  ? 287 ASN A OD1 1 
ATOM   151 N ND2 . ASN A 1 19  ? 4.291   -2.538  -2.375  1.00 37.02  ? 287 ASN A ND2 1 
ATOM   152 N N   . LYS A 1 20  ? 4.371   0.913   -3.806  1.00 35.01  ? 288 LYS A N   1 
ATOM   153 C CA  . LYS A 1 20  ? 5.594   1.299   -4.504  1.00 38.06  ? 288 LYS A CA  1 
ATOM   154 C C   . LYS A 1 20  ? 5.242   2.327   -5.577  1.00 44.35  ? 288 LYS A C   1 
ATOM   155 O O   . LYS A 1 20  ? 4.203   2.220   -6.230  1.00 41.99  ? 288 LYS A O   1 
ATOM   156 C CB  . LYS A 1 20  ? 6.266   0.076   -5.128  1.00 40.31  ? 288 LYS A CB  1 
ATOM   157 C CG  . LYS A 1 20  ? 6.899   -0.836  -4.095  1.00 49.05  ? 288 LYS A CG  1 
ATOM   158 C CD  . LYS A 1 20  ? 7.454   -2.101  -4.710  1.00 60.65  ? 288 LYS A CD  1 
ATOM   159 C CE  . LYS A 1 20  ? 7.902   -3.071  -3.622  1.00 63.23  ? 288 LYS A CE  1 
ATOM   160 N NZ  . LYS A 1 20  ? 8.371   -4.372  -4.176  1.00 62.50  ? 288 LYS A NZ  1 
ATOM   161 N N   . GLU A 1 21  ? 6.105   3.326   -5.747  1.00 43.03  ? 289 GLU A N   1 
ATOM   162 C CA  . GLU A 1 21  ? 5.879   4.390   -6.725  1.00 48.05  ? 289 GLU A CA  1 
ATOM   163 C C   . GLU A 1 21  ? 6.578   4.126   -8.051  1.00 43.90  ? 289 GLU A C   1 
ATOM   164 O O   . GLU A 1 21  ? 6.497   4.939   -8.975  1.00 41.67  ? 289 GLU A O   1 
ATOM   165 C CB  . GLU A 1 21  ? 6.374   5.729   -6.178  1.00 60.36  ? 289 GLU A CB  1 
ATOM   166 C CG  . GLU A 1 21  ? 7.873   5.756   -5.916  1.00 79.81  ? 289 GLU A CG  1 
ATOM   167 C CD  . GLU A 1 21  ? 8.435   7.162   -5.861  1.00 90.71  ? 289 GLU A CD  1 
ATOM   168 O OE1 . GLU A 1 21  ? 8.412   7.851   -6.904  1.00 98.18  ? 289 GLU A OE1 1 
ATOM   169 O OE2 . GLU A 1 21  ? 8.899   7.579   -4.778  1.00 95.08  ? 289 GLU A OE2 1 
ATOM   170 N N   . SER A 1 22  ? 7.275   3.000   -8.145  1.00 39.19  ? 290 SER A N   1 
ATOM   171 C CA  . SER A 1 22  ? 7.981   2.661   -9.372  1.00 39.31  ? 290 SER A CA  1 
ATOM   172 C C   . SER A 1 22  ? 8.296   1.178   -9.432  1.00 39.79  ? 290 SER A C   1 
ATOM   173 O O   . SER A 1 22  ? 8.223   0.474   -8.427  1.00 36.74  ? 290 SER A O   1 
ATOM   174 C CB  . SER A 1 22  ? 9.280   3.466   -9.481  1.00 43.65  ? 290 SER A CB  1 
ATOM   175 O OG  . SER A 1 22  ? 10.210  3.097   -8.474  1.00 47.78  ? 290 SER A OG  1 
ATOM   176 N N   . GLY A 1 23  ? 8.651   0.713   -10.623 1.00 41.05  ? 291 GLY A N   1 
ATOM   177 C CA  . GLY A 1 23  ? 8.968   -0.686  -10.806 1.00 37.29  ? 291 GLY A CA  1 
ATOM   178 C C   . GLY A 1 23  ? 9.409   -0.953  -12.227 1.00 40.64  ? 291 GLY A C   1 
ATOM   179 O O   . GLY A 1 23  ? 9.299   -0.071  -13.081 1.00 39.97  ? 291 GLY A O   1 
ATOM   180 N N   . PRO A 1 24  ? 9.905   -2.166  -12.517 1.00 41.57  ? 292 PRO A N   1 
ATOM   181 C CA  . PRO A 1 24  ? 10.376  -2.565  -13.848 1.00 43.45  ? 292 PRO A CA  1 
ATOM   182 C C   . PRO A 1 24  ? 9.318   -2.492  -14.943 1.00 40.91  ? 292 PRO A C   1 
ATOM   183 O O   . PRO A 1 24  ? 8.173   -2.897  -14.741 1.00 39.92  ? 292 PRO A O   1 
ATOM   184 C CB  . PRO A 1 24  ? 10.875  -3.992  -13.622 1.00 43.18  ? 292 PRO A CB  1 
ATOM   185 C CG  . PRO A 1 24  ? 9.971   -4.486  -12.543 1.00 48.58  ? 292 PRO A CG  1 
ATOM   186 C CD  . PRO A 1 24  ? 9.949   -3.311  -11.590 1.00 47.16  ? 292 PRO A CD  1 
ATOM   187 N N   . CYS A 1 25  ? 9.719   -1.981  -16.104 1.00 37.21  ? 293 CYS A N   1 
ATOM   188 C CA  . CYS A 1 25  ? 8.827   -1.844  -17.251 1.00 37.39  ? 293 CYS A CA  1 
ATOM   189 C C   . CYS A 1 25  ? 8.382   -3.206  -17.749 1.00 40.16  ? 293 CYS A C   1 
ATOM   190 O O   . CYS A 1 25  ? 7.520   -3.305  -18.621 1.00 43.65  ? 293 CYS A O   1 
ATOM   191 C CB  . CYS A 1 25  ? 9.535   -1.096  -18.382 1.00 42.17  ? 293 CYS A CB  1 
ATOM   192 S SG  . CYS A 1 25  ? 11.007  -1.934  -19.010 1.00 43.80  ? 293 CYS A SG  1 
ATOM   193 N N   . THR A 1 26  ? 8.984   -4.250  -17.185 1.00 43.59  ? 294 THR A N   1 
ATOM   194 C CA  . THR A 1 26  ? 8.691   -5.640  -17.537 1.00 45.51  ? 294 THR A CA  1 
ATOM   195 C C   . THR A 1 26  ? 7.355   -6.122  -16.971 1.00 42.78  ? 294 THR A C   1 
ATOM   196 O O   . THR A 1 26  ? 6.802   -7.116  -17.438 1.00 42.25  ? 294 THR A O   1 
ATOM   197 C CB  . THR A 1 26  ? 9.797   -6.588  -17.005 1.00 47.84  ? 294 THR A CB  1 
ATOM   198 O OG1 . THR A 1 26  ? 11.060  -6.227  -17.576 1.00 56.03  ? 294 THR A OG1 1 
ATOM   199 C CG2 . THR A 1 26  ? 9.487   -8.030  -17.367 1.00 63.26  ? 294 THR A CG2 1 
ATOM   200 N N   . GLY A 1 27  ? 6.853   -5.433  -15.950 1.00 42.26  ? 295 GLY A N   1 
ATOM   201 C CA  . GLY A 1 27  ? 5.584   -5.815  -15.353 1.00 37.75  ? 295 GLY A CA  1 
ATOM   202 C C   . GLY A 1 27  ? 5.621   -7.119  -14.577 1.00 38.50  ? 295 GLY A C   1 
ATOM   203 O O   . GLY A 1 27  ? 6.686   -7.585  -14.177 1.00 36.38  ? 295 GLY A O   1 
ATOM   204 N N   . GLY A 1 28  ? 4.450   -7.707  -14.354 1.00 38.96  ? 296 GLY A N   1 
ATOM   205 C CA  . GLY A 1 28  ? 4.375   -8.953  -13.613 1.00 34.57  ? 296 GLY A CA  1 
ATOM   206 C C   . GLY A 1 28  ? 4.805   -8.763  -12.172 1.00 44.93  ? 296 GLY A C   1 
ATOM   207 O O   . GLY A 1 28  ? 5.070   -9.730  -11.454 1.00 45.11  ? 296 GLY A O   1 
ATOM   208 N N   . GLU A 1 29  ? 4.868   -7.506  -11.748 1.00 36.75  ? 297 GLU A N   1 
ATOM   209 C CA  . GLU A 1 29  ? 5.267   -7.161  -10.392 1.00 41.24  ? 297 GLU A CA  1 
ATOM   210 C C   . GLU A 1 29  ? 4.048   -7.139  -9.473  1.00 41.69  ? 297 GLU A C   1 
ATOM   211 O O   . GLU A 1 29  ? 2.992   -6.631  -9.848  1.00 43.46  ? 297 GLU A O   1 
ATOM   212 C CB  . GLU A 1 29  ? 5.928   -5.778  -10.396 1.00 43.50  ? 297 GLU A CB  1 
ATOM   213 C CG  . GLU A 1 29  ? 6.482   -5.341  -9.062  1.00 43.06  ? 297 GLU A CG  1 
ATOM   214 C CD  . GLU A 1 29  ? 7.107   -3.959  -9.118  1.00 49.09  ? 297 GLU A CD  1 
ATOM   215 O OE1 . GLU A 1 29  ? 7.785   -3.585  -8.138  1.00 48.83  ? 297 GLU A OE1 1 
ATOM   216 O OE2 . GLU A 1 29  ? 6.918   -3.245  -10.131 1.00 42.95  ? 297 GLU A OE2 1 
ATOM   217 N N   . GLU A 1 30  ? 4.192   -7.684  -8.271  1.00 38.47  ? 298 GLU A N   1 
ATOM   218 C CA  . GLU A 1 30  ? 3.086   -7.686  -7.326  1.00 35.46  ? 298 GLU A CA  1 
ATOM   219 C C   . GLU A 1 30  ? 3.129   -6.468  -6.417  1.00 35.38  ? 298 GLU A C   1 
ATOM   220 O O   . GLU A 1 30  ? 4.033   -6.319  -5.596  1.00 42.68  ? 298 GLU A O   1 
ATOM   221 C CB  . GLU A 1 30  ? 3.086   -8.953  -6.468  1.00 38.62  ? 298 GLU A CB  1 
ATOM   222 C CG  . GLU A 1 30  ? 2.129   -8.853  -5.284  1.00 45.89  ? 298 GLU A CG  1 
ATOM   223 C CD  . GLU A 1 30  ? 2.030   -10.125 -4.471  1.00 48.02  ? 298 GLU A CD  1 
ATOM   224 O OE1 . GLU A 1 30  ? 1.776   -10.017 -3.253  1.00 47.19  ? 298 GLU A OE1 1 
ATOM   225 O OE2 . GLU A 1 30  ? 2.187   -11.224 -5.046  1.00 52.16  ? 298 GLU A OE2 1 
ATOM   226 N N   . LEU A 1 31  ? 2.142   -5.598  -6.573  1.00 37.85  ? 299 LEU A N   1 
ATOM   227 C CA  . LEU A 1 31  ? 2.034   -4.393  -5.762  1.00 33.42  ? 299 LEU A CA  1 
ATOM   228 C C   . LEU A 1 31  ? 0.688   -4.472  -5.050  1.00 37.04  ? 299 LEU A C   1 
ATOM   229 O O   . LEU A 1 31  ? -0.023  -5.469  -5.166  1.00 34.82  ? 299 LEU A O   1 
ATOM   230 C CB  . LEU A 1 31  ? 2.039   -3.149  -6.654  1.00 31.95  ? 299 LEU A CB  1 
ATOM   231 C CG  . LEU A 1 31  ? 3.187   -2.885  -7.637  1.00 32.15  ? 299 LEU A CG  1 
ATOM   232 C CD1 . LEU A 1 31  ? 2.908   -1.587  -8.390  1.00 31.10  ? 299 LEU A CD1 1 
ATOM   233 C CD2 . LEU A 1 31  ? 4.507   -2.782  -6.891  1.00 36.59  ? 299 LEU A CD2 1 
ATOM   234 N N   . TYR A 1 32  ? 0.351   -3.426  -4.306  1.00 39.09  ? 300 TYR A N   1 
ATOM   235 C CA  . TYR A 1 32  ? -0.941  -3.347  -3.640  1.00 39.19  ? 300 TYR A CA  1 
ATOM   236 C C   . TYR A 1 32  ? -1.283  -1.885  -3.410  1.00 39.21  ? 300 TYR A C   1 
ATOM   237 O O   . TYR A 1 32  ? -0.401  -1.054  -3.181  1.00 38.25  ? 300 TYR A O   1 
ATOM   238 C CB  . TYR A 1 32  ? -0.953  -4.137  -2.323  1.00 38.54  ? 300 TYR A CB  1 
ATOM   239 C CG  . TYR A 1 32  ? -0.090  -3.609  -1.199  1.00 40.04  ? 300 TYR A CG  1 
ATOM   240 C CD1 . TYR A 1 32  ? -0.534  -2.571  -0.383  1.00 42.03  ? 300 TYR A CD1 1 
ATOM   241 C CD2 . TYR A 1 32  ? 1.154   -4.178  -0.926  1.00 31.83  ? 300 TYR A CD2 1 
ATOM   242 C CE1 . TYR A 1 32  ? 0.238   -2.110  0.683   1.00 42.66  ? 300 TYR A CE1 1 
ATOM   243 C CE2 . TYR A 1 32  ? 1.934   -3.726  0.133   1.00 38.71  ? 300 TYR A CE2 1 
ATOM   244 C CZ  . TYR A 1 32  ? 1.470   -2.691  0.932   1.00 44.84  ? 300 TYR A CZ  1 
ATOM   245 O OH  . TYR A 1 32  ? 2.240   -2.234  1.973   1.00 49.93  ? 300 TYR A OH  1 
ATOM   246 N N   . LEU A 1 33  ? -2.564  -1.560  -3.517  1.00 37.51  ? 301 LEU A N   1 
ATOM   247 C CA  . LEU A 1 33  ? -2.995  -0.189  -3.312  1.00 34.64  ? 301 LEU A CA  1 
ATOM   248 C C   . LEU A 1 33  ? -4.098  -0.113  -2.277  1.00 36.44  ? 301 LEU A C   1 
ATOM   249 O O   . LEU A 1 33  ? -4.761  -1.109  -1.979  1.00 37.75  ? 301 LEU A O   1 
ATOM   250 C CB  . LEU A 1 33  ? -3.475  0.423   -4.632  1.00 39.32  ? 301 LEU A CB  1 
ATOM   251 C CG  . LEU A 1 33  ? -4.659  -0.226  -5.357  1.00 37.14  ? 301 LEU A CG  1 
ATOM   252 C CD1 . LEU A 1 33  ? -5.937  0.013   -4.582  1.00 36.59  ? 301 LEU A CD1 1 
ATOM   253 C CD2 . LEU A 1 33  ? -4.779  0.369   -6.748  1.00 28.96  ? 301 LEU A CD2 1 
ATOM   254 N N   . LEU A 1 34  ? -4.272  1.082   -1.727  1.00 40.74  ? 302 LEU A N   1 
ATOM   255 C CA  . LEU A 1 34  ? -5.301  1.359   -0.741  1.00 37.74  ? 302 LEU A CA  1 
ATOM   256 C C   . LEU A 1 34  ? -6.289  2.260   -1.451  1.00 37.99  ? 302 LEU A C   1 
ATOM   257 O O   . LEU A 1 34  ? -5.887  3.164   -2.180  1.00 35.78  ? 302 LEU A O   1 
ATOM   258 C CB  . LEU A 1 34  ? -4.723  2.114   0.456   1.00 43.21  ? 302 LEU A CB  1 
ATOM   259 C CG  . LEU A 1 34  ? -3.993  1.348   1.562   1.00 50.00  ? 302 LEU A CG  1 
ATOM   260 C CD1 . LEU A 1 34  ? -4.993  0.498   2.323   1.00 55.10  ? 302 LEU A CD1 1 
ATOM   261 C CD2 . LEU A 1 34  ? -2.891  0.495   0.971   1.00 50.09  ? 302 LEU A CD2 1 
ATOM   262 N N   . CYS A 1 35  ? -7.577  2.020   -1.251  1.00 34.81  ? 303 CYS A N   1 
ATOM   263 C CA  . CYS A 1 35  ? -8.581  2.853   -1.890  1.00 38.82  ? 303 CYS A CA  1 
ATOM   264 C C   . CYS A 1 35  ? -9.836  2.900   -1.034  1.00 40.67  ? 303 CYS A C   1 
ATOM   265 O O   . CYS A 1 35  ? -9.966  2.150   -0.066  1.00 43.30  ? 303 CYS A O   1 
ATOM   266 C CB  . CYS A 1 35  ? -8.908  2.305   -3.280  1.00 31.44  ? 303 CYS A CB  1 
ATOM   267 S SG  . CYS A 1 35  ? -9.479  0.574   -3.300  1.00 37.50  ? 303 CYS A SG  1 
ATOM   268 N N   . ASP A 1 36  ? -10.745 3.805   -1.373  1.00 41.15  ? 304 ASP A N   1 
ATOM   269 C CA  . ASP A 1 36  ? -11.994 3.913   -0.641  1.00 43.45  ? 304 ASP A CA  1 
ATOM   270 C C   . ASP A 1 36  ? -12.877 2.759   -1.102  1.00 47.02  ? 304 ASP A C   1 
ATOM   271 O O   . ASP A 1 36  ? -12.431 1.910   -1.882  1.00 43.51  ? 304 ASP A O   1 
ATOM   272 C CB  . ASP A 1 36  ? -12.650 5.268   -0.916  1.00 43.64  ? 304 ASP A CB  1 
ATOM   273 C CG  . ASP A 1 36  ? -11.958 6.411   -0.179  1.00 48.76  ? 304 ASP A CG  1 
ATOM   274 O OD1 . ASP A 1 36  ? -12.290 7.581   -0.455  1.00 51.49  ? 304 ASP A OD1 1 
ATOM   275 O OD2 . ASP A 1 36  ? -11.088 6.140   0.681   1.00 43.05  ? 304 ASP A OD2 1 
ATOM   276 N N   . LYS A 1 37  ? -14.121 2.719   -0.634  1.00 48.67  ? 305 LYS A N   1 
ATOM   277 C CA  . LYS A 1 37  ? -15.020 1.622   -0.981  1.00 52.56  ? 305 LYS A CA  1 
ATOM   278 C C   . LYS A 1 37  ? -15.167 1.325   -2.473  1.00 47.17  ? 305 LYS A C   1 
ATOM   279 O O   . LYS A 1 37  ? -15.329 2.228   -3.294  1.00 45.48  ? 305 LYS A O   1 
ATOM   280 C CB  . LYS A 1 37  ? -16.405 1.853   -0.364  1.00 59.98  ? 305 LYS A CB  1 
ATOM   281 C CG  . LYS A 1 37  ? -17.333 0.649   -0.480  1.00 75.52  ? 305 LYS A CG  1 
ATOM   282 C CD  . LYS A 1 37  ? -18.592 0.804   0.363   1.00 83.72  ? 305 LYS A CD  1 
ATOM   283 C CE  . LYS A 1 37  ? -19.451 -0.452  0.295   1.00 89.08  ? 305 LYS A CE  1 
ATOM   284 N NZ  . LYS A 1 37  ? -20.656 -0.373  1.167   1.00 93.48  ? 305 LYS A NZ  1 
ATOM   285 N N   . VAL A 1 38  ? -15.084 0.040   -2.804  1.00 43.50  ? 306 VAL A N   1 
ATOM   286 C CA  . VAL A 1 38  ? -15.240 -0.450  -4.169  1.00 47.18  ? 306 VAL A CA  1 
ATOM   287 C C   . VAL A 1 38  ? -15.981 -1.771  -4.045  1.00 46.37  ? 306 VAL A C   1 
ATOM   288 O O   . VAL A 1 38  ? -16.051 -2.342  -2.958  1.00 46.99  ? 306 VAL A O   1 
ATOM   289 C CB  . VAL A 1 38  ? -13.882 -0.750  -4.863  1.00 42.59  ? 306 VAL A CB  1 
ATOM   290 C CG1 . VAL A 1 38  ? -13.046 0.516   -4.980  1.00 38.83  ? 306 VAL A CG1 1 
ATOM   291 C CG2 . VAL A 1 38  ? -13.135 -1.821  -4.090  1.00 42.62  ? 306 VAL A CG2 1 
ATOM   292 N N   . GLN A 1 39  ? -16.540 -2.253  -5.149  1.00 45.31  ? 307 GLN A N   1 
ATOM   293 C CA  . GLN A 1 39  ? -17.231 -3.538  -5.143  1.00 45.09  ? 307 GLN A CA  1 
ATOM   294 C C   . GLN A 1 39  ? -16.239 -4.511  -5.766  1.00 43.87  ? 307 GLN A C   1 
ATOM   295 O O   . GLN A 1 39  ? -15.892 -4.379  -6.938  1.00 46.62  ? 307 GLN A O   1 
ATOM   296 C CB  . GLN A 1 39  ? -18.506 -3.465  -5.986  1.00 56.41  ? 307 GLN A CB  1 
ATOM   297 C CG  . GLN A 1 39  ? -19.493 -2.410  -5.511  1.00 71.66  ? 307 GLN A CG  1 
ATOM   298 C CD  . GLN A 1 39  ? -19.997 -2.671  -4.101  1.00 81.25  ? 307 GLN A CD  1 
ATOM   299 O OE1 . GLN A 1 39  ? -20.672 -1.829  -3.508  1.00 89.23  ? 307 GLN A OE1 1 
ATOM   300 N NE2 . GLN A 1 39  ? -19.677 -3.842  -3.561  1.00 86.75  ? 307 GLN A NE2 1 
ATOM   301 N N   . LYS A 1 40  ? -15.773 -5.480  -4.984  1.00 40.76  ? 308 LYS A N   1 
ATOM   302 C CA  . LYS A 1 40  ? -14.793 -6.431  -5.484  1.00 42.06  ? 308 LYS A CA  1 
ATOM   303 C C   . LYS A 1 40  ? -15.184 -7.100  -6.796  1.00 40.20  ? 308 LYS A C   1 
ATOM   304 O O   . LYS A 1 40  ? -14.316 -7.470  -7.584  1.00 34.06  ? 308 LYS A O   1 
ATOM   305 C CB  . LYS A 1 40  ? -14.491 -7.503  -4.429  1.00 40.03  ? 308 LYS A CB  1 
ATOM   306 C CG  . LYS A 1 40  ? -15.661 -8.400  -4.066  1.00 47.76  ? 308 LYS A CG  1 
ATOM   307 C CD  . LYS A 1 40  ? -15.226 -9.460  -3.064  1.00 52.16  ? 308 LYS A CD  1 
ATOM   308 C CE  . LYS A 1 40  ? -16.394 -10.323 -2.613  1.00 61.86  ? 308 LYS A CE  1 
ATOM   309 N NZ  . LYS A 1 40  ? -15.965 -11.435 -1.710  1.00 63.46  ? 308 LYS A NZ  1 
ATOM   310 N N   . GLU A 1 41  ? -16.481 -7.248  -7.044  1.00 39.28  ? 309 GLU A N   1 
ATOM   311 C CA  . GLU A 1 41  ? -16.924 -7.898  -8.274  1.00 39.89  ? 309 GLU A CA  1 
ATOM   312 C C   . GLU A 1 41  ? -17.079 -6.919  -9.426  1.00 37.52  ? 309 GLU A C   1 
ATOM   313 O O   . GLU A 1 41  ? -17.416 -7.315  -10.539 1.00 41.25  ? 309 GLU A O   1 
ATOM   314 C CB  . GLU A 1 41  ? -18.254 -8.622  -8.056  1.00 40.34  ? 309 GLU A CB  1 
ATOM   315 C CG  . GLU A 1 41  ? -19.432 -7.690  -7.810  1.00 54.32  ? 309 GLU A CG  1 
ATOM   316 C CD  . GLU A 1 41  ? -19.460 -7.130  -6.398  1.00 58.24  ? 309 GLU A CD  1 
ATOM   317 O OE1 . GLU A 1 41  ? -20.180 -6.135  -6.172  1.00 68.16  ? 309 GLU A OE1 1 
ATOM   318 O OE2 . GLU A 1 41  ? -18.777 -7.689  -5.514  1.00 56.05  ? 309 GLU A OE2 1 
ATOM   319 N N   . ASP A 1 42  ? -16.836 -5.640  -9.169  1.00 36.05  ? 310 ASP A N   1 
ATOM   320 C CA  . ASP A 1 42  ? -16.994 -4.641  -10.213 1.00 39.84  ? 310 ASP A CA  1 
ATOM   321 C C   . ASP A 1 42  ? -15.938 -3.538  -10.135 1.00 41.31  ? 310 ASP A C   1 
ATOM   322 O O   . ASP A 1 42  ? -16.264 -2.356  -10.014 1.00 40.25  ? 310 ASP A O   1 
ATOM   323 C CB  . ASP A 1 42  ? -18.407 -4.056  -10.118 1.00 41.01  ? 310 ASP A CB  1 
ATOM   324 C CG  . ASP A 1 42  ? -18.705 -3.059  -11.207 1.00 40.64  ? 310 ASP A CG  1 
ATOM   325 O OD1 . ASP A 1 42  ? -18.221 -3.253  -12.342 1.00 48.50  ? 310 ASP A OD1 1 
ATOM   326 O OD2 . ASP A 1 42  ? -19.442 -2.085  -10.927 1.00 44.50  ? 310 ASP A OD2 1 
ATOM   327 N N   . ILE A 1 43  ? -14.669 -3.931  -10.218 1.00 36.31  ? 311 ILE A N   1 
ATOM   328 C CA  . ILE A 1 43  ? -13.577 -2.971  -10.151 1.00 37.45  ? 311 ILE A CA  1 
ATOM   329 C C   . ILE A 1 43  ? -12.362 -3.478  -10.926 1.00 38.65  ? 311 ILE A C   1 
ATOM   330 O O   . ILE A 1 43  ? -12.221 -4.679  -11.169 1.00 38.26  ? 311 ILE A O   1 
ATOM   331 C CB  . ILE A 1 43  ? -13.175 -2.705  -8.670  1.00 36.71  ? 311 ILE A CB  1 
ATOM   332 C CG1 . ILE A 1 43  ? -12.192 -1.535  -8.576  1.00 37.34  ? 311 ILE A CG1 1 
ATOM   333 C CG2 . ILE A 1 43  ? -12.548 -3.933  -8.073  1.00 28.41  ? 311 ILE A CG2 1 
ATOM   334 C CD1 . ILE A 1 43  ? -12.811 -0.190  -8.844  1.00 29.86  ? 311 ILE A CD1 1 
ATOM   335 N N   . SER A 1 44  ? -11.490 -2.561  -11.332 1.00 36.88  ? 312 SER A N   1 
ATOM   336 C CA  . SER A 1 44  ? -10.285 -2.949  -12.053 1.00 37.80  ? 312 SER A CA  1 
ATOM   337 C C   . SER A 1 44  ? -9.220  -1.887  -11.856 1.00 34.16  ? 312 SER A C   1 
ATOM   338 O O   . SER A 1 44  ? -9.521  -0.778  -11.422 1.00 34.03  ? 312 SER A O   1 
ATOM   339 C CB  . SER A 1 44  ? -10.575 -3.110  -13.547 1.00 35.33  ? 312 SER A CB  1 
ATOM   340 O OG  . SER A 1 44  ? -10.933 -1.872  -14.124 1.00 41.82  ? 312 SER A OG  1 
ATOM   341 N N   . VAL A 1 45  ? -7.973  -2.229  -12.163 1.00 37.18  ? 313 VAL A N   1 
ATOM   342 C CA  . VAL A 1 45  ? -6.884  -1.272  -12.032 1.00 35.72  ? 313 VAL A CA  1 
ATOM   343 C C   . VAL A 1 45  ? -6.246  -1.085  -13.405 1.00 34.84  ? 313 VAL A C   1 
ATOM   344 O O   . VAL A 1 45  ? -5.846  -2.054  -14.057 1.00 36.31  ? 313 VAL A O   1 
ATOM   345 C CB  . VAL A 1 45  ? -5.835  -1.752  -11.008 1.00 35.34  ? 313 VAL A CB  1 
ATOM   346 C CG1 . VAL A 1 45  ? -4.695  -0.766  -10.937 1.00 27.29  ? 313 VAL A CG1 1 
ATOM   347 C CG2 . VAL A 1 45  ? -6.481  -1.894  -9.631  1.00 30.89  ? 313 VAL A CG2 1 
ATOM   348 N N   . VAL A 1 46  ? -6.159  0.164   -13.841 1.00 32.95  ? 314 VAL A N   1 
ATOM   349 C CA  . VAL A 1 46  ? -5.603  0.475   -15.151 1.00 36.12  ? 314 VAL A CA  1 
ATOM   350 C C   . VAL A 1 46  ? -4.378  1.376   -15.075 1.00 36.69  ? 314 VAL A C   1 
ATOM   351 O O   . VAL A 1 46  ? -4.324  2.305   -14.266 1.00 36.26  ? 314 VAL A O   1 
ATOM   352 C CB  . VAL A 1 46  ? -6.656  1.188   -16.046 1.00 33.64  ? 314 VAL A CB  1 
ATOM   353 C CG1 . VAL A 1 46  ? -6.113  1.360   -17.459 1.00 32.14  ? 314 VAL A CG1 1 
ATOM   354 C CG2 . VAL A 1 46  ? -7.957  0.397   -16.063 1.00 33.52  ? 314 VAL A CG2 1 
ATOM   355 N N   . PHE A 1 47  ? -3.402  1.078   -15.929 1.00 30.02  ? 315 PHE A N   1 
ATOM   356 C CA  . PHE A 1 47  ? -2.166  1.841   -16.049 1.00 27.40  ? 315 PHE A CA  1 
ATOM   357 C C   . PHE A 1 47  ? -2.293  2.467   -17.430 1.00 30.81  ? 315 PHE A C   1 
ATOM   358 O O   . PHE A 1 47  ? -2.624  1.776   -18.392 1.00 33.26  ? 315 PHE A O   1 
ATOM   359 C CB  . PHE A 1 47  ? -0.949  0.905   -16.016 1.00 29.54  ? 315 PHE A CB  1 
ATOM   360 C CG  . PHE A 1 47  ? -0.610  0.386   -14.642 1.00 32.35  ? 315 PHE A CG  1 
ATOM   361 C CD1 . PHE A 1 47  ? -1.551  -0.307  -13.889 1.00 26.08  ? 315 PHE A CD1 1 
ATOM   362 C CD2 . PHE A 1 47  ? 0.652   0.607   -14.095 1.00 37.42  ? 315 PHE A CD2 1 
ATOM   363 C CE1 . PHE A 1 47  ? -1.246  -0.774  -12.603 1.00 28.75  ? 315 PHE A CE1 1 
ATOM   364 C CE2 . PHE A 1 47  ? 0.967   0.149   -12.815 1.00 32.45  ? 315 PHE A CE2 1 
ATOM   365 C CZ  . PHE A 1 47  ? 0.014   -0.544  -12.068 1.00 31.98  ? 315 PHE A CZ  1 
ATOM   366 N N   . SER A 1 48  ? -2.043  3.763   -17.556 1.00 31.49  ? 316 SER A N   1 
ATOM   367 C CA  . SER A 1 48  ? -2.187  4.363   -18.872 1.00 31.70  ? 316 SER A CA  1 
ATOM   368 C C   . SER A 1 48  ? -1.404  5.639   -19.112 1.00 35.97  ? 316 SER A C   1 
ATOM   369 O O   . SER A 1 48  ? -0.865  6.250   -18.187 1.00 37.36  ? 316 SER A O   1 
ATOM   370 C CB  . SER A 1 48  ? -3.662  4.667   -19.142 1.00 28.82  ? 316 SER A CB  1 
ATOM   371 O OG  . SER A 1 48  ? -4.097  5.787   -18.374 1.00 32.36  ? 316 SER A OG  1 
ATOM   372 N N   . THR A 1 49  ? -1.364  6.016   -20.387 1.00 32.99  ? 317 THR A N   1 
ATOM   373 C CA  . THR A 1 49  ? -0.750  7.246   -20.858 1.00 35.06  ? 317 THR A CA  1 
ATOM   374 C C   . THR A 1 49  ? -1.765  7.730   -21.898 1.00 37.79  ? 317 THR A C   1 
ATOM   375 O O   . THR A 1 49  ? -2.782  7.072   -22.129 1.00 36.17  ? 317 THR A O   1 
ATOM   376 C CB  . THR A 1 49  ? 0.600   7.015   -21.557 1.00 32.88  ? 317 THR A CB  1 
ATOM   377 O OG1 . THR A 1 49  ? 0.381   6.369   -22.813 1.00 38.36  ? 317 THR A OG1 1 
ATOM   378 C CG2 . THR A 1 49  ? 1.508   6.162   -20.699 1.00 32.40  ? 317 THR A CG2 1 
ATOM   379 N N   . ALA A 1 50  ? -1.504  8.867   -22.528 1.00 35.89  ? 318 ALA A N   1 
ATOM   380 C CA  . ALA A 1 50  ? -2.434  9.387   -23.517 1.00 40.12  ? 318 ALA A CA  1 
ATOM   381 C C   . ALA A 1 50  ? -2.817  8.353   -24.585 1.00 42.07  ? 318 ALA A C   1 
ATOM   382 O O   . ALA A 1 50  ? -3.995  8.190   -24.909 1.00 41.80  ? 318 ALA A O   1 
ATOM   383 C CB  . ALA A 1 50  ? -1.846  10.625  -24.179 1.00 31.50  ? 318 ALA A CB  1 
ATOM   384 N N   . SER A 1 51  ? -1.824  7.641   -25.110 1.00 45.02  ? 319 SER A N   1 
ATOM   385 C CA  . SER A 1 51  ? -2.071  6.658   -26.165 1.00 52.18  ? 319 SER A CA  1 
ATOM   386 C C   . SER A 1 51  ? -1.870  5.187   -25.803 1.00 48.34  ? 319 SER A C   1 
ATOM   387 O O   . SER A 1 51  ? -1.883  4.328   -26.682 1.00 53.23  ? 319 SER A O   1 
ATOM   388 C CB  . SER A 1 51  ? -1.194  6.993   -27.371 1.00 56.56  ? 319 SER A CB  1 
ATOM   389 O OG  . SER A 1 51  ? 0.177   7.020   -27.000 1.00 64.03  ? 319 SER A OG  1 
ATOM   390 N N   . TRP A 1 52  ? -1.687  4.887   -24.527 1.00 47.03  ? 320 TRP A N   1 
ATOM   391 C CA  . TRP A 1 52  ? -1.481  3.503   -24.116 1.00 43.32  ? 320 TRP A CA  1 
ATOM   392 C C   . TRP A 1 52  ? -2.322  3.128   -22.909 1.00 42.79  ? 320 TRP A C   1 
ATOM   393 O O   . TRP A 1 52  ? -2.659  3.973   -22.078 1.00 43.20  ? 320 TRP A O   1 
ATOM   394 C CB  . TRP A 1 52  ? -0.007  3.260   -23.789 1.00 42.18  ? 320 TRP A CB  1 
ATOM   395 C CG  . TRP A 1 52  ? 0.275   1.891   -23.240 1.00 42.60  ? 320 TRP A CG  1 
ATOM   396 C CD1 . TRP A 1 52  ? 0.356   0.727   -23.943 1.00 44.09  ? 320 TRP A CD1 1 
ATOM   397 C CD2 . TRP A 1 52  ? 0.510   1.549   -21.866 1.00 38.48  ? 320 TRP A CD2 1 
ATOM   398 N NE1 . TRP A 1 52  ? 0.632   -0.322  -23.095 1.00 47.87  ? 320 TRP A NE1 1 
ATOM   399 C CE2 . TRP A 1 52  ? 0.729   0.155   -21.814 1.00 43.53  ? 320 TRP A CE2 1 
ATOM   400 C CE3 . TRP A 1 52  ? 0.555   2.285   -20.677 1.00 39.76  ? 320 TRP A CE3 1 
ATOM   401 C CZ2 . TRP A 1 52  ? 0.988   -0.522  -20.615 1.00 44.45  ? 320 TRP A CZ2 1 
ATOM   402 C CZ3 . TRP A 1 52  ? 0.812   1.612   -19.479 1.00 47.49  ? 320 TRP A CZ3 1 
ATOM   403 C CH2 . TRP A 1 52  ? 1.025   0.222   -19.462 1.00 45.49  ? 320 TRP A CH2 1 
ATOM   404 N N   . GLU A 1 53  ? -2.650  1.846   -22.814 1.00 43.17  ? 321 GLU A N   1 
ATOM   405 C CA  . GLU A 1 53  ? -3.444  1.355   -21.705 1.00 42.71  ? 321 GLU A CA  1 
ATOM   406 C C   . GLU A 1 53  ? -3.151  -0.118  -21.442 1.00 44.69  ? 321 GLU A C   1 
ATOM   407 O O   . GLU A 1 53  ? -3.052  -0.922  -22.372 1.00 43.45  ? 321 GLU A O   1 
ATOM   408 C CB  . GLU A 1 53  ? -4.933  1.538   -22.001 1.00 45.17  ? 321 GLU A CB  1 
ATOM   409 C CG  . GLU A 1 53  ? -5.829  1.312   -20.803 1.00 54.18  ? 321 GLU A CG  1 
ATOM   410 C CD  . GLU A 1 53  ? -7.295  1.537   -21.118 1.00 57.30  ? 321 GLU A CD  1 
ATOM   411 O OE1 . GLU A 1 53  ? -7.888  0.707   -21.836 1.00 63.70  ? 321 GLU A OE1 1 
ATOM   412 O OE2 . GLU A 1 53  ? -7.851  2.552   -20.649 1.00 61.95  ? 321 GLU A OE2 1 
ATOM   413 N N   . GLY A 1 54  ? -3.009  -0.455  -20.166 1.00 38.04  ? 322 GLY A N   1 
ATOM   414 C CA  . GLY A 1 54  ? -2.761  -1.824  -19.771 1.00 32.39  ? 322 GLY A CA  1 
ATOM   415 C C   . GLY A 1 54  ? -3.493  -2.062  -18.464 1.00 37.50  ? 322 GLY A C   1 
ATOM   416 O O   . GLY A 1 54  ? -3.543  -1.171  -17.619 1.00 39.34  ? 322 GLY A O   1 
ATOM   417 N N   . ARG A 1 55  ? -4.073  -3.242  -18.288 1.00 34.28  ? 323 ARG A N   1 
ATOM   418 C CA  . ARG A 1 55  ? -4.789  -3.531  -17.052 1.00 39.05  ? 323 ARG A CA  1 
ATOM   419 C C   . ARG A 1 55  ? -3.969  -4.385  -16.100 1.00 37.16  ? 323 ARG A C   1 
ATOM   420 O O   . ARG A 1 55  ? -3.170  -5.218  -16.524 1.00 41.10  ? 323 ARG A O   1 
ATOM   421 C CB  . ARG A 1 55  ? -6.120  -4.231  -17.350 1.00 45.23  ? 323 ARG A CB  1 
ATOM   422 C CG  . ARG A 1 55  ? -7.194  -3.315  -17.914 1.00 55.40  ? 323 ARG A CG  1 
ATOM   423 C CD  . ARG A 1 55  ? -8.515  -4.052  -18.085 1.00 71.11  ? 323 ARG A CD  1 
ATOM   424 N NE  . ARG A 1 55  ? -8.951  -4.701  -16.850 1.00 78.87  ? 323 ARG A NE  1 
ATOM   425 C CZ  . ARG A 1 55  ? -10.118 -5.322  -16.701 1.00 84.56  ? 323 ARG A CZ  1 
ATOM   426 N NH1 . ARG A 1 55  ? -10.977 -5.378  -17.711 1.00 86.44  ? 323 ARG A NH1 1 
ATOM   427 N NH2 . ARG A 1 55  ? -10.430 -5.886  -15.539 1.00 83.61  ? 323 ARG A NH2 1 
ATOM   428 N N   . ALA A 1 56  ? -4.159  -4.165  -14.808 1.00 36.30  ? 324 ALA A N   1 
ATOM   429 C CA  . ALA A 1 56  ? -3.449  -4.944  -13.811 1.00 34.67  ? 324 ALA A CA  1 
ATOM   430 C C   . ALA A 1 56  ? -4.228  -6.235  -13.657 1.00 36.01  ? 324 ALA A C   1 
ATOM   431 O O   . ALA A 1 56  ? -5.414  -6.296  -13.991 1.00 39.25  ? 324 ALA A O   1 
ATOM   432 C CB  . ALA A 1 56  ? -3.406  -4.201  -12.491 1.00 30.40  ? 324 ALA A CB  1 
ATOM   433 N N   . ASP A 1 57  ? -3.566  -7.270  -13.156 1.00 34.22  ? 325 ASP A N   1 
ATOM   434 C CA  . ASP A 1 57  ? -4.234  -8.545  -12.969 1.00 33.47  ? 325 ASP A CA  1 
ATOM   435 C C   . ASP A 1 57  ? -4.441  -8.885  -11.498 1.00 36.16  ? 325 ASP A C   1 
ATOM   436 O O   . ASP A 1 57  ? -3.501  -8.858  -10.702 1.00 32.24  ? 325 ASP A O   1 
ATOM   437 C CB  . ASP A 1 57  ? -3.444  -9.668  -13.636 1.00 39.74  ? 325 ASP A CB  1 
ATOM   438 C CG  . ASP A 1 57  ? -4.070  -11.031 -13.402 1.00 48.68  ? 325 ASP A CG  1 
ATOM   439 O OD1 . ASP A 1 57  ? -3.409  -11.890 -12.782 1.00 49.45  ? 325 ASP A OD1 1 
ATOM   440 O OD2 . ASP A 1 57  ? -5.223  -11.240 -13.834 1.00 50.86  ? 325 ASP A OD2 1 
ATOM   441 N N   . PHE A 1 58  ? -5.684  -9.186  -11.144 1.00 28.73  ? 326 PHE A N   1 
ATOM   442 C CA  . PHE A 1 58  ? -6.022  -9.577  -9.785  1.00 33.67  ? 326 PHE A CA  1 
ATOM   443 C C   . PHE A 1 58  ? -7.418  -10.165 -9.784  1.00 34.07  ? 326 PHE A C   1 
ATOM   444 O O   . PHE A 1 58  ? -8.186  -9.967  -10.729 1.00 32.07  ? 326 PHE A O   1 
ATOM   445 C CB  . PHE A 1 58  ? -5.943  -8.380  -8.812  1.00 32.28  ? 326 PHE A CB  1 
ATOM   446 C CG  . PHE A 1 58  ? -7.003  -7.334  -9.025  1.00 27.43  ? 326 PHE A CG  1 
ATOM   447 C CD1 . PHE A 1 58  ? -6.789  -6.270  -9.892  1.00 26.91  ? 326 PHE A CD1 1 
ATOM   448 C CD2 . PHE A 1 58  ? -8.211  -7.405  -8.340  1.00 33.15  ? 326 PHE A CD2 1 
ATOM   449 C CE1 . PHE A 1 58  ? -7.759  -5.288  -10.075 1.00 32.35  ? 326 PHE A CE1 1 
ATOM   450 C CE2 . PHE A 1 58  ? -9.193  -6.424  -8.515  1.00 35.00  ? 326 PHE A CE2 1 
ATOM   451 C CZ  . PHE A 1 58  ? -8.963  -5.364  -9.384  1.00 28.52  ? 326 PHE A CZ  1 
ATOM   452 N N   . SER A 1 59  ? -7.746  -10.889 -8.722  1.00 38.08  ? 327 SER A N   1 
ATOM   453 C CA  . SER A 1 59  ? -9.058  -11.511 -8.605  1.00 33.87  ? 327 SER A CA  1 
ATOM   454 C C   . SER A 1 59  ? -9.813  -10.907 -7.429  1.00 35.10  ? 327 SER A C   1 
ATOM   455 O O   . SER A 1 59  ? -9.252  -10.142 -6.644  1.00 36.01  ? 327 SER A O   1 
ATOM   456 C CB  . SER A 1 59  ? -8.896  -13.004 -8.373  1.00 35.66  ? 327 SER A CB  1 
ATOM   457 O OG  . SER A 1 59  ? -8.341  -13.227 -7.089  1.00 35.69  ? 327 SER A OG  1 
ATOM   458 N N   . GLN A 1 60  ? -11.091 -11.251 -7.308  1.00 29.33  ? 328 GLN A N   1 
ATOM   459 C CA  . GLN A 1 60  ? -11.908 -10.748 -6.217  1.00 37.87  ? 328 GLN A CA  1 
ATOM   460 C C   . GLN A 1 60  ? -11.252 -11.068 -4.878  1.00 33.71  ? 328 GLN A C   1 
ATOM   461 O O   . GLN A 1 60  ? -11.354 -10.292 -3.929  1.00 39.59  ? 328 GLN A O   1 
ATOM   462 C CB  . GLN A 1 60  ? -13.306 -11.370 -6.271  1.00 36.53  ? 328 GLN A CB  1 
ATOM   463 C CG  . GLN A 1 60  ? -14.186 -10.831 -7.382  1.00 35.10  ? 328 GLN A CG  1 
ATOM   464 C CD  . GLN A 1 60  ? -15.605 -11.373 -7.297  1.00 39.30  ? 328 GLN A CD  1 
ATOM   465 O OE1 . GLN A 1 60  ? -16.190 -11.431 -6.220  1.00 40.21  ? 328 GLN A OE1 1 
ATOM   466 N NE2 . GLN A 1 60  ? -16.166 -11.759 -8.435  1.00 40.92  ? 328 GLN A NE2 1 
ATOM   467 N N   . ALA A 1 61  ? -10.580 -12.214 -4.813  1.00 30.31  ? 329 ALA A N   1 
ATOM   468 C CA  . ALA A 1 61  ? -9.893  -12.659 -3.600  1.00 36.50  ? 329 ALA A CA  1 
ATOM   469 C C   . ALA A 1 61  ? -8.726  -11.751 -3.209  1.00 38.21  ? 329 ALA A C   1 
ATOM   470 O O   . ALA A 1 61  ? -8.186  -11.865 -2.107  1.00 41.93  ? 329 ALA A O   1 
ATOM   471 C CB  . ALA A 1 61  ? -9.383  -14.082 -3.794  1.00 33.84  ? 329 ALA A CB  1 
ATOM   472 N N   . ASP A 1 62  ? -8.333  -10.857 -4.111  1.00 34.75  ? 330 ASP A N   1 
ATOM   473 C CA  . ASP A 1 62  ? -7.220  -9.953  -3.848  1.00 35.03  ? 330 ASP A CA  1 
ATOM   474 C C   . ASP A 1 62  ? -7.701  -8.591  -3.344  1.00 33.95  ? 330 ASP A C   1 
ATOM   475 O O   . ASP A 1 62  ? -6.901  -7.690  -3.110  1.00 34.72  ? 330 ASP A O   1 
ATOM   476 C CB  . ASP A 1 62  ? -6.370  -9.778  -5.116  1.00 32.29  ? 330 ASP A CB  1 
ATOM   477 C CG  . ASP A 1 62  ? -5.711  -11.075 -5.566  1.00 33.49  ? 330 ASP A CG  1 
ATOM   478 O OD1 . ASP A 1 62  ? -4.939  -11.666 -4.773  1.00 32.32  ? 330 ASP A OD1 1 
ATOM   479 O OD2 . ASP A 1 62  ? -5.965  -11.506 -6.715  1.00 31.82  ? 330 ASP A OD2 1 
ATOM   480 N N   . VAL A 1 63  ? -9.011  -8.447  -3.181  1.00 33.58  ? 331 VAL A N   1 
ATOM   481 C CA  . VAL A 1 63  ? -9.590  -7.206  -2.686  1.00 37.71  ? 331 VAL A CA  1 
ATOM   482 C C   . VAL A 1 63  ? -9.936  -7.442  -1.211  1.00 43.89  ? 331 VAL A C   1 
ATOM   483 O O   . VAL A 1 63  ? -10.847 -8.206  -0.889  1.00 47.33  ? 331 VAL A O   1 
ATOM   484 C CB  . VAL A 1 63  ? -10.849 -6.838  -3.494  1.00 34.95  ? 331 VAL A CB  1 
ATOM   485 C CG1 . VAL A 1 63  ? -11.414 -5.511  -3.021  1.00 33.27  ? 331 VAL A CG1 1 
ATOM   486 C CG2 . VAL A 1 63  ? -10.499 -6.766  -4.970  1.00 36.94  ? 331 VAL A CG2 1 
ATOM   487 N N   . HIS A 1 64  ? -9.197  -6.785  -0.320  1.00 44.85  ? 332 HIS A N   1 
ATOM   488 C CA  . HIS A 1 64  ? -9.381  -6.966  1.118   1.00 44.76  ? 332 HIS A CA  1 
ATOM   489 C C   . HIS A 1 64  ? -9.860  -5.736  1.882   1.00 43.41  ? 332 HIS A C   1 
ATOM   490 O O   . HIS A 1 64  ? -9.424  -4.619  1.619   1.00 42.84  ? 332 HIS A O   1 
ATOM   491 C CB  . HIS A 1 64  ? -8.059  -7.400  1.757   1.00 46.21  ? 332 HIS A CB  1 
ATOM   492 C CG  . HIS A 1 64  ? -7.309  -8.437  0.980   1.00 51.86  ? 332 HIS A CG  1 
ATOM   493 N ND1 . HIS A 1 64  ? -7.670  -9.767  0.966   1.00 50.19  ? 332 HIS A ND1 1 
ATOM   494 C CD2 . HIS A 1 64  ? -6.205  -8.338  0.201   1.00 50.50  ? 332 HIS A CD2 1 
ATOM   495 C CE1 . HIS A 1 64  ? -6.819  -10.443 0.215   1.00 53.80  ? 332 HIS A CE1 1 
ATOM   496 N NE2 . HIS A 1 64  ? -5.921  -9.599  -0.261  1.00 52.41  ? 332 HIS A NE2 1 
ATOM   497 N N   . ARG A 1 65  ? -10.750 -5.947  2.843   1.00 47.65  ? 333 ARG A N   1 
ATOM   498 C CA  . ARG A 1 65  ? -11.211 -4.853  3.685   1.00 51.55  ? 333 ARG A CA  1 
ATOM   499 C C   . ARG A 1 65  ? -10.166 -4.833  4.796   1.00 49.53  ? 333 ARG A C   1 
ATOM   500 O O   . ARG A 1 65  ? -10.033 -5.798  5.543   1.00 53.34  ? 333 ARG A O   1 
ATOM   501 C CB  . ARG A 1 65  ? -12.596 -5.151  4.258   1.00 58.40  ? 333 ARG A CB  1 
ATOM   502 C CG  . ARG A 1 65  ? -13.743 -4.574  3.444   1.00 73.35  ? 333 ARG A CG  1 
ATOM   503 C CD  . ARG A 1 65  ? -15.053 -4.717  4.191   1.00 83.62  ? 333 ARG A CD  1 
ATOM   504 N NE  . ARG A 1 65  ? -14.994 -5.784  5.183   1.00 98.06  ? 333 ARG A NE  1 
ATOM   505 C CZ  . ARG A 1 65  ? -15.461 -7.011  4.988   1.00 103.77 ? 333 ARG A CZ  1 
ATOM   506 N NH1 . ARG A 1 65  ? -16.026 -7.332  3.830   1.00 106.84 ? 333 ARG A NH1 1 
ATOM   507 N NH2 . ARG A 1 65  ? -15.358 -7.921  5.946   1.00 105.20 ? 333 ARG A NH2 1 
ATOM   508 N N   . GLN A 1 66  ? -9.411  -3.745  4.885   1.00 45.73  ? 334 GLN A N   1 
ATOM   509 C CA  . GLN A 1 66  ? -8.352  -3.625  5.880   1.00 48.19  ? 334 GLN A CA  1 
ATOM   510 C C   . GLN A 1 66  ? -8.381  -2.306  6.633   1.00 45.39  ? 334 GLN A C   1 
ATOM   511 O O   . GLN A 1 66  ? -9.087  -1.371  6.267   1.00 44.28  ? 334 GLN A O   1 
ATOM   512 C CB  . GLN A 1 66  ? -6.986  -3.737  5.203   1.00 47.81  ? 334 GLN A CB  1 
ATOM   513 C CG  . GLN A 1 66  ? -6.731  -5.039  4.468   1.00 57.02  ? 334 GLN A CG  1 
ATOM   514 C CD  . GLN A 1 66  ? -6.233  -6.131  5.381   1.00 55.17  ? 334 GLN A CD  1 
ATOM   515 O OE1 . GLN A 1 66  ? -6.934  -6.565  6.291   1.00 64.95  ? 334 GLN A OE1 1 
ATOM   516 N NE2 . GLN A 1 66  ? -5.008  -6.577  5.146   1.00 66.69  ? 334 GLN A NE2 1 
ATOM   517 N N   . ILE A 1 67  ? -7.594  -2.245  7.697   1.00 41.85  ? 335 ILE A N   1 
ATOM   518 C CA  . ILE A 1 67  ? -7.471  -1.030  8.471   1.00 38.15  ? 335 ILE A CA  1 
ATOM   519 C C   . ILE A 1 67  ? -6.043  -0.592  8.236   1.00 36.81  ? 335 ILE A C   1 
ATOM   520 O O   . ILE A 1 67  ? -5.116  -1.396  8.333   1.00 44.85  ? 335 ILE A O   1 
ATOM   521 C CB  . ILE A 1 67  ? -7.703  -1.272  9.972   1.00 42.68  ? 335 ILE A CB  1 
ATOM   522 C CG1 . ILE A 1 67  ? -9.196  -1.487  10.229  1.00 36.54  ? 335 ILE A CG1 1 
ATOM   523 C CG2 . ILE A 1 67  ? -7.167  -0.084  10.774  1.00 36.41  ? 335 ILE A CG2 1 
ATOM   524 C CD1 . ILE A 1 67  ? -9.542  -1.759  11.665  1.00 52.27  ? 335 ILE A CD1 1 
ATOM   525 N N   . ALA A 1 68  ? -5.870  0.676   7.892   1.00 40.81  ? 336 ALA A N   1 
ATOM   526 C CA  . ALA A 1 68  ? -4.551  1.221   7.628   1.00 41.12  ? 336 ALA A CA  1 
ATOM   527 C C   . ALA A 1 68  ? -4.199  2.195   8.730   1.00 40.40  ? 336 ALA A C   1 
ATOM   528 O O   . ALA A 1 68  ? -5.012  3.050   9.097   1.00 41.57  ? 336 ALA A O   1 
ATOM   529 C CB  . ALA A 1 68  ? -4.537  1.935   6.280   1.00 36.44  ? 336 ALA A CB  1 
ATOM   530 N N   . ILE A 1 69  ? -2.991  2.061   9.264   1.00 36.40  ? 337 ILE A N   1 
ATOM   531 C CA  . ILE A 1 69  ? -2.543  2.955   10.321  1.00 35.76  ? 337 ILE A CA  1 
ATOM   532 C C   . ILE A 1 69  ? -1.322  3.735   9.870   1.00 32.88  ? 337 ILE A C   1 
ATOM   533 O O   . ILE A 1 69  ? -0.276  3.152   9.592   1.00 33.95  ? 337 ILE A O   1 
ATOM   534 C CB  . ILE A 1 69  ? -2.189  2.180   11.589  1.00 32.20  ? 337 ILE A CB  1 
ATOM   535 C CG1 . ILE A 1 69  ? -3.448  1.552   12.172  1.00 34.12  ? 337 ILE A CG1 1 
ATOM   536 C CG2 . ILE A 1 69  ? -1.550  3.115   12.613  1.00 34.85  ? 337 ILE A CG2 1 
ATOM   537 C CD1 . ILE A 1 69  ? -3.164  0.685   13.372  1.00 31.02  ? 337 ILE A CD1 1 
ATOM   538 N N   . VAL A 1 70  ? -1.473  5.054   9.789   1.00 31.10  ? 338 VAL A N   1 
ATOM   539 C CA  . VAL A 1 70  ? -0.382  5.933   9.391   1.00 39.77  ? 338 VAL A CA  1 
ATOM   540 C C   . VAL A 1 70  ? 0.324   6.317   10.682  1.00 38.32  ? 338 VAL A C   1 
ATOM   541 O O   . VAL A 1 70  ? -0.327  6.652   11.674  1.00 33.68  ? 338 VAL A O   1 
ATOM   542 C CB  . VAL A 1 70  ? -0.909  7.204   8.696   1.00 38.14  ? 338 VAL A CB  1 
ATOM   543 C CG1 . VAL A 1 70  ? 0.247   8.101   8.312   1.00 36.84  ? 338 VAL A CG1 1 
ATOM   544 C CG2 . VAL A 1 70  ? -1.713  6.821   7.456   1.00 35.82  ? 338 VAL A CG2 1 
ATOM   545 N N   . PHE A 1 71  ? 1.651   6.264   10.685  1.00 35.28  ? 339 PHE A N   1 
ATOM   546 C CA  . PHE A 1 71  ? 2.387   6.585   11.900  1.00 35.26  ? 339 PHE A CA  1 
ATOM   547 C C   . PHE A 1 71  ? 3.809   7.012   11.618  1.00 32.19  ? 339 PHE A C   1 
ATOM   548 O O   . PHE A 1 71  ? 4.337   6.770   10.536  1.00 38.52  ? 339 PHE A O   1 
ATOM   549 C CB  . PHE A 1 71  ? 2.398   5.360   12.830  1.00 27.20  ? 339 PHE A CB  1 
ATOM   550 C CG  . PHE A 1 71  ? 3.183   4.190   12.288  1.00 31.21  ? 339 PHE A CG  1 
ATOM   551 C CD1 . PHE A 1 71  ? 4.560   4.094   12.498  1.00 31.59  ? 339 PHE A CD1 1 
ATOM   552 C CD2 . PHE A 1 71  ? 2.548   3.200   11.537  1.00 33.54  ? 339 PHE A CD2 1 
ATOM   553 C CE1 . PHE A 1 71  ? 5.292   3.027   11.966  1.00 28.43  ? 339 PHE A CE1 1 
ATOM   554 C CE2 . PHE A 1 71  ? 3.266   2.130   11.000  1.00 27.98  ? 339 PHE A CE2 1 
ATOM   555 C CZ  . PHE A 1 71  ? 4.640   2.041   11.213  1.00 31.43  ? 339 PHE A CZ  1 
ATOM   556 N N   . LYS A 1 72  ? 4.417   7.654   12.610  1.00 37.34  ? 340 LYS A N   1 
ATOM   557 C CA  . LYS A 1 72  ? 5.798   8.108   12.529  1.00 33.77  ? 340 LYS A CA  1 
ATOM   558 C C   . LYS A 1 72  ? 6.599   7.146   13.394  1.00 33.84  ? 340 LYS A C   1 
ATOM   559 O O   . LYS A 1 72  ? 6.193   6.819   14.506  1.00 33.85  ? 340 LYS A O   1 
ATOM   560 C CB  . LYS A 1 72  ? 5.935   9.535   13.064  1.00 37.43  ? 340 LYS A CB  1 
ATOM   561 C CG  . LYS A 1 72  ? 6.053   10.594  11.983  1.00 51.87  ? 340 LYS A CG  1 
ATOM   562 C CD  . LYS A 1 72  ? 6.332   11.964  12.577  1.00 57.42  ? 340 LYS A CD  1 
ATOM   563 C CE  . LYS A 1 72  ? 6.712   12.966  11.496  1.00 67.32  ? 340 LYS A CE  1 
ATOM   564 N NZ  . LYS A 1 72  ? 5.698   13.035  10.407  1.00 71.90  ? 340 LYS A NZ  1 
ATOM   565 N N   . THR A 1 73  ? 7.738   6.701   12.882  1.00 33.74  ? 341 THR A N   1 
ATOM   566 C CA  . THR A 1 73  ? 8.577   5.749   13.591  1.00 33.78  ? 341 THR A CA  1 
ATOM   567 C C   . THR A 1 73  ? 9.359   6.344   14.750  1.00 36.39  ? 341 THR A C   1 
ATOM   568 O O   . THR A 1 73  ? 9.701   7.524   14.749  1.00 37.99  ? 341 THR A O   1 
ATOM   569 C CB  . THR A 1 73  ? 9.624   5.115   12.649  1.00 33.57  ? 341 THR A CB  1 
ATOM   570 O OG1 . THR A 1 73  ? 10.472  6.151   12.132  1.00 35.99  ? 341 THR A OG1 1 
ATOM   571 C CG2 . THR A 1 73  ? 8.962   4.394   11.500  1.00 29.76  ? 341 THR A CG2 1 
ATOM   572 N N   . PRO A 1 74  ? 9.647   5.524   15.769  1.00 36.16  ? 342 PRO A N   1 
ATOM   573 C CA  . PRO A 1 74  ? 10.414  6.011   16.911  1.00 35.21  ? 342 PRO A CA  1 
ATOM   574 C C   . PRO A 1 74  ? 11.872  5.874   16.468  1.00 39.55  ? 342 PRO A C   1 
ATOM   575 O O   . PRO A 1 74  ? 12.183  5.068   15.589  1.00 33.91  ? 342 PRO A O   1 
ATOM   576 C CB  . PRO A 1 74  ? 10.052  5.017   18.003  1.00 35.52  ? 342 PRO A CB  1 
ATOM   577 C CG  . PRO A 1 74  ? 9.959   3.738   17.235  1.00 34.27  ? 342 PRO A CG  1 
ATOM   578 C CD  . PRO A 1 74  ? 9.165   4.150   16.009  1.00 33.15  ? 342 PRO A CD  1 
ATOM   579 N N   . PRO A 1 75  ? 12.785  6.670   17.035  1.00 43.83  ? 343 PRO A N   1 
ATOM   580 C CA  . PRO A 1 75  ? 14.160  6.483   16.569  1.00 44.08  ? 343 PRO A CA  1 
ATOM   581 C C   . PRO A 1 75  ? 14.714  5.221   17.212  1.00 44.37  ? 343 PRO A C   1 
ATOM   582 O O   . PRO A 1 75  ? 14.142  4.710   18.177  1.00 42.28  ? 343 PRO A O   1 
ATOM   583 C CB  . PRO A 1 75  ? 14.859  7.741   17.065  1.00 46.46  ? 343 PRO A CB  1 
ATOM   584 C CG  . PRO A 1 75  ? 14.160  8.002   18.361  1.00 48.82  ? 343 PRO A CG  1 
ATOM   585 C CD  . PRO A 1 75  ? 12.700  7.766   18.015  1.00 47.38  ? 343 PRO A CD  1 
ATOM   586 N N   . TYR A 1 76  ? 15.807  4.697   16.678  1.00 45.01  ? 344 TYR A N   1 
ATOM   587 C CA  . TYR A 1 76  ? 16.381  3.514   17.278  1.00 44.50  ? 344 TYR A CA  1 
ATOM   588 C C   . TYR A 1 76  ? 17.196  3.945   18.490  1.00 47.63  ? 344 TYR A C   1 
ATOM   589 O O   . TYR A 1 76  ? 17.559  5.112   18.623  1.00 47.63  ? 344 TYR A O   1 
ATOM   590 C CB  . TYR A 1 76  ? 17.260  2.760   16.281  1.00 44.75  ? 344 TYR A CB  1 
ATOM   591 C CG  . TYR A 1 76  ? 17.826  1.483   16.853  1.00 45.34  ? 344 TYR A CG  1 
ATOM   592 C CD1 . TYR A 1 76  ? 16.995  0.551   17.476  1.00 48.00  ? 344 TYR A CD1 1 
ATOM   593 C CD2 . TYR A 1 76  ? 19.196  1.213   16.797  1.00 47.71  ? 344 TYR A CD2 1 
ATOM   594 C CE1 . TYR A 1 76  ? 17.515  -0.618  18.039  1.00 49.60  ? 344 TYR A CE1 1 
ATOM   595 C CE2 . TYR A 1 76  ? 19.726  0.050   17.354  1.00 45.80  ? 344 TYR A CE2 1 
ATOM   596 C CZ  . TYR A 1 76  ? 18.880  -0.860  17.975  1.00 50.75  ? 344 TYR A CZ  1 
ATOM   597 O OH  . TYR A 1 76  ? 19.399  -2.000  18.543  1.00 49.35  ? 344 TYR A OH  1 
ATOM   598 N N   . GLU A 1 77  ? 17.462  2.992   19.375  1.00 51.40  ? 345 GLU A N   1 
ATOM   599 C CA  . GLU A 1 77  ? 18.224  3.224   20.595  1.00 52.55  ? 345 GLU A CA  1 
ATOM   600 C C   . GLU A 1 77  ? 19.588  3.839   20.302  1.00 52.25  ? 345 GLU A C   1 
ATOM   601 O O   . GLU A 1 77  ? 19.980  4.820   20.930  1.00 55.09  ? 345 GLU A O   1 
ATOM   602 C CB  . GLU A 1 77  ? 18.413  1.891   21.320  1.00 56.44  ? 345 GLU A CB  1 
ATOM   603 C CG  . GLU A 1 77  ? 18.650  1.995   22.805  1.00 61.63  ? 345 GLU A CG  1 
ATOM   604 C CD  . GLU A 1 77  ? 18.729  0.631   23.462  1.00 58.72  ? 345 GLU A CD  1 
ATOM   605 O OE1 . GLU A 1 77  ? 18.477  0.542   24.680  1.00 64.36  ? 345 GLU A OE1 1 
ATOM   606 O OE2 . GLU A 1 77  ? 19.048  -0.353  22.760  1.00 58.25  ? 345 GLU A OE2 1 
ATOM   607 N N   . ASP A 1 78  ? 20.302  3.256   19.344  1.00 53.88  ? 346 ASP A N   1 
ATOM   608 C CA  . ASP A 1 78  ? 21.634  3.726   18.972  1.00 57.26  ? 346 ASP A CA  1 
ATOM   609 C C   . ASP A 1 78  ? 21.665  4.334   17.573  1.00 58.58  ? 346 ASP A C   1 
ATOM   610 O O   . ASP A 1 78  ? 21.516  3.633   16.566  1.00 54.77  ? 346 ASP A O   1 
ATOM   611 C CB  . ASP A 1 78  ? 22.638  2.570   19.058  1.00 65.59  ? 346 ASP A CB  1 
ATOM   612 C CG  . ASP A 1 78  ? 24.026  2.965   18.589  1.00 73.53  ? 346 ASP A CG  1 
ATOM   613 O OD1 . ASP A 1 78  ? 24.554  3.987   19.076  1.00 78.45  ? 346 ASP A OD1 1 
ATOM   614 O OD2 . ASP A 1 78  ? 24.592  2.250   17.736  1.00 79.99  ? 346 ASP A OD2 1 
ATOM   615 N N   . LEU A 1 79  ? 21.871  5.645   17.520  1.00 56.04  ? 347 LEU A N   1 
ATOM   616 C CA  . LEU A 1 79  ? 21.919  6.364   16.256  1.00 54.40  ? 347 LEU A CA  1 
ATOM   617 C C   . LEU A 1 79  ? 23.279  6.246   15.573  1.00 55.47  ? 347 LEU A C   1 
ATOM   618 O O   . LEU A 1 79  ? 23.484  6.795   14.488  1.00 55.24  ? 347 LEU A O   1 
ATOM   619 C CB  . LEU A 1 79  ? 21.588  7.838   16.493  1.00 51.48  ? 347 LEU A CB  1 
ATOM   620 C CG  . LEU A 1 79  ? 20.236  8.098   17.160  1.00 53.10  ? 347 LEU A CG  1 
ATOM   621 C CD1 . LEU A 1 79  ? 20.070  9.576   17.438  1.00 52.18  ? 347 LEU A CD1 1 
ATOM   622 C CD2 . LEU A 1 79  ? 19.124  7.596   16.256  1.00 53.54  ? 347 LEU A CD2 1 
ATOM   623 N N   . GLU A 1 80  ? 24.199  5.515   16.194  1.00 56.92  ? 348 GLU A N   1 
ATOM   624 C CA  . GLU A 1 80  ? 25.536  5.363   15.633  1.00 59.40  ? 348 GLU A CA  1 
ATOM   625 C C   . GLU A 1 80  ? 25.787  4.002   14.995  1.00 60.05  ? 348 GLU A C   1 
ATOM   626 O O   . GLU A 1 80  ? 26.917  3.697   14.624  1.00 64.70  ? 348 GLU A O   1 
ATOM   627 C CB  . GLU A 1 80  ? 26.591  5.616   16.716  1.00 55.39  ? 348 GLU A CB  1 
ATOM   628 C CG  . GLU A 1 80  ? 26.289  6.804   17.622  1.00 64.30  ? 348 GLU A CG  1 
ATOM   629 C CD  . GLU A 1 80  ? 26.116  8.115   16.867  1.00 70.28  ? 348 GLU A CD  1 
ATOM   630 O OE1 . GLU A 1 80  ? 25.688  9.107   17.498  1.00 71.77  ? 348 GLU A OE1 1 
ATOM   631 O OE2 . GLU A 1 80  ? 26.407  8.160   15.652  1.00 68.62  ? 348 GLU A OE2 1 
ATOM   632 N N   . ILE A 1 81  ? 24.746  3.184   14.866  1.00 59.47  ? 349 ILE A N   1 
ATOM   633 C CA  . ILE A 1 81  ? 24.910  1.865   14.263  1.00 57.82  ? 349 ILE A CA  1 
ATOM   634 C C   . ILE A 1 81  ? 25.644  1.994   12.937  1.00 62.69  ? 349 ILE A C   1 
ATOM   635 O O   . ILE A 1 81  ? 25.359  2.893   12.143  1.00 63.44  ? 349 ILE A O   1 
ATOM   636 C CB  . ILE A 1 81  ? 23.549  1.158   14.003  1.00 55.99  ? 349 ILE A CB  1 
ATOM   637 C CG1 . ILE A 1 81  ? 22.683  1.995   13.057  1.00 55.82  ? 349 ILE A CG1 1 
ATOM   638 C CG2 . ILE A 1 81  ? 22.829  0.921   15.320  1.00 54.36  ? 349 ILE A CG2 1 
ATOM   639 C CD1 . ILE A 1 81  ? 21.409  1.298   12.599  1.00 51.58  ? 349 ILE A CD1 1 
ATOM   640 N N   . SER A 1 82  ? 26.597  1.096   12.709  1.00 65.43  ? 350 SER A N   1 
ATOM   641 C CA  . SER A 1 82  ? 27.384  1.104   11.484  1.00 65.44  ? 350 SER A CA  1 
ATOM   642 C C   . SER A 1 82  ? 26.810  0.094   10.503  1.00 65.07  ? 350 SER A C   1 
ATOM   643 O O   . SER A 1 82  ? 27.079  0.152   9.302   1.00 62.26  ? 350 SER A O   1 
ATOM   644 C CB  . SER A 1 82  ? 28.841  0.749   11.793  1.00 65.80  ? 350 SER A CB  1 
ATOM   645 O OG  . SER A 1 82  ? 28.940  -0.552  12.348  1.00 57.43  ? 350 SER A OG  1 
ATOM   646 N N   . GLU A 1 83  ? 26.019  -0.834  11.029  1.00 64.39  ? 351 GLU A N   1 
ATOM   647 C CA  . GLU A 1 83  ? 25.405  -1.870  10.208  1.00 64.78  ? 351 GLU A CA  1 
ATOM   648 C C   . GLU A 1 83  ? 23.891  -1.862  10.381  1.00 61.34  ? 351 GLU A C   1 
ATOM   649 O O   . GLU A 1 83  ? 23.369  -1.301  11.346  1.00 56.20  ? 351 GLU A O   1 
ATOM   650 C CB  . GLU A 1 83  ? 25.959  -3.242  10.599  1.00 73.41  ? 351 GLU A CB  1 
ATOM   651 C CG  . GLU A 1 83  ? 27.453  -3.407  10.364  1.00 88.17  ? 351 GLU A CG  1 
ATOM   652 C CD  . GLU A 1 83  ? 27.816  -3.443  8.891   1.00 97.83  ? 351 GLU A CD  1 
ATOM   653 O OE1 . GLU A 1 83  ? 27.502  -2.471  8.171   1.00 104.87 ? 351 GLU A OE1 1 
ATOM   654 O OE2 . GLU A 1 83  ? 28.417  -4.447  8.452   1.00 104.25 ? 351 GLU A OE2 1 
ATOM   655 N N   . PRO A 1 84  ? 23.163  -2.474  9.435   1.00 61.14  ? 352 PRO A N   1 
ATOM   656 C CA  . PRO A 1 84  ? 21.701  -2.521  9.525   1.00 57.73  ? 352 PRO A CA  1 
ATOM   657 C C   . PRO A 1 84  ? 21.268  -3.332  10.741  1.00 56.53  ? 352 PRO A C   1 
ATOM   658 O O   . PRO A 1 84  ? 21.942  -4.283  11.140  1.00 60.96  ? 352 PRO A O   1 
ATOM   659 C CB  . PRO A 1 84  ? 21.295  -3.194  8.217   1.00 56.98  ? 352 PRO A CB  1 
ATOM   660 C CG  . PRO A 1 84  ? 22.378  -2.768  7.272   1.00 60.16  ? 352 PRO A CG  1 
ATOM   661 C CD  . PRO A 1 84  ? 23.615  -2.953  8.117   1.00 61.90  ? 352 PRO A CD  1 
ATOM   662 N N   . VAL A 1 85  ? 20.146  -2.947  11.330  1.00 49.85  ? 353 VAL A N   1 
ATOM   663 C CA  . VAL A 1 85  ? 19.619  -3.645  12.490  1.00 45.05  ? 353 VAL A CA  1 
ATOM   664 C C   . VAL A 1 85  ? 18.123  -3.837  12.301  1.00 44.97  ? 353 VAL A C   1 
ATOM   665 O O   . VAL A 1 85  ? 17.381  -2.859  12.188  1.00 44.70  ? 353 VAL A O   1 
ATOM   666 C CB  . VAL A 1 85  ? 19.853  -2.837  13.768  1.00 43.64  ? 353 VAL A CB  1 
ATOM   667 C CG1 . VAL A 1 85  ? 19.230  -3.555  14.953  1.00 48.69  ? 353 VAL A CG1 1 
ATOM   668 C CG2 . VAL A 1 85  ? 21.345  -2.628  13.985  1.00 47.66  ? 353 VAL A CG2 1 
ATOM   669 N N   . THR A 1 86  ? 17.669  -5.085  12.252  1.00 35.12  ? 354 THR A N   1 
ATOM   670 C CA  . THR A 1 86  ? 16.248  -5.302  12.071  1.00 41.09  ? 354 THR A CA  1 
ATOM   671 C C   . THR A 1 86  ? 15.560  -5.740  13.360  1.00 41.13  ? 354 THR A C   1 
ATOM   672 O O   . THR A 1 86  ? 15.885  -6.770  13.955  1.00 37.55  ? 354 THR A O   1 
ATOM   673 C CB  . THR A 1 86  ? 15.953  -6.288  10.907  1.00 38.66  ? 354 THR A CB  1 
ATOM   674 O OG1 . THR A 1 86  ? 15.288  -7.448  11.405  1.00 44.09  ? 354 THR A OG1 1 
ATOM   675 C CG2 . THR A 1 86  ? 17.219  -6.675  10.193  1.00 33.40  ? 354 THR A CG2 1 
ATOM   676 N N   . VAL A 1 87  ? 14.613  -4.908  13.782  1.00 34.18  ? 355 VAL A N   1 
ATOM   677 C CA  . VAL A 1 87  ? 13.841  -5.109  14.994  1.00 36.92  ? 355 VAL A CA  1 
ATOM   678 C C   . VAL A 1 87  ? 12.463  -5.712  14.696  1.00 36.97  ? 355 VAL A C   1 
ATOM   679 O O   . VAL A 1 87  ? 12.188  -6.126  13.571  1.00 33.86  ? 355 VAL A O   1 
ATOM   680 C CB  . VAL A 1 87  ? 13.655  -3.760  15.708  1.00 33.07  ? 355 VAL A CB  1 
ATOM   681 C CG1 . VAL A 1 87  ? 14.998  -3.062  15.845  1.00 29.85  ? 355 VAL A CG1 1 
ATOM   682 C CG2 . VAL A 1 87  ? 12.713  -2.883  14.913  1.00 32.68  ? 355 VAL A CG2 1 
ATOM   683 N N   . ASN A 1 88  ? 11.606  -5.752  15.717  1.00 34.82  ? 356 ASN A N   1 
ATOM   684 C CA  . ASN A 1 88  ? 10.249  -6.294  15.600  1.00 28.57  ? 356 ASN A CA  1 
ATOM   685 C C   . ASN A 1 88  ? 9.254   -5.139  15.660  1.00 29.76  ? 356 ASN A C   1 
ATOM   686 O O   . ASN A 1 88  ? 9.473   -4.167  16.380  1.00 30.85  ? 356 ASN A O   1 
ATOM   687 C CB  . ASN A 1 88  ? 9.934   -7.236  16.775  1.00 35.97  ? 356 ASN A CB  1 
ATOM   688 C CG  . ASN A 1 88  ? 10.561  -8.615  16.634  1.00 37.97  ? 356 ASN A CG  1 
ATOM   689 O OD1 . ASN A 1 88  ? 10.998  -9.207  17.626  1.00 38.64  ? 356 ASN A OD1 1 
ATOM   690 N ND2 . ASN A 1 88  ? 10.584  -9.144  15.413  1.00 30.99  ? 356 ASN A ND2 1 
ATOM   691 N N   . VAL A 1 89  ? 8.166   -5.243  14.904  1.00 31.57  ? 357 VAL A N   1 
ATOM   692 C CA  . VAL A 1 89  ? 7.118   -4.228  14.925  1.00 30.90  ? 357 VAL A CA  1 
ATOM   693 C C   . VAL A 1 89  ? 5.829   -5.004  15.144  1.00 33.28  ? 357 VAL A C   1 
ATOM   694 O O   . VAL A 1 89  ? 5.562   -5.972  14.434  1.00 30.80  ? 357 VAL A O   1 
ATOM   695 C CB  . VAL A 1 89  ? 7.010   -3.457  13.595  1.00 29.85  ? 357 VAL A CB  1 
ATOM   696 C CG1 . VAL A 1 89  ? 5.922   -2.392  13.705  1.00 32.10  ? 357 VAL A CG1 1 
ATOM   697 C CG2 . VAL A 1 89  ? 8.343   -2.810  13.258  1.00 32.96  ? 357 VAL A CG2 1 
ATOM   698 N N   . PHE A 1 90  ? 5.036   -4.586  16.127  1.00 25.92  ? 358 PHE A N   1 
ATOM   699 C CA  . PHE A 1 90  ? 3.793   -5.282  16.427  1.00 28.21  ? 358 PHE A CA  1 
ATOM   700 C C   . PHE A 1 90  ? 2.732   -4.378  17.027  1.00 33.55  ? 358 PHE A C   1 
ATOM   701 O O   . PHE A 1 90  ? 3.029   -3.293  17.536  1.00 36.20  ? 358 PHE A O   1 
ATOM   702 C CB  . PHE A 1 90  ? 4.077   -6.444  17.383  1.00 35.68  ? 358 PHE A CB  1 
ATOM   703 C CG  . PHE A 1 90  ? 4.740   -6.025  18.666  1.00 38.52  ? 358 PHE A CG  1 
ATOM   704 C CD1 . PHE A 1 90  ? 3.980   -5.742  19.800  1.00 37.59  ? 358 PHE A CD1 1 
ATOM   705 C CD2 . PHE A 1 90  ? 6.128   -5.902  18.738  1.00 36.48  ? 358 PHE A CD2 1 
ATOM   706 C CE1 . PHE A 1 90  ? 4.592   -5.344  20.991  1.00 36.72  ? 358 PHE A CE1 1 
ATOM   707 C CE2 . PHE A 1 90  ? 6.750   -5.504  19.918  1.00 32.56  ? 358 PHE A CE2 1 
ATOM   708 C CZ  . PHE A 1 90  ? 5.983   -5.223  21.050  1.00 39.33  ? 358 PHE A CZ  1 
ATOM   709 N N   . LEU A 1 91  ? 1.484   -4.824  16.953  1.00 28.67  ? 359 LEU A N   1 
ATOM   710 C CA  . LEU A 1 91  ? 0.378   -4.058  17.510  1.00 35.15  ? 359 LEU A CA  1 
ATOM   711 C C   . LEU A 1 91  ? 0.233   -4.406  18.983  1.00 32.48  ? 359 LEU A C   1 
ATOM   712 O O   . LEU A 1 91  ? 0.572   -5.511  19.397  1.00 37.82  ? 359 LEU A O   1 
ATOM   713 C CB  . LEU A 1 91  ? -0.928  -4.406  16.788  1.00 31.73  ? 359 LEU A CB  1 
ATOM   714 C CG  . LEU A 1 91  ? -0.994  -4.072  15.300  1.00 38.76  ? 359 LEU A CG  1 
ATOM   715 C CD1 . LEU A 1 91  ? -2.251  -4.690  14.682  1.00 38.52  ? 359 LEU A CD1 1 
ATOM   716 C CD2 . LEU A 1 91  ? -0.992  -2.557  15.127  1.00 33.23  ? 359 LEU A CD2 1 
ATOM   717 N N   . GLN A 1 92  ? -0.250  -3.463  19.779  1.00 34.34  ? 360 GLN A N   1 
ATOM   718 C CA  . GLN A 1 92  ? -0.485  -3.740  21.192  1.00 39.47  ? 360 GLN A CA  1 
ATOM   719 C C   . GLN A 1 92  ? -1.711  -2.982  21.678  1.00 36.03  ? 360 GLN A C   1 
ATOM   720 O O   . GLN A 1 92  ? -1.812  -1.767  21.530  1.00 35.25  ? 360 GLN A O   1 
ATOM   721 C CB  . GLN A 1 92  ? 0.722   -3.382  22.061  1.00 33.79  ? 360 GLN A CB  1 
ATOM   722 C CG  . GLN A 1 92  ? 0.445   -3.596  23.551  1.00 42.78  ? 360 GLN A CG  1 
ATOM   723 C CD  . GLN A 1 92  ? 1.687   -3.503  24.411  1.00 47.06  ? 360 GLN A CD  1 
ATOM   724 O OE1 . GLN A 1 92  ? 2.456   -2.555  24.307  1.00 54.07  ? 360 GLN A OE1 1 
ATOM   725 N NE2 . GLN A 1 92  ? 1.879   -4.489  25.279  1.00 46.73  ? 360 GLN A NE2 1 
ATOM   726 N N   . ARG A 1 93  ? -2.652  -3.716  22.252  1.00 41.98  ? 361 ARG A N   1 
ATOM   727 C CA  . ARG A 1 93  ? -3.873  -3.113  22.747  1.00 46.71  ? 361 ARG A CA  1 
ATOM   728 C C   . ARG A 1 93  ? -3.606  -2.532  24.134  1.00 49.07  ? 361 ARG A C   1 
ATOM   729 O O   . ARG A 1 93  ? -3.061  -3.207  25.006  1.00 51.10  ? 361 ARG A O   1 
ATOM   730 C CB  . ARG A 1 93  ? -4.969  -4.174  22.779  1.00 42.60  ? 361 ARG A CB  1 
ATOM   731 C CG  . ARG A 1 93  ? -6.371  -3.620  22.698  1.00 48.09  ? 361 ARG A CG  1 
ATOM   732 C CD  . ARG A 1 93  ? -7.321  -4.728  22.308  1.00 48.41  ? 361 ARG A CD  1 
ATOM   733 N NE  . ARG A 1 93  ? -7.081  -5.937  23.088  1.00 43.67  ? 361 ARG A NE  1 
ATOM   734 C CZ  . ARG A 1 93  ? -7.513  -7.144  22.737  1.00 49.34  ? 361 ARG A CZ  1 
ATOM   735 N NH1 . ARG A 1 93  ? -8.206  -7.297  21.617  1.00 45.72  ? 361 ARG A NH1 1 
ATOM   736 N NH2 . ARG A 1 93  ? -7.252  -8.196  23.501  1.00 48.73  ? 361 ARG A NH2 1 
ATOM   737 N N   . LEU A 1 94  ? -3.978  -1.271  24.322  1.00 49.87  ? 362 LEU A N   1 
ATOM   738 C CA  . LEU A 1 94  ? -3.765  -0.566  25.585  1.00 51.63  ? 362 LEU A CA  1 
ATOM   739 C C   . LEU A 1 94  ? -4.519  -1.107  26.803  1.00 54.19  ? 362 LEU A C   1 
ATOM   740 O O   . LEU A 1 94  ? -3.944  -1.230  27.884  1.00 57.51  ? 362 LEU A O   1 
ATOM   741 C CB  . LEU A 1 94  ? -4.095  0.917   25.398  1.00 50.74  ? 362 LEU A CB  1 
ATOM   742 C CG  . LEU A 1 94  ? -3.057  1.824   24.721  1.00 49.77  ? 362 LEU A CG  1 
ATOM   743 C CD1 . LEU A 1 94  ? -2.355  1.098   23.601  1.00 55.41  ? 362 LEU A CD1 1 
ATOM   744 C CD2 . LEU A 1 94  ? -3.747  3.079   24.203  1.00 52.67  ? 362 LEU A CD2 1 
ATOM   745 N N   . THR A 1 95  ? -5.798  -1.427  26.634  1.00 54.04  ? 363 THR A N   1 
ATOM   746 C CA  . THR A 1 95  ? -6.607  -1.930  27.741  1.00 53.84  ? 363 THR A CA  1 
ATOM   747 C C   . THR A 1 95  ? -6.059  -3.175  28.434  1.00 57.04  ? 363 THR A C   1 
ATOM   748 O O   . THR A 1 95  ? -5.876  -3.172  29.650  1.00 62.16  ? 363 THR A O   1 
ATOM   749 C CB  . THR A 1 95  ? -8.041  -2.232  27.287  1.00 49.76  ? 363 THR A CB  1 
ATOM   750 O OG1 . THR A 1 95  ? -8.007  -3.106  26.154  1.00 51.88  ? 363 THR A OG1 1 
ATOM   751 C CG2 . THR A 1 95  ? -8.764  -0.950  26.921  1.00 49.95  ? 363 THR A CG2 1 
ATOM   752 N N   . ASP A 1 96  ? -5.801  -4.235  27.672  1.00 55.60  ? 364 ASP A N   1 
ATOM   753 C CA  . ASP A 1 96  ? -5.288  -5.475  28.259  1.00 51.44  ? 364 ASP A CA  1 
ATOM   754 C C   . ASP A 1 96  ? -3.844  -5.814  27.891  1.00 48.81  ? 364 ASP A C   1 
ATOM   755 O O   . ASP A 1 96  ? -3.337  -6.875  28.265  1.00 50.55  ? 364 ASP A O   1 
ATOM   756 C CB  . ASP A 1 96  ? -6.198  -6.648  27.882  1.00 50.56  ? 364 ASP A CB  1 
ATOM   757 C CG  . ASP A 1 96  ? -6.317  -6.837  26.385  1.00 51.08  ? 364 ASP A CG  1 
ATOM   758 O OD1 . ASP A 1 96  ? -7.028  -7.771  25.957  1.00 50.30  ? 364 ASP A OD1 1 
ATOM   759 O OD2 . ASP A 1 96  ? -5.699  -6.053  25.637  1.00 46.84  ? 364 ASP A OD2 1 
ATOM   760 N N   . GLY A 1 97  ? -3.190  -4.922  27.151  1.00 50.82  ? 365 GLY A N   1 
ATOM   761 C CA  . GLY A 1 97  ? -1.804  -5.146  26.766  1.00 47.61  ? 365 GLY A CA  1 
ATOM   762 C C   . GLY A 1 97  ? -1.526  -6.324  25.844  1.00 44.85  ? 365 GLY A C   1 
ATOM   763 O O   . GLY A 1 97  ? -0.372  -6.715  25.665  1.00 46.92  ? 365 GLY A O   1 
ATOM   764 N N   . VAL A 1 98  ? -2.569  -6.901  25.263  1.00 39.68  ? 366 VAL A N   1 
ATOM   765 C CA  . VAL A 1 98  ? -2.395  -8.029  24.357  1.00 43.27  ? 366 VAL A CA  1 
ATOM   766 C C   . VAL A 1 98  ? -1.731  -7.538  23.068  1.00 43.23  ? 366 VAL A C   1 
ATOM   767 O O   . VAL A 1 98  ? -2.042  -6.448  22.583  1.00 41.56  ? 366 VAL A O   1 
ATOM   768 C CB  . VAL A 1 98  ? -3.750  -8.676  24.020  1.00 44.90  ? 366 VAL A CB  1 
ATOM   769 C CG1 . VAL A 1 98  ? -3.547  -9.807  23.040  1.00 51.23  ? 366 VAL A CG1 1 
ATOM   770 C CG2 . VAL A 1 98  ? -4.398  -9.203  25.283  1.00 46.97  ? 366 VAL A CG2 1 
ATOM   771 N N   . CYS A 1 99  ? -0.823  -8.342  22.515  1.00 41.30  ? 367 CYS A N   1 
ATOM   772 C CA  . CYS A 1 99  ? -0.104  -7.973  21.294  1.00 41.54  ? 367 CYS A CA  1 
ATOM   773 C C   . CYS A 1 99  ? -0.373  -8.879  20.100  1.00 43.83  ? 367 CYS A C   1 
ATOM   774 O O   . CYS A 1 99  ? -1.063  -9.891  20.206  1.00 44.79  ? 367 CYS A O   1 
ATOM   775 C CB  . CYS A 1 99  ? 1.403   -7.974  21.551  1.00 36.71  ? 367 CYS A CB  1 
ATOM   776 S SG  . CYS A 1 99  ? 1.918   -6.914  22.905  1.00 39.57  ? 367 CYS A SG  1 
ATOM   777 N N   . SER A 1 100 ? 0.198   -8.500  18.960  1.00 39.99  ? 368 SER A N   1 
ATOM   778 C CA  . SER A 1 100 ? 0.065   -9.268  17.731  1.00 37.01  ? 368 SER A CA  1 
ATOM   779 C C   . SER A 1 100 ? 1.431   -9.856  17.426  1.00 40.09  ? 368 SER A C   1 
ATOM   780 O O   . SER A 1 100 ? 2.430   -9.456  18.028  1.00 31.19  ? 368 SER A O   1 
ATOM   781 C CB  . SER A 1 100 ? -0.321  -8.358  16.570  1.00 43.25  ? 368 SER A CB  1 
ATOM   782 O OG  . SER A 1 100 ? 0.821   -7.668  16.078  1.00 37.56  ? 368 SER A OG  1 
ATOM   783 N N   . GLU A 1 101 ? 1.478   -10.808 16.499  1.00 36.58  ? 369 GLU A N   1 
ATOM   784 C CA  . GLU A 1 101 ? 2.756   -11.380 16.105  1.00 38.27  ? 369 GLU A CA  1 
ATOM   785 C C   . GLU A 1 101 ? 3.527   -10.215 15.497  1.00 35.56  ? 369 GLU A C   1 
ATOM   786 O O   . GLU A 1 101 ? 2.933   -9.306  14.916  1.00 34.86  ? 369 GLU A O   1 
ATOM   787 C CB  . GLU A 1 101 ? 2.562   -12.486 15.064  1.00 42.54  ? 369 GLU A CB  1 
ATOM   788 C CG  . GLU A 1 101 ? 2.039   -13.786 15.651  1.00 49.11  ? 369 GLU A CG  1 
ATOM   789 C CD  . GLU A 1 101 ? 2.883   -14.257 16.822  1.00 53.83  ? 369 GLU A CD  1 
ATOM   790 O OE1 . GLU A 1 101 ? 4.102   -14.459 16.631  1.00 57.39  ? 369 GLU A OE1 1 
ATOM   791 O OE2 . GLU A 1 101 ? 2.330   -14.416 17.932  1.00 47.71  ? 369 GLU A OE2 1 
ATOM   792 N N   . PRO A 1 102 ? 4.858   -10.219 15.627  1.00 35.04  ? 370 PRO A N   1 
ATOM   793 C CA  . PRO A 1 102 ? 5.634   -9.118  15.067  1.00 33.37  ? 370 PRO A CA  1 
ATOM   794 C C   . PRO A 1 102 ? 5.958   -9.301  13.590  1.00 37.70  ? 370 PRO A C   1 
ATOM   795 O O   . PRO A 1 102 ? 5.776   -10.379 13.023  1.00 39.09  ? 370 PRO A O   1 
ATOM   796 C CB  . PRO A 1 102 ? 6.882   -9.127  15.929  1.00 29.04  ? 370 PRO A CB  1 
ATOM   797 C CG  . PRO A 1 102 ? 7.134   -10.613 16.053  1.00 36.54  ? 370 PRO A CG  1 
ATOM   798 C CD  . PRO A 1 102 ? 5.735   -11.174 16.333  1.00 36.71  ? 370 PRO A CD  1 
ATOM   799 N N   . LEU A 1 103 ? 6.432   -8.217  12.985  1.00 38.43  ? 371 LEU A N   1 
ATOM   800 C CA  . LEU A 1 103 ? 6.832   -8.175  11.590  1.00 32.57  ? 371 LEU A CA  1 
ATOM   801 C C   . LEU A 1 103 ? 8.186   -7.478  11.654  1.00 35.69  ? 371 LEU A C   1 
ATOM   802 O O   . LEU A 1 103 ? 8.378   -6.572  12.466  1.00 36.70  ? 371 LEU A O   1 
ATOM   803 C CB  . LEU A 1 103 ? 5.840   -7.337  10.778  1.00 39.18  ? 371 LEU A CB  1 
ATOM   804 C CG  . LEU A 1 103 ? 5.175   -8.007  9.572   1.00 39.26  ? 371 LEU A CG  1 
ATOM   805 C CD1 . LEU A 1 103 ? 4.506   -9.283  10.006  1.00 38.76  ? 371 LEU A CD1 1 
ATOM   806 C CD2 . LEU A 1 103 ? 4.162   -7.067  8.942   1.00 37.77  ? 371 LEU A CD2 1 
ATOM   807 N N   . PRO A 1 104 ? 9.143   -7.884  10.808  1.00 27.68  ? 372 PRO A N   1 
ATOM   808 C CA  . PRO A 1 104 ? 10.449  -7.222  10.877  1.00 32.24  ? 372 PRO A CA  1 
ATOM   809 C C   . PRO A 1 104 ? 10.534  -5.849  10.226  1.00 33.30  ? 372 PRO A C   1 
ATOM   810 O O   . PRO A 1 104 ? 9.788   -5.535  9.300   1.00 39.73  ? 372 PRO A O   1 
ATOM   811 C CB  . PRO A 1 104 ? 11.380  -8.227  10.203  1.00 29.79  ? 372 PRO A CB  1 
ATOM   812 C CG  . PRO A 1 104 ? 10.488  -8.824  9.138   1.00 35.56  ? 372 PRO A CG  1 
ATOM   813 C CD  . PRO A 1 104 ? 9.164   -9.022  9.867   1.00 29.52  ? 372 PRO A CD  1 
ATOM   814 N N   . PHE A 1 105 ? 11.441  -5.031  10.743  1.00 31.77  ? 373 PHE A N   1 
ATOM   815 C CA  . PHE A 1 105 ? 11.702  -3.711  10.193  1.00 36.55  ? 373 PHE A CA  1 
ATOM   816 C C   . PHE A 1 105 ? 13.170  -3.449  10.469  1.00 36.26  ? 373 PHE A C   1 
ATOM   817 O O   . PHE A 1 105 ? 13.639  -3.680  11.582  1.00 36.51  ? 373 PHE A O   1 
ATOM   818 C CB  . PHE A 1 105 ? 10.840  -2.635  10.860  1.00 31.01  ? 373 PHE A CB  1 
ATOM   819 C CG  . PHE A 1 105 ? 11.066  -1.261  10.294  1.00 35.70  ? 373 PHE A CG  1 
ATOM   820 C CD1 . PHE A 1 105 ? 11.968  -0.386  10.891  1.00 32.03  ? 373 PHE A CD1 1 
ATOM   821 C CD2 . PHE A 1 105 ? 10.424  -0.867  9.123   1.00 31.80  ? 373 PHE A CD2 1 
ATOM   822 C CE1 . PHE A 1 105 ? 12.229  0.855   10.328  1.00 34.60  ? 373 PHE A CE1 1 
ATOM   823 C CE2 . PHE A 1 105 ? 10.680  0.370   8.555   1.00 31.06  ? 373 PHE A CE2 1 
ATOM   824 C CZ  . PHE A 1 105 ? 11.586  1.234   9.158   1.00 35.35  ? 373 PHE A CZ  1 
ATOM   825 N N   . THR A 1 106 ? 13.915  -2.981  9.477   1.00 39.72  ? 374 THR A N   1 
ATOM   826 C CA  . THR A 1 106 ? 15.328  -2.745  9.738   1.00 41.46  ? 374 THR A CA  1 
ATOM   827 C C   . THR A 1 106 ? 15.763  -1.296  9.672   1.00 42.15  ? 374 THR A C   1 
ATOM   828 O O   . THR A 1 106 ? 15.530  -0.588  8.688   1.00 43.56  ? 374 THR A O   1 
ATOM   829 C CB  . THR A 1 106 ? 16.243  -3.615  8.825   1.00 43.43  ? 374 THR A CB  1 
ATOM   830 O OG1 . THR A 1 106 ? 17.166  -2.783  8.114   1.00 44.11  ? 374 THR A OG1 1 
ATOM   831 C CG2 . THR A 1 106 ? 15.420  -4.421  7.857   1.00 36.90  ? 374 THR A CG2 1 
ATOM   832 N N   . TYR A 1 107 ? 16.372  -0.861  10.766  1.00 35.34  ? 375 TYR A N   1 
ATOM   833 C CA  . TYR A 1 107 ? 16.890  0.487   10.886  1.00 38.17  ? 375 TYR A CA  1 
ATOM   834 C C   . TYR A 1 107 ? 18.213  0.551   10.128  1.00 41.01  ? 375 TYR A C   1 
ATOM   835 O O   . TYR A 1 107 ? 19.044  -0.353  10.245  1.00 38.47  ? 375 TYR A O   1 
ATOM   836 C CB  . TYR A 1 107 ? 17.122  0.819   12.357  1.00 36.68  ? 375 TYR A CB  1 
ATOM   837 C CG  . TYR A 1 107 ? 15.871  1.162   13.127  1.00 41.18  ? 375 TYR A CG  1 
ATOM   838 C CD1 . TYR A 1 107 ? 15.465  0.393   14.222  1.00 37.79  ? 375 TYR A CD1 1 
ATOM   839 C CD2 . TYR A 1 107 ? 15.130  2.302   12.809  1.00 32.80  ? 375 TYR A CD2 1 
ATOM   840 C CE1 . TYR A 1 107 ? 14.350  0.764   14.990  1.00 35.22  ? 375 TYR A CE1 1 
ATOM   841 C CE2 . TYR A 1 107 ? 14.024  2.678   13.564  1.00 33.55  ? 375 TYR A CE2 1 
ATOM   842 C CZ  . TYR A 1 107 ? 13.638  1.910   14.651  1.00 38.18  ? 375 TYR A CZ  1 
ATOM   843 O OH  . TYR A 1 107 ? 12.545  2.300   15.397  1.00 41.54  ? 375 TYR A OH  1 
ATOM   844 N N   . LEU A 1 108 ? 18.397  1.612   9.349   1.00 43.88  ? 376 LEU A N   1 
ATOM   845 C CA  . LEU A 1 108 ? 19.616  1.794   8.562   1.00 44.44  ? 376 LEU A CA  1 
ATOM   846 C C   . LEU A 1 108 ? 20.486  2.890   9.157   1.00 45.05  ? 376 LEU A C   1 
ATOM   847 O O   . LEU A 1 108 ? 19.977  3.877   9.695   1.00 43.59  ? 376 LEU A O   1 
ATOM   848 C CB  . LEU A 1 108 ? 19.283  2.184   7.114   1.00 45.53  ? 376 LEU A CB  1 
ATOM   849 C CG  . LEU A 1 108 ? 18.256  1.398   6.296   1.00 48.47  ? 376 LEU A CG  1 
ATOM   850 C CD1 . LEU A 1 108 ? 17.830  2.208   5.094   1.00 63.53  ? 376 LEU A CD1 1 
ATOM   851 C CD2 . LEU A 1 108 ? 18.846  0.083   5.862   1.00 37.36  ? 376 LEU A CD2 1 
ATOM   852 N N   . PRO A 1 109 ? 21.817  2.739   9.055   1.00 50.37  ? 377 PRO A N   1 
ATOM   853 C CA  . PRO A 1 109 ? 22.735  3.744   9.594   1.00 54.08  ? 377 PRO A CA  1 
ATOM   854 C C   . PRO A 1 109 ? 22.525  5.094   8.903   1.00 57.00  ? 377 PRO A C   1 
ATOM   855 O O   . PRO A 1 109 ? 21.829  5.182   7.891   1.00 54.80  ? 377 PRO A O   1 
ATOM   856 C CB  . PRO A 1 109 ? 24.108  3.151   9.292   1.00 53.63  ? 377 PRO A CB  1 
ATOM   857 C CG  . PRO A 1 109 ? 23.852  1.676   9.312   1.00 53.87  ? 377 PRO A CG  1 
ATOM   858 C CD  . PRO A 1 109 ? 22.561  1.572   8.549   1.00 52.18  ? 377 PRO A CD  1 
ATOM   859 N N   . ARG A 1 110 ? 23.129  6.138   9.458   1.00 62.86  ? 378 ARG A N   1 
ATOM   860 C CA  . ARG A 1 110 ? 23.017  7.483   8.902   1.00 68.61  ? 378 ARG A CA  1 
ATOM   861 C C   . ARG A 1 110 ? 23.951  7.655   7.705   1.00 66.58  ? 378 ARG A C   1 
ATOM   862 O O   . ARG A 1 110 ? 23.433  7.978   6.615   1.00 67.10  ? 378 ARG A O   1 
ATOM   863 C CB  . ARG A 1 110 ? 23.355  8.512   9.982   1.00 70.87  ? 378 ARG A CB  1 
ATOM   864 C CG  . ARG A 1 110 ? 22.438  8.438   11.191  1.00 78.82  ? 378 ARG A CG  1 
ATOM   865 C CD  . ARG A 1 110 ? 23.146  8.878   12.459  1.00 87.75  ? 378 ARG A CD  1 
ATOM   866 N NE  . ARG A 1 110 ? 23.619  10.257  12.393  1.00 95.36  ? 378 ARG A NE  1 
ATOM   867 C CZ  . ARG A 1 110 ? 24.330  10.845  13.350  1.00 99.74  ? 378 ARG A CZ  1 
ATOM   868 N NH1 . ARG A 1 110 ? 24.719  12.105  13.210  1.00 100.85 ? 378 ARG A NH1 1 
ATOM   869 N NH2 . ARG A 1 110 ? 24.656  10.172  14.446  1.00 100.56 ? 378 ARG A NH2 1 
HETATM 870 O O   . HOH B 2 .   ? -6.882  -12.853 -15.878 1.00 51.58  ? 500 HOH A O   1 
HETATM 871 O O   . HOH B 2 .   ? -12.722 -8.734  3.216   1.00 53.76  ? 501 HOH A O   1 
HETATM 872 O O   . HOH B 2 .   ? -11.332 -9.138  -11.564 1.00 52.56  ? 502 HOH A O   1 
HETATM 873 O O   . HOH B 2 .   ? 12.979  -8.811  13.806  1.00 28.87  ? 503 HOH A O   1 
HETATM 874 O O   . HOH B 2 .   ? -4.855  5.641   3.977   1.00 50.96  ? 504 HOH A O   1 
HETATM 875 O O   . HOH B 2 .   ? -6.359  7.029   -19.140 1.00 33.37  ? 505 HOH A O   1 
HETATM 876 O O   . HOH B 2 .   ? -7.789  -4.898  -13.470 1.00 36.81  ? 506 HOH A O   1 
HETATM 877 O O   . HOH B 2 .   ? 0.920   -9.674  13.084  1.00 40.56  ? 507 HOH A O   1 
HETATM 878 O O   . HOH B 2 .   ? -12.991 3.913   -3.778  1.00 49.76  ? 508 HOH A O   1 
HETATM 879 O O   . HOH B 2 .   ? 19.779  -7.134  12.264  1.00 43.49  ? 509 HOH A O   1 
HETATM 880 O O   . HOH B 2 .   ? 11.433  -8.086  20.104  1.00 35.50  ? 510 HOH A O   1 
HETATM 881 O O   . HOH B 2 .   ? 5.816   -15.043 14.609  1.00 60.10  ? 511 HOH A O   1 
HETATM 882 O O   . HOH B 2 .   ? -11.420 10.053  -7.876  1.00 49.17  ? 512 HOH A O   1 
HETATM 883 O O   . HOH B 2 .   ? -16.431 -0.915  -7.672  1.00 44.24  ? 513 HOH A O   1 
HETATM 884 O O   . HOH B 2 .   ? 5.283   -2.576  0.615   1.00 50.19  ? 514 HOH A O   1 
HETATM 885 O O   . HOH B 2 .   ? -6.011  4.701   -25.113 1.00 55.44  ? 515 HOH A O   1 
HETATM 886 O O   . HOH B 2 .   ? -14.650 -11.151 -10.666 1.00 45.55  ? 516 HOH A O   1 
HETATM 887 O O   . HOH B 2 .   ? -19.048 -12.560 -8.199  1.00 55.88  ? 517 HOH A O   1 
HETATM 888 O O   . HOH B 2 .   ? 9.714   -10.368 13.135  1.00 44.75  ? 518 HOH A O   1 
HETATM 889 O O   . HOH B 2 .   ? 6.231   -3.240  -12.710 1.00 37.97  ? 519 HOH A O   1 
HETATM 890 O O   . HOH B 2 .   ? -0.668  -14.499 17.561  1.00 48.66  ? 520 HOH A O   1 
HETATM 891 O O   . HOH B 2 .   ? 1.167   6.334   -2.979  1.00 63.00  ? 521 HOH A O   1 
HETATM 892 O O   . HOH B 2 .   ? 3.904   6.429   -4.302  1.00 60.86  ? 522 HOH A O   1 
HETATM 893 O O   . HOH B 2 .   ? -8.773  -7.349  -18.567 1.00 56.94  ? 523 HOH A O   1 
HETATM 894 O O   . HOH B 2 .   ? -5.197  -14.035 -1.348  1.00 53.00  ? 524 HOH A O   1 
HETATM 895 O O   . HOH B 2 .   ? 9.601   -1.952  -7.379  1.00 46.10  ? 525 HOH A O   1 
HETATM 896 O O   . HOH B 2 .   ? -16.586 6.210   -18.557 1.00 57.75  ? 526 HOH A O   1 
HETATM 897 O O   . HOH B 2 .   ? -10.057 -6.820  -12.617 1.00 54.39  ? 527 HOH A O   1 
HETATM 898 O O   . HOH B 2 .   ? -10.810 -1.431  -16.783 1.00 43.11  ? 528 HOH A O   1 
HETATM 899 O O   . HOH B 2 .   ? 7.550   -12.256 12.515  1.00 60.73  ? 529 HOH A O   1 
HETATM 900 O O   . HOH B 2 .   ? -4.172  -1.421  -25.386 1.00 65.13  ? 530 HOH A O   1 
HETATM 901 O O   . HOH B 2 .   ? -6.151  8.036   3.861   1.00 70.95  ? 531 HOH A O   1 
HETATM 902 O O   . HOH B 2 .   ? 11.656  -11.866 7.198   1.00 46.13  ? 532 HOH A O   1 
HETATM 903 O O   . HOH B 2 .   ? -12.837 -10.761 -1.316  1.00 64.77  ? 533 HOH A O   1 
HETATM 904 O O   . HOH B 2 .   ? 9.551   -10.800 -16.003 1.00 62.72  ? 534 HOH A O   1 
HETATM 905 O O   . HOH B 2 .   ? -12.885 -4.710  -19.720 1.00 59.94  ? 535 HOH A O   1 
HETATM 906 O O   . HOH B 2 .   ? -17.127 -9.923  -11.763 1.00 46.72  ? 536 HOH A O   1 
HETATM 907 O O   . HOH B 2 .   ? 2.831   -5.017  -24.115 1.00 70.63  ? 537 HOH A O   1 
HETATM 908 O O   . HOH B 2 .   ? 9.739   -10.424 -20.365 1.00 59.62  ? 538 HOH A O   1 
HETATM 909 O O   . HOH B 2 .   ? 12.904  -8.192  6.153   1.00 52.50  ? 539 HOH A O   1 
HETATM 910 O O   . HOH B 2 .   ? -1.381  -16.178 15.753  1.00 59.57  ? 540 HOH A O   1 
HETATM 911 O O   . HOH B 2 .   ? -5.366  5.982   -22.391 1.00 55.55  ? 541 HOH A O   1 
HETATM 912 O O   . HOH B 2 .   ? -16.496 -5.855  -2.227  1.00 54.60  ? 542 HOH A O   1 
HETATM 913 O O   . HOH B 2 .   ? -9.885  -5.728  26.025  1.00 60.75  ? 543 HOH A O   1 
HETATM 914 O O   . HOH B 2 .   ? 7.528   0.726   -0.477  0.50 55.58  ? 544 HOH A O   1 
HETATM 915 O O   . HOH B 2 .   ? -13.836 4.023   2.253   1.00 67.71  ? 545 HOH A O   1 
HETATM 916 O O   . HOH B 2 .   ? -16.133 6.315   -25.193 1.00 68.76  ? 546 HOH A O   1 
HETATM 917 O O   . HOH B 2 .   ? 8.334   3.763   -3.612  1.00 56.43  ? 547 HOH A O   1 
HETATM 918 O O   . HOH B 2 .   ? 13.045  -5.589  7.402   1.00 45.23  ? 548 HOH A O   1 
HETATM 919 O O   . HOH B 2 .   ? 4.842   -5.433  -3.355  1.00 50.04  ? 549 HOH A O   1 
HETATM 920 O O   . HOH B 2 .   ? 22.019  -6.384  13.789  1.00 61.78  ? 550 HOH A O   1 
HETATM 921 O O   . HOH B 2 .   ? 20.357  3.709   25.488  1.00 74.29  ? 551 HOH A O   1 
HETATM 922 O O   . HOH B 2 .   ? -19.546 -6.428  -12.644 1.00 55.27  ? 552 HOH A O   1 
HETATM 923 O O   . HOH B 2 .   ? 25.720  9.211   21.272  1.00 57.96  ? 553 HOH A O   1 
HETATM 924 O O   . HOH B 2 .   ? -8.357  -11.595 24.721  1.00 60.42  ? 554 HOH A O   1 
HETATM 925 O O   . HOH B 2 .   ? 7.019   -11.448 -15.215 1.00 59.05  ? 555 HOH A O   1 
HETATM 926 O O   . HOH B 2 .   ? 10.215  -5.652  -8.600  1.00 57.62  ? 556 HOH A O   1 
HETATM 927 O O   . HOH B 2 .   ? -15.329 -5.633  0.021   1.00 59.44  ? 557 HOH A O   1 
HETATM 928 O O   . HOH B 2 .   ? 2.911   5.331   -23.820 1.00 46.72  ? 558 HOH A O   1 
HETATM 929 O O   . HOH B 2 .   ? -13.821 -1.534  -18.744 1.00 70.32  ? 559 HOH A O   1 
HETATM 930 O O   . HOH B 2 .   ? 4.446   -12.305 11.961  1.00 50.81  ? 560 HOH A O   1 
HETATM 931 O O   . HOH B 2 .   ? 10.852  0.606   -6.006  1.00 67.08  ? 561 HOH A O   1 
HETATM 932 O O   . HOH B 2 .   ? -8.113  -4.740  30.841  1.00 63.00  ? 562 HOH A O   1 
HETATM 933 O O   . HOH B 2 .   ? -21.622 7.680   -16.936 1.00 68.47  ? 563 HOH A O   1 
HETATM 934 O O   . HOH B 2 .   ? 16.596  -0.166  26.446  1.00 64.26  ? 564 HOH A O   1 
HETATM 935 O O   . HOH B 2 .   ? 2.346   7.098   1.092   1.00 69.84  ? 565 HOH A O   1 
HETATM 936 O O   . HOH B 2 .   ? 9.576   -7.906  -14.220 1.00 65.54  ? 566 HOH A O   1 
HETATM 937 O O   . HOH B 2 .   ? -10.012 -2.171  30.511  1.00 71.16  ? 567 HOH A O   1 
HETATM 938 O O   . HOH B 2 .   ? 6.544   -8.899  -7.149  1.00 68.46  ? 568 HOH A O   1 
HETATM 939 O O   . HOH B 2 .   ? 17.035  9.796   19.006  1.00 55.14  ? 569 HOH A O   1 
HETATM 940 O O   . HOH B 2 .   ? -6.930  10.746  -5.623  1.00 46.70  ? 570 HOH A O   1 
HETATM 941 O O   . HOH B 2 .   ? 24.466  0.938   5.990   1.00 67.38  ? 571 HOH A O   1 
HETATM 942 O O   . HOH B 2 .   ? 21.868  7.572   20.189  1.00 60.35  ? 572 HOH A O   1 
HETATM 943 O O   . HOH B 2 .   ? 12.335  -17.385 5.552   1.00 67.49  ? 574 HOH A O   1 
HETATM 944 O O   . HOH B 2 .   ? -17.069 -5.328  7.782   1.00 82.22  ? 575 HOH A O   1 
HETATM 945 O O   . HOH B 2 .   ? -8.905  8.560   -22.011 1.00 63.74  ? 576 HOH A O   1 
HETATM 946 O O   . HOH B 2 .   ? -7.181  -14.870 0.231   1.00 70.87  ? 577 HOH A O   1 
HETATM 947 O O   . HOH B 2 .   ? 13.908  4.076   -7.374  1.00 78.10  ? 578 HOH A O   1 
HETATM 948 O O   . HOH B 2 .   ? -16.816 4.166   -20.333 1.00 64.88  ? 579 HOH A O   1 
HETATM 949 O O   . HOH B 2 .   ? -13.232 -8.826  -9.921  1.00 56.27  ? 580 HOH A O   1 
HETATM 950 O O   . HOH B 2 .   ? -4.275  -11.077 -2.032  1.00 47.42  ? 581 HOH A O   1 
HETATM 951 O O   . HOH B 2 .   ? -11.784 -1.667  5.778   0.50 54.21  ? 582 HOH A O   1 
HETATM 952 O O   . HOH B 2 .   ? -16.854 15.972  -5.872  1.00 65.53  ? 583 HOH A O   1 
HETATM 953 O O   . HOH B 2 .   ? 28.987  11.012  17.916  1.00 60.83  ? 584 HOH A O   1 
HETATM 954 O O   . HOH B 2 .   ? -9.859  6.910   -27.669 1.00 63.72  ? 585 HOH A O   1 
HETATM 955 O O   . HOH B 2 .   ? -19.024 -10.281 -4.444  1.00 63.85  ? 586 HOH A O   1 
HETATM 956 O O   . HOH B 2 .   ? 26.639  -1.437  14.108  1.00 69.84  ? 587 HOH A O   1 
HETATM 957 O O   . HOH B 2 .   ? -5.276  10.131  -3.547  1.00 57.31  ? 588 HOH A O   1 
HETATM 958 O O   . HOH B 2 .   ? 7.575   -5.623  -6.178  1.00 68.13  ? 589 HOH A O   1 
HETATM 959 O O   . HOH B 2 .   ? 23.217  1.575   22.819  1.00 75.22  ? 590 HOH A O   1 
HETATM 960 O O   . HOH B 2 .   ? -22.342 13.672  -17.357 1.00 69.49  ? 591 HOH A O   1 
HETATM 961 O O   . HOH B 2 .   ? -18.735 13.244  -9.127  1.00 66.28  ? 592 HOH A O   1 
HETATM 962 O O   . HOH B 2 .   ? 0.771   -2.686  -24.748 1.00 64.86  ? 593 HOH A O   1 
HETATM 963 O O   . HOH B 2 .   ? -11.123 1.814   28.895  1.00 72.54  ? 594 HOH A O   1 
HETATM 964 O O   . HOH B 2 .   ? -0.618  -11.634 -1.690  1.00 68.04  ? 595 HOH A O   1 
HETATM 965 O O   . HOH B 2 .   ? 11.666  -14.206 5.383   1.00 65.96  ? 596 HOH A O   1 
HETATM 966 O O   . HOH B 2 .   ? -8.693  -16.238 2.563   1.00 72.33  ? 597 HOH A O   1 
HETATM 967 O O   . HOH B 2 .   ? -19.641 -8.469  5.982   1.00 73.61  ? 598 HOH A O   1 
HETATM 968 O O   . HOH B 2 .   ? 24.677  9.695   4.778   1.00 76.77  ? 599 HOH A O   1 
HETATM 969 O O   . HOH B 2 .   ? -16.259 8.997   -24.800 1.00 70.68  ? 600 HOH A O   1 
HETATM 970 O O   . HOH B 2 .   ? 3.299   9.795   -2.337  1.00 62.65  ? 601 HOH A O   1 
HETATM 971 O O   . HOH B 2 .   ? -0.312  8.858   -2.645  1.00 64.06  ? 602 HOH A O   1 
HETATM 972 O O   . HOH B 2 .   ? 12.138  -1.841  -8.513  1.00 69.92  ? 603 HOH A O   1 
# 
loop_
_pdbx_poly_seq_scheme.asym_id 
_pdbx_poly_seq_scheme.entity_id 
_pdbx_poly_seq_scheme.seq_id 
_pdbx_poly_seq_scheme.mon_id 
_pdbx_poly_seq_scheme.ndb_seq_num 
_pdbx_poly_seq_scheme.pdb_seq_num 
_pdbx_poly_seq_scheme.auth_seq_num 
_pdbx_poly_seq_scheme.pdb_mon_id 
_pdbx_poly_seq_scheme.auth_mon_id 
_pdbx_poly_seq_scheme.pdb_strand_id 
_pdbx_poly_seq_scheme.pdb_ins_code 
_pdbx_poly_seq_scheme.hetero 
A 1 1   LEU 1   269 269 LEU LEU A . n 
A 1 2   VAL 2   270 270 VAL VAL A . n 
A 1 3   PRO 3   271 271 PRO PRO A . n 
A 1 4   ARG 4   272 272 ARG ARG A . n 
A 1 5   GLY 5   273 273 GLY GLY A . n 
A 1 6   SER 6   274 274 SER SER A . n 
A 1 7   HIS 7   275 275 HIS HIS A . n 
A 1 8   MET 8   276 276 MET MET A . n 
A 1 9   ASN 9   277 277 ASN ASN A . n 
A 1 10  THR 10  278 278 THR THR A . n 
A 1 11  SER 11  279 279 SER SER A . n 
A 1 12  GLU 12  280 280 GLU GLU A . n 
A 1 13  LEU 13  281 281 LEU LEU A . n 
A 1 14  ARG 14  282 282 ARG ARG A . n 
A 1 15  ILE 15  283 283 ILE ILE A . n 
A 1 16  CYS 16  284 284 CYS CYS A . n 
A 1 17  ARG 17  285 285 ARG ARG A . n 
A 1 18  ILE 18  286 286 ILE ILE A . n 
A 1 19  ASN 19  287 287 ASN ASN A . n 
A 1 20  LYS 20  288 288 LYS LYS A . n 
A 1 21  GLU 21  289 289 GLU GLU A . n 
A 1 22  SER 22  290 290 SER SER A . n 
A 1 23  GLY 23  291 291 GLY GLY A . n 
A 1 24  PRO 24  292 292 PRO PRO A . n 
A 1 25  CYS 25  293 293 CYS CYS A . n 
A 1 26  THR 26  294 294 THR THR A . n 
A 1 27  GLY 27  295 295 GLY GLY A . n 
A 1 28  GLY 28  296 296 GLY GLY A . n 
A 1 29  GLU 29  297 297 GLU GLU A . n 
A 1 30  GLU 30  298 298 GLU GLU A . n 
A 1 31  LEU 31  299 299 LEU LEU A . n 
A 1 32  TYR 32  300 300 TYR TYR A . n 
A 1 33  LEU 33  301 301 LEU LEU A . n 
A 1 34  LEU 34  302 302 LEU LEU A . n 
A 1 35  CYS 35  303 303 CYS CYS A . n 
A 1 36  ASP 36  304 304 ASP ASP A . n 
A 1 37  LYS 37  305 305 LYS LYS A . n 
A 1 38  VAL 38  306 306 VAL VAL A . n 
A 1 39  GLN 39  307 307 GLN GLN A . n 
A 1 40  LYS 40  308 308 LYS LYS A . n 
A 1 41  GLU 41  309 309 GLU GLU A . n 
A 1 42  ASP 42  310 310 ASP ASP A . n 
A 1 43  ILE 43  311 311 ILE ILE A . n 
A 1 44  SER 44  312 312 SER SER A . n 
A 1 45  VAL 45  313 313 VAL VAL A . n 
A 1 46  VAL 46  314 314 VAL VAL A . n 
A 1 47  PHE 47  315 315 PHE PHE A . n 
A 1 48  SER 48  316 316 SER SER A . n 
A 1 49  THR 49  317 317 THR THR A . n 
A 1 50  ALA 50  318 318 ALA ALA A . n 
A 1 51  SER 51  319 319 SER SER A . n 
A 1 52  TRP 52  320 320 TRP TRP A . n 
A 1 53  GLU 53  321 321 GLU GLU A . n 
A 1 54  GLY 54  322 322 GLY GLY A . n 
A 1 55  ARG 55  323 323 ARG ARG A . n 
A 1 56  ALA 56  324 324 ALA ALA A . n 
A 1 57  ASP 57  325 325 ASP ASP A . n 
A 1 58  PHE 58  326 326 PHE PHE A . n 
A 1 59  SER 59  327 327 SER SER A . n 
A 1 60  GLN 60  328 328 GLN GLN A . n 
A 1 61  ALA 61  329 329 ALA ALA A . n 
A 1 62  ASP 62  330 330 ASP ASP A . n 
A 1 63  VAL 63  331 331 VAL VAL A . n 
A 1 64  HIS 64  332 332 HIS HIS A . n 
A 1 65  ARG 65  333 333 ARG ARG A . n 
A 1 66  GLN 66  334 334 GLN GLN A . n 
A 1 67  ILE 67  335 335 ILE ILE A . n 
A 1 68  ALA 68  336 336 ALA ALA A . n 
A 1 69  ILE 69  337 337 ILE ILE A . n 
A 1 70  VAL 70  338 338 VAL VAL A . n 
A 1 71  PHE 71  339 339 PHE PHE A . n 
A 1 72  LYS 72  340 340 LYS LYS A . n 
A 1 73  THR 73  341 341 THR THR A . n 
A 1 74  PRO 74  342 342 PRO PRO A . n 
A 1 75  PRO 75  343 343 PRO PRO A . n 
A 1 76  TYR 76  344 344 TYR TYR A . n 
A 1 77  GLU 77  345 345 GLU GLU A . n 
A 1 78  ASP 78  346 346 ASP ASP A . n 
A 1 79  LEU 79  347 347 LEU LEU A . n 
A 1 80  GLU 80  348 348 GLU GLU A . n 
A 1 81  ILE 81  349 349 ILE ILE A . n 
A 1 82  SER 82  350 350 SER SER A . n 
A 1 83  GLU 83  351 351 GLU GLU A . n 
A 1 84  PRO 84  352 352 PRO PRO A . n 
A 1 85  VAL 85  353 353 VAL VAL A . n 
A 1 86  THR 86  354 354 THR THR A . n 
A 1 87  VAL 87  355 355 VAL VAL A . n 
A 1 88  ASN 88  356 356 ASN ASN A . n 
A 1 89  VAL 89  357 357 VAL VAL A . n 
A 1 90  PHE 90  358 358 PHE PHE A . n 
A 1 91  LEU 91  359 359 LEU LEU A . n 
A 1 92  GLN 92  360 360 GLN GLN A . n 
A 1 93  ARG 93  361 361 ARG ARG A . n 
A 1 94  LEU 94  362 362 LEU LEU A . n 
A 1 95  THR 95  363 363 THR THR A . n 
A 1 96  ASP 96  364 364 ASP ASP A . n 
A 1 97  GLY 97  365 365 GLY GLY A . n 
A 1 98  VAL 98  366 366 VAL VAL A . n 
A 1 99  CYS 99  367 367 CYS CYS A . n 
A 1 100 SER 100 368 368 SER SER A . n 
A 1 101 GLU 101 369 369 GLU GLU A . n 
A 1 102 PRO 102 370 370 PRO PRO A . n 
A 1 103 LEU 103 371 371 LEU LEU A . n 
A 1 104 PRO 104 372 372 PRO PRO A . n 
A 1 105 PHE 105 373 373 PHE PHE A . n 
A 1 106 THR 106 374 374 THR THR A . n 
A 1 107 TYR 107 375 375 TYR TYR A . n 
A 1 108 LEU 108 376 376 LEU LEU A . n 
A 1 109 PRO 109 377 377 PRO PRO A . n 
A 1 110 ARG 110 378 378 ARG ARG A . n 
# 
loop_
_pdbx_nonpoly_scheme.asym_id 
_pdbx_nonpoly_scheme.entity_id 
_pdbx_nonpoly_scheme.mon_id 
_pdbx_nonpoly_scheme.ndb_seq_num 
_pdbx_nonpoly_scheme.pdb_seq_num 
_pdbx_nonpoly_scheme.auth_seq_num 
_pdbx_nonpoly_scheme.pdb_mon_id 
_pdbx_nonpoly_scheme.auth_mon_id 
_pdbx_nonpoly_scheme.pdb_strand_id 
_pdbx_nonpoly_scheme.pdb_ins_code 
B 2 HOH 1   500 500 HOH TIP A . 
B 2 HOH 2   501 501 HOH TIP A . 
B 2 HOH 3   502 502 HOH TIP A . 
B 2 HOH 4   503 503 HOH TIP A . 
B 2 HOH 5   504 504 HOH TIP A . 
B 2 HOH 6   505 505 HOH TIP A . 
B 2 HOH 7   506 506 HOH TIP A . 
B 2 HOH 8   507 507 HOH TIP A . 
B 2 HOH 9   508 508 HOH TIP A . 
B 2 HOH 10  509 509 HOH TIP A . 
B 2 HOH 11  510 510 HOH TIP A . 
B 2 HOH 12  511 511 HOH TIP A . 
B 2 HOH 13  512 512 HOH TIP A . 
B 2 HOH 14  513 513 HOH TIP A . 
B 2 HOH 15  514 514 HOH TIP A . 
B 2 HOH 16  515 515 HOH TIP A . 
B 2 HOH 17  516 516 HOH TIP A . 
B 2 HOH 18  517 517 HOH TIP A . 
B 2 HOH 19  518 518 HOH TIP A . 
B 2 HOH 20  519 519 HOH TIP A . 
B 2 HOH 21  520 520 HOH TIP A . 
B 2 HOH 22  521 521 HOH TIP A . 
B 2 HOH 23  522 522 HOH TIP A . 
B 2 HOH 24  523 523 HOH TIP A . 
B 2 HOH 25  524 524 HOH TIP A . 
B 2 HOH 26  525 525 HOH TIP A . 
B 2 HOH 27  526 526 HOH TIP A . 
B 2 HOH 28  527 527 HOH TIP A . 
B 2 HOH 29  528 528 HOH TIP A . 
B 2 HOH 30  529 529 HOH TIP A . 
B 2 HOH 31  530 530 HOH TIP A . 
B 2 HOH 32  531 531 HOH TIP A . 
B 2 HOH 33  532 532 HOH TIP A . 
B 2 HOH 34  533 533 HOH TIP A . 
B 2 HOH 35  534 534 HOH TIP A . 
B 2 HOH 36  535 535 HOH TIP A . 
B 2 HOH 37  536 536 HOH TIP A . 
B 2 HOH 38  537 537 HOH TIP A . 
B 2 HOH 39  538 538 HOH TIP A . 
B 2 HOH 40  539 539 HOH TIP A . 
B 2 HOH 41  540 540 HOH TIP A . 
B 2 HOH 42  541 541 HOH TIP A . 
B 2 HOH 43  542 542 HOH TIP A . 
B 2 HOH 44  543 543 HOH TIP A . 
B 2 HOH 45  544 544 HOH TIP A . 
B 2 HOH 46  545 545 HOH TIP A . 
B 2 HOH 47  546 546 HOH TIP A . 
B 2 HOH 48  547 547 HOH TIP A . 
B 2 HOH 49  548 548 HOH TIP A . 
B 2 HOH 50  549 549 HOH TIP A . 
B 2 HOH 51  550 550 HOH TIP A . 
B 2 HOH 52  551 551 HOH TIP A . 
B 2 HOH 53  552 552 HOH TIP A . 
B 2 HOH 54  553 553 HOH TIP A . 
B 2 HOH 55  554 554 HOH TIP A . 
B 2 HOH 56  555 555 HOH TIP A . 
B 2 HOH 57  556 556 HOH TIP A . 
B 2 HOH 58  557 557 HOH TIP A . 
B 2 HOH 59  558 558 HOH TIP A . 
B 2 HOH 60  559 559 HOH TIP A . 
B 2 HOH 61  560 560 HOH TIP A . 
B 2 HOH 62  561 561 HOH TIP A . 
B 2 HOH 63  562 562 HOH TIP A . 
B 2 HOH 64  563 563 HOH TIP A . 
B 2 HOH 65  564 564 HOH TIP A . 
B 2 HOH 66  565 565 HOH TIP A . 
B 2 HOH 67  566 566 HOH TIP A . 
B 2 HOH 68  567 567 HOH TIP A . 
B 2 HOH 69  568 568 HOH TIP A . 
B 2 HOH 70  569 569 HOH TIP A . 
B 2 HOH 71  570 570 HOH TIP A . 
B 2 HOH 72  571 571 HOH TIP A . 
B 2 HOH 73  572 572 HOH TIP A . 
B 2 HOH 74  574 574 HOH TIP A . 
B 2 HOH 75  575 575 HOH TIP A . 
B 2 HOH 76  576 576 HOH TIP A . 
B 2 HOH 77  577 577 HOH TIP A . 
B 2 HOH 78  578 578 HOH TIP A . 
B 2 HOH 79  579 579 HOH TIP A . 
B 2 HOH 80  580 580 HOH TIP A . 
B 2 HOH 81  581 581 HOH TIP A . 
B 2 HOH 82  582 582 HOH TIP A . 
B 2 HOH 83  583 583 HOH TIP A . 
B 2 HOH 84  584 584 HOH TIP A . 
B 2 HOH 85  585 585 HOH TIP A . 
B 2 HOH 86  586 586 HOH TIP A . 
B 2 HOH 87  587 587 HOH TIP A . 
B 2 HOH 88  588 588 HOH TIP A . 
B 2 HOH 89  589 589 HOH TIP A . 
B 2 HOH 90  590 590 HOH TIP A . 
B 2 HOH 91  591 591 HOH TIP A . 
B 2 HOH 92  592 592 HOH TIP A . 
B 2 HOH 93  593 593 HOH TIP A . 
B 2 HOH 94  594 594 HOH TIP A . 
B 2 HOH 95  595 595 HOH TIP A . 
B 2 HOH 96  596 596 HOH TIP A . 
B 2 HOH 97  597 597 HOH TIP A . 
B 2 HOH 98  598 598 HOH TIP A . 
B 2 HOH 99  599 599 HOH TIP A . 
B 2 HOH 100 600 600 HOH TIP A . 
B 2 HOH 101 601 601 HOH TIP A . 
B 2 HOH 102 602 602 HOH TIP A . 
B 2 HOH 103 603 603 HOH TIP A . 
# 
_pdbx_struct_assembly.id                   1 
_pdbx_struct_assembly.details              author_and_software_defined_assembly 
_pdbx_struct_assembly.method_details       PISA,PQS 
_pdbx_struct_assembly.oligomeric_details   dimeric 
_pdbx_struct_assembly.oligomeric_count     2 
# 
_pdbx_struct_assembly_gen.assembly_id       1 
_pdbx_struct_assembly_gen.oper_expression   1,2 
_pdbx_struct_assembly_gen.asym_id_list      A,B 
# 
loop_
_pdbx_struct_assembly_prop.biol_id 
_pdbx_struct_assembly_prop.type 
_pdbx_struct_assembly_prop.value 
_pdbx_struct_assembly_prop.details 
1 'ABSA (A^2)' 9420  ? 
1 MORE         -61   ? 
1 'SSA (A^2)'  11870 ? 
# 
loop_
_pdbx_struct_oper_list.id 
_pdbx_struct_oper_list.type 
_pdbx_struct_oper_list.name 
_pdbx_struct_oper_list.symmetry_operation 
_pdbx_struct_oper_list.matrix[1][1] 
_pdbx_struct_oper_list.matrix[1][2] 
_pdbx_struct_oper_list.matrix[1][3] 
_pdbx_struct_oper_list.vector[1] 
_pdbx_struct_oper_list.matrix[2][1] 
_pdbx_struct_oper_list.matrix[2][2] 
_pdbx_struct_oper_list.matrix[2][3] 
_pdbx_struct_oper_list.vector[2] 
_pdbx_struct_oper_list.matrix[3][1] 
_pdbx_struct_oper_list.matrix[3][2] 
_pdbx_struct_oper_list.matrix[3][3] 
_pdbx_struct_oper_list.vector[3] 
1 'identity operation'         1_555 x,y,z         1.0000000000 0.0000000000 0.0000000000  0.0000000000 0.0000000000 1.0000000000  0.0000000000  0.0000000000  0.0000000000  0.0000000000  1.0000000000  0.0000000000 
2 'crystal symmetry operation' 5_555 x-y,-y,-z+2/3 0.7852923141 0.2211795289 -0.5782694851 1.1796629547 0.2211795289 -0.9725981098 -0.0716416977 -0.2677025704 -0.5782694851 -0.0716416977 -0.8126942043 3.5395830670 
# 
loop_
_pdbx_struct_special_symmetry.id 
_pdbx_struct_special_symmetry.PDB_model_num 
_pdbx_struct_special_symmetry.auth_asym_id 
_pdbx_struct_special_symmetry.auth_comp_id 
_pdbx_struct_special_symmetry.auth_seq_id 
_pdbx_struct_special_symmetry.PDB_ins_code 
_pdbx_struct_special_symmetry.label_asym_id 
_pdbx_struct_special_symmetry.label_comp_id 
_pdbx_struct_special_symmetry.label_seq_id 
1 1 A HOH 544 ? B HOH . 
2 1 A HOH 582 ? B HOH . 
# 
loop_
_pdbx_audit_revision_history.ordinal 
_pdbx_audit_revision_history.data_content_type 
_pdbx_audit_revision_history.major_revision 
_pdbx_audit_revision_history.minor_revision 
_pdbx_audit_revision_history.revision_date 
1 'Structure model' 1 0 2005-05-10 
2 'Structure model' 1 1 2008-04-30 
3 'Structure model' 1 2 2011-07-13 
4 'Structure model' 1 3 2018-04-04 
5 'Structure model' 1 4 2023-08-23 
# 
_pdbx_audit_revision_details.ordinal             1 
_pdbx_audit_revision_details.revision_ordinal    1 
_pdbx_audit_revision_details.data_content_type   'Structure model' 
_pdbx_audit_revision_details.provider            repository 
_pdbx_audit_revision_details.type                'Initial release' 
_pdbx_audit_revision_details.description         ? 
_pdbx_audit_revision_details.details             ? 
# 
loop_
_pdbx_audit_revision_group.ordinal 
_pdbx_audit_revision_group.revision_ordinal 
_pdbx_audit_revision_group.data_content_type 
_pdbx_audit_revision_group.group 
1 2 'Structure model' 'Version format compliance' 
2 3 'Structure model' 'Derived calculations'      
3 3 'Structure model' 'Version format compliance' 
4 4 'Structure model' 'Data collection'           
5 5 'Structure model' 'Data collection'           
6 5 'Structure model' 'Database references'       
7 5 'Structure model' 'Refinement description'    
# 
loop_
_pdbx_audit_revision_category.ordinal 
_pdbx_audit_revision_category.revision_ordinal 
_pdbx_audit_revision_category.data_content_type 
_pdbx_audit_revision_category.category 
1 4 'Structure model' diffrn_source                 
2 5 'Structure model' chem_comp_atom                
3 5 'Structure model' chem_comp_bond                
4 5 'Structure model' database_2                    
5 5 'Structure model' pdbx_initial_refinement_model 
6 5 'Structure model' struct_ref_seq_dif            
# 
loop_
_pdbx_audit_revision_item.ordinal 
_pdbx_audit_revision_item.revision_ordinal 
_pdbx_audit_revision_item.data_content_type 
_pdbx_audit_revision_item.item 
1 4 'Structure model' '_diffrn_source.type'                 
2 5 'Structure model' '_database_2.pdbx_DOI'                
3 5 'Structure model' '_database_2.pdbx_database_accession' 
4 5 'Structure model' '_struct_ref_seq_dif.details'         
# 
loop_
_software.name 
_software.classification 
_software.version 
_software.citation_id 
_software.pdbx_ordinal 
CNS       refinement       1.1 ? 1 
DENZO     'data reduction' .   ? 2 
SCALEPACK 'data scaling'   .   ? 3 
AMoRE     phasing          .   ? 4 
# 
_pdbx_validate_torsion.id              1 
_pdbx_validate_torsion.PDB_model_num   1 
_pdbx_validate_torsion.auth_comp_id    ASP 
_pdbx_validate_torsion.auth_asym_id    A 
_pdbx_validate_torsion.auth_seq_id     310 
_pdbx_validate_torsion.PDB_ins_code    ? 
_pdbx_validate_torsion.label_alt_id    ? 
_pdbx_validate_torsion.phi             -143.18 
_pdbx_validate_torsion.psi             58.63 
# 
loop_
_chem_comp_atom.comp_id 
_chem_comp_atom.atom_id 
_chem_comp_atom.type_symbol 
_chem_comp_atom.pdbx_aromatic_flag 
_chem_comp_atom.pdbx_stereo_config 
_chem_comp_atom.pdbx_ordinal 
ALA N    N N N 1   
ALA CA   C N S 2   
ALA C    C N N 3   
ALA O    O N N 4   
ALA CB   C N N 5   
ALA OXT  O N N 6   
ALA H    H N N 7   
ALA H2   H N N 8   
ALA HA   H N N 9   
ALA HB1  H N N 10  
ALA HB2  H N N 11  
ALA HB3  H N N 12  
ALA HXT  H N N 13  
ARG N    N N N 14  
ARG CA   C N S 15  
ARG C    C N N 16  
ARG O    O N N 17  
ARG CB   C N N 18  
ARG CG   C N N 19  
ARG CD   C N N 20  
ARG NE   N N N 21  
ARG CZ   C N N 22  
ARG NH1  N N N 23  
ARG NH2  N N N 24  
ARG OXT  O N N 25  
ARG H    H N N 26  
ARG H2   H N N 27  
ARG HA   H N N 28  
ARG HB2  H N N 29  
ARG HB3  H N N 30  
ARG HG2  H N N 31  
ARG HG3  H N N 32  
ARG HD2  H N N 33  
ARG HD3  H N N 34  
ARG HE   H N N 35  
ARG HH11 H N N 36  
ARG HH12 H N N 37  
ARG HH21 H N N 38  
ARG HH22 H N N 39  
ARG HXT  H N N 40  
ASN N    N N N 41  
ASN CA   C N S 42  
ASN C    C N N 43  
ASN O    O N N 44  
ASN CB   C N N 45  
ASN CG   C N N 46  
ASN OD1  O N N 47  
ASN ND2  N N N 48  
ASN OXT  O N N 49  
ASN H    H N N 50  
ASN H2   H N N 51  
ASN HA   H N N 52  
ASN HB2  H N N 53  
ASN HB3  H N N 54  
ASN HD21 H N N 55  
ASN HD22 H N N 56  
ASN HXT  H N N 57  
ASP N    N N N 58  
ASP CA   C N S 59  
ASP C    C N N 60  
ASP O    O N N 61  
ASP CB   C N N 62  
ASP CG   C N N 63  
ASP OD1  O N N 64  
ASP OD2  O N N 65  
ASP OXT  O N N 66  
ASP H    H N N 67  
ASP H2   H N N 68  
ASP HA   H N N 69  
ASP HB2  H N N 70  
ASP HB3  H N N 71  
ASP HD2  H N N 72  
ASP HXT  H N N 73  
CYS N    N N N 74  
CYS CA   C N R 75  
CYS C    C N N 76  
CYS O    O N N 77  
CYS CB   C N N 78  
CYS SG   S N N 79  
CYS OXT  O N N 80  
CYS H    H N N 81  
CYS H2   H N N 82  
CYS HA   H N N 83  
CYS HB2  H N N 84  
CYS HB3  H N N 85  
CYS HG   H N N 86  
CYS HXT  H N N 87  
GLN N    N N N 88  
GLN CA   C N S 89  
GLN C    C N N 90  
GLN O    O N N 91  
GLN CB   C N N 92  
GLN CG   C N N 93  
GLN CD   C N N 94  
GLN OE1  O N N 95  
GLN NE2  N N N 96  
GLN OXT  O N N 97  
GLN H    H N N 98  
GLN H2   H N N 99  
GLN HA   H N N 100 
GLN HB2  H N N 101 
GLN HB3  H N N 102 
GLN HG2  H N N 103 
GLN HG3  H N N 104 
GLN HE21 H N N 105 
GLN HE22 H N N 106 
GLN HXT  H N N 107 
GLU N    N N N 108 
GLU CA   C N S 109 
GLU C    C N N 110 
GLU O    O N N 111 
GLU CB   C N N 112 
GLU CG   C N N 113 
GLU CD   C N N 114 
GLU OE1  O N N 115 
GLU OE2  O N N 116 
GLU OXT  O N N 117 
GLU H    H N N 118 
GLU H2   H N N 119 
GLU HA   H N N 120 
GLU HB2  H N N 121 
GLU HB3  H N N 122 
GLU HG2  H N N 123 
GLU HG3  H N N 124 
GLU HE2  H N N 125 
GLU HXT  H N N 126 
GLY N    N N N 127 
GLY CA   C N N 128 
GLY C    C N N 129 
GLY O    O N N 130 
GLY OXT  O N N 131 
GLY H    H N N 132 
GLY H2   H N N 133 
GLY HA2  H N N 134 
GLY HA3  H N N 135 
GLY HXT  H N N 136 
HIS N    N N N 137 
HIS CA   C N S 138 
HIS C    C N N 139 
HIS O    O N N 140 
HIS CB   C N N 141 
HIS CG   C Y N 142 
HIS ND1  N Y N 143 
HIS CD2  C Y N 144 
HIS CE1  C Y N 145 
HIS NE2  N Y N 146 
HIS OXT  O N N 147 
HIS H    H N N 148 
HIS H2   H N N 149 
HIS HA   H N N 150 
HIS HB2  H N N 151 
HIS HB3  H N N 152 
HIS HD1  H N N 153 
HIS HD2  H N N 154 
HIS HE1  H N N 155 
HIS HE2  H N N 156 
HIS HXT  H N N 157 
HOH O    O N N 158 
HOH H1   H N N 159 
HOH H2   H N N 160 
ILE N    N N N 161 
ILE CA   C N S 162 
ILE C    C N N 163 
ILE O    O N N 164 
ILE CB   C N S 165 
ILE CG1  C N N 166 
ILE CG2  C N N 167 
ILE CD1  C N N 168 
ILE OXT  O N N 169 
ILE H    H N N 170 
ILE H2   H N N 171 
ILE HA   H N N 172 
ILE HB   H N N 173 
ILE HG12 H N N 174 
ILE HG13 H N N 175 
ILE HG21 H N N 176 
ILE HG22 H N N 177 
ILE HG23 H N N 178 
ILE HD11 H N N 179 
ILE HD12 H N N 180 
ILE HD13 H N N 181 
ILE HXT  H N N 182 
LEU N    N N N 183 
LEU CA   C N S 184 
LEU C    C N N 185 
LEU O    O N N 186 
LEU CB   C N N 187 
LEU CG   C N N 188 
LEU CD1  C N N 189 
LEU CD2  C N N 190 
LEU OXT  O N N 191 
LEU H    H N N 192 
LEU H2   H N N 193 
LEU HA   H N N 194 
LEU HB2  H N N 195 
LEU HB3  H N N 196 
LEU HG   H N N 197 
LEU HD11 H N N 198 
LEU HD12 H N N 199 
LEU HD13 H N N 200 
LEU HD21 H N N 201 
LEU HD22 H N N 202 
LEU HD23 H N N 203 
LEU HXT  H N N 204 
LYS N    N N N 205 
LYS CA   C N S 206 
LYS C    C N N 207 
LYS O    O N N 208 
LYS CB   C N N 209 
LYS CG   C N N 210 
LYS CD   C N N 211 
LYS CE   C N N 212 
LYS NZ   N N N 213 
LYS OXT  O N N 214 
LYS H    H N N 215 
LYS H2   H N N 216 
LYS HA   H N N 217 
LYS HB2  H N N 218 
LYS HB3  H N N 219 
LYS HG2  H N N 220 
LYS HG3  H N N 221 
LYS HD2  H N N 222 
LYS HD3  H N N 223 
LYS HE2  H N N 224 
LYS HE3  H N N 225 
LYS HZ1  H N N 226 
LYS HZ2  H N N 227 
LYS HZ3  H N N 228 
LYS HXT  H N N 229 
MET N    N N N 230 
MET CA   C N S 231 
MET C    C N N 232 
MET O    O N N 233 
MET CB   C N N 234 
MET CG   C N N 235 
MET SD   S N N 236 
MET CE   C N N 237 
MET OXT  O N N 238 
MET H    H N N 239 
MET H2   H N N 240 
MET HA   H N N 241 
MET HB2  H N N 242 
MET HB3  H N N 243 
MET HG2  H N N 244 
MET HG3  H N N 245 
MET HE1  H N N 246 
MET HE2  H N N 247 
MET HE3  H N N 248 
MET HXT  H N N 249 
PHE N    N N N 250 
PHE CA   C N S 251 
PHE C    C N N 252 
PHE O    O N N 253 
PHE CB   C N N 254 
PHE CG   C Y N 255 
PHE CD1  C Y N 256 
PHE CD2  C Y N 257 
PHE CE1  C Y N 258 
PHE CE2  C Y N 259 
PHE CZ   C Y N 260 
PHE OXT  O N N 261 
PHE H    H N N 262 
PHE H2   H N N 263 
PHE HA   H N N 264 
PHE HB2  H N N 265 
PHE HB3  H N N 266 
PHE HD1  H N N 267 
PHE HD2  H N N 268 
PHE HE1  H N N 269 
PHE HE2  H N N 270 
PHE HZ   H N N 271 
PHE HXT  H N N 272 
PRO N    N N N 273 
PRO CA   C N S 274 
PRO C    C N N 275 
PRO O    O N N 276 
PRO CB   C N N 277 
PRO CG   C N N 278 
PRO CD   C N N 279 
PRO OXT  O N N 280 
PRO H    H N N 281 
PRO HA   H N N 282 
PRO HB2  H N N 283 
PRO HB3  H N N 284 
PRO HG2  H N N 285 
PRO HG3  H N N 286 
PRO HD2  H N N 287 
PRO HD3  H N N 288 
PRO HXT  H N N 289 
SER N    N N N 290 
SER CA   C N S 291 
SER C    C N N 292 
SER O    O N N 293 
SER CB   C N N 294 
SER OG   O N N 295 
SER OXT  O N N 296 
SER H    H N N 297 
SER H2   H N N 298 
SER HA   H N N 299 
SER HB2  H N N 300 
SER HB3  H N N 301 
SER HG   H N N 302 
SER HXT  H N N 303 
THR N    N N N 304 
THR CA   C N S 305 
THR C    C N N 306 
THR O    O N N 307 
THR CB   C N R 308 
THR OG1  O N N 309 
THR CG2  C N N 310 
THR OXT  O N N 311 
THR H    H N N 312 
THR H2   H N N 313 
THR HA   H N N 314 
THR HB   H N N 315 
THR HG1  H N N 316 
THR HG21 H N N 317 
THR HG22 H N N 318 
THR HG23 H N N 319 
THR HXT  H N N 320 
TRP N    N N N 321 
TRP CA   C N S 322 
TRP C    C N N 323 
TRP O    O N N 324 
TRP CB   C N N 325 
TRP CG   C Y N 326 
TRP CD1  C Y N 327 
TRP CD2  C Y N 328 
TRP NE1  N Y N 329 
TRP CE2  C Y N 330 
TRP CE3  C Y N 331 
TRP CZ2  C Y N 332 
TRP CZ3  C Y N 333 
TRP CH2  C Y N 334 
TRP OXT  O N N 335 
TRP H    H N N 336 
TRP H2   H N N 337 
TRP HA   H N N 338 
TRP HB2  H N N 339 
TRP HB3  H N N 340 
TRP HD1  H N N 341 
TRP HE1  H N N 342 
TRP HE3  H N N 343 
TRP HZ2  H N N 344 
TRP HZ3  H N N 345 
TRP HH2  H N N 346 
TRP HXT  H N N 347 
TYR N    N N N 348 
TYR CA   C N S 349 
TYR C    C N N 350 
TYR O    O N N 351 
TYR CB   C N N 352 
TYR CG   C Y N 353 
TYR CD1  C Y N 354 
TYR CD2  C Y N 355 
TYR CE1  C Y N 356 
TYR CE2  C Y N 357 
TYR CZ   C Y N 358 
TYR OH   O N N 359 
TYR OXT  O N N 360 
TYR H    H N N 361 
TYR H2   H N N 362 
TYR HA   H N N 363 
TYR HB2  H N N 364 
TYR HB3  H N N 365 
TYR HD1  H N N 366 
TYR HD2  H N N 367 
TYR HE1  H N N 368 
TYR HE2  H N N 369 
TYR HH   H N N 370 
TYR HXT  H N N 371 
VAL N    N N N 372 
VAL CA   C N S 373 
VAL C    C N N 374 
VAL O    O N N 375 
VAL CB   C N N 376 
VAL CG1  C N N 377 
VAL CG2  C N N 378 
VAL OXT  O N N 379 
VAL H    H N N 380 
VAL H2   H N N 381 
VAL HA   H N N 382 
VAL HB   H N N 383 
VAL HG11 H N N 384 
VAL HG12 H N N 385 
VAL HG13 H N N 386 
VAL HG21 H N N 387 
VAL HG22 H N N 388 
VAL HG23 H N N 389 
VAL HXT  H N N 390 
# 
loop_
_chem_comp_bond.comp_id 
_chem_comp_bond.atom_id_1 
_chem_comp_bond.atom_id_2 
_chem_comp_bond.value_order 
_chem_comp_bond.pdbx_aromatic_flag 
_chem_comp_bond.pdbx_stereo_config 
_chem_comp_bond.pdbx_ordinal 
ALA N   CA   sing N N 1   
ALA N   H    sing N N 2   
ALA N   H2   sing N N 3   
ALA CA  C    sing N N 4   
ALA CA  CB   sing N N 5   
ALA CA  HA   sing N N 6   
ALA C   O    doub N N 7   
ALA C   OXT  sing N N 8   
ALA CB  HB1  sing N N 9   
ALA CB  HB2  sing N N 10  
ALA CB  HB3  sing N N 11  
ALA OXT HXT  sing N N 12  
ARG N   CA   sing N N 13  
ARG N   H    sing N N 14  
ARG N   H2   sing N N 15  
ARG CA  C    sing N N 16  
ARG CA  CB   sing N N 17  
ARG CA  HA   sing N N 18  
ARG C   O    doub N N 19  
ARG C   OXT  sing N N 20  
ARG CB  CG   sing N N 21  
ARG CB  HB2  sing N N 22  
ARG CB  HB3  sing N N 23  
ARG CG  CD   sing N N 24  
ARG CG  HG2  sing N N 25  
ARG CG  HG3  sing N N 26  
ARG CD  NE   sing N N 27  
ARG CD  HD2  sing N N 28  
ARG CD  HD3  sing N N 29  
ARG NE  CZ   sing N N 30  
ARG NE  HE   sing N N 31  
ARG CZ  NH1  sing N N 32  
ARG CZ  NH2  doub N N 33  
ARG NH1 HH11 sing N N 34  
ARG NH1 HH12 sing N N 35  
ARG NH2 HH21 sing N N 36  
ARG NH2 HH22 sing N N 37  
ARG OXT HXT  sing N N 38  
ASN N   CA   sing N N 39  
ASN N   H    sing N N 40  
ASN N   H2   sing N N 41  
ASN CA  C    sing N N 42  
ASN CA  CB   sing N N 43  
ASN CA  HA   sing N N 44  
ASN C   O    doub N N 45  
ASN C   OXT  sing N N 46  
ASN CB  CG   sing N N 47  
ASN CB  HB2  sing N N 48  
ASN CB  HB3  sing N N 49  
ASN CG  OD1  doub N N 50  
ASN CG  ND2  sing N N 51  
ASN ND2 HD21 sing N N 52  
ASN ND2 HD22 sing N N 53  
ASN OXT HXT  sing N N 54  
ASP N   CA   sing N N 55  
ASP N   H    sing N N 56  
ASP N   H2   sing N N 57  
ASP CA  C    sing N N 58  
ASP CA  CB   sing N N 59  
ASP CA  HA   sing N N 60  
ASP C   O    doub N N 61  
ASP C   OXT  sing N N 62  
ASP CB  CG   sing N N 63  
ASP CB  HB2  sing N N 64  
ASP CB  HB3  sing N N 65  
ASP CG  OD1  doub N N 66  
ASP CG  OD2  sing N N 67  
ASP OD2 HD2  sing N N 68  
ASP OXT HXT  sing N N 69  
CYS N   CA   sing N N 70  
CYS N   H    sing N N 71  
CYS N   H2   sing N N 72  
CYS CA  C    sing N N 73  
CYS CA  CB   sing N N 74  
CYS CA  HA   sing N N 75  
CYS C   O    doub N N 76  
CYS C   OXT  sing N N 77  
CYS CB  SG   sing N N 78  
CYS CB  HB2  sing N N 79  
CYS CB  HB3  sing N N 80  
CYS SG  HG   sing N N 81  
CYS OXT HXT  sing N N 82  
GLN N   CA   sing N N 83  
GLN N   H    sing N N 84  
GLN N   H2   sing N N 85  
GLN CA  C    sing N N 86  
GLN CA  CB   sing N N 87  
GLN CA  HA   sing N N 88  
GLN C   O    doub N N 89  
GLN C   OXT  sing N N 90  
GLN CB  CG   sing N N 91  
GLN CB  HB2  sing N N 92  
GLN CB  HB3  sing N N 93  
GLN CG  CD   sing N N 94  
GLN CG  HG2  sing N N 95  
GLN CG  HG3  sing N N 96  
GLN CD  OE1  doub N N 97  
GLN CD  NE2  sing N N 98  
GLN NE2 HE21 sing N N 99  
GLN NE2 HE22 sing N N 100 
GLN OXT HXT  sing N N 101 
GLU N   CA   sing N N 102 
GLU N   H    sing N N 103 
GLU N   H2   sing N N 104 
GLU CA  C    sing N N 105 
GLU CA  CB   sing N N 106 
GLU CA  HA   sing N N 107 
GLU C   O    doub N N 108 
GLU C   OXT  sing N N 109 
GLU CB  CG   sing N N 110 
GLU CB  HB2  sing N N 111 
GLU CB  HB3  sing N N 112 
GLU CG  CD   sing N N 113 
GLU CG  HG2  sing N N 114 
GLU CG  HG3  sing N N 115 
GLU CD  OE1  doub N N 116 
GLU CD  OE2  sing N N 117 
GLU OE2 HE2  sing N N 118 
GLU OXT HXT  sing N N 119 
GLY N   CA   sing N N 120 
GLY N   H    sing N N 121 
GLY N   H2   sing N N 122 
GLY CA  C    sing N N 123 
GLY CA  HA2  sing N N 124 
GLY CA  HA3  sing N N 125 
GLY C   O    doub N N 126 
GLY C   OXT  sing N N 127 
GLY OXT HXT  sing N N 128 
HIS N   CA   sing N N 129 
HIS N   H    sing N N 130 
HIS N   H2   sing N N 131 
HIS CA  C    sing N N 132 
HIS CA  CB   sing N N 133 
HIS CA  HA   sing N N 134 
HIS C   O    doub N N 135 
HIS C   OXT  sing N N 136 
HIS CB  CG   sing N N 137 
HIS CB  HB2  sing N N 138 
HIS CB  HB3  sing N N 139 
HIS CG  ND1  sing Y N 140 
HIS CG  CD2  doub Y N 141 
HIS ND1 CE1  doub Y N 142 
HIS ND1 HD1  sing N N 143 
HIS CD2 NE2  sing Y N 144 
HIS CD2 HD2  sing N N 145 
HIS CE1 NE2  sing Y N 146 
HIS CE1 HE1  sing N N 147 
HIS NE2 HE2  sing N N 148 
HIS OXT HXT  sing N N 149 
HOH O   H1   sing N N 150 
HOH O   H2   sing N N 151 
ILE N   CA   sing N N 152 
ILE N   H    sing N N 153 
ILE N   H2   sing N N 154 
ILE CA  C    sing N N 155 
ILE CA  CB   sing N N 156 
ILE CA  HA   sing N N 157 
ILE C   O    doub N N 158 
ILE C   OXT  sing N N 159 
ILE CB  CG1  sing N N 160 
ILE CB  CG2  sing N N 161 
ILE CB  HB   sing N N 162 
ILE CG1 CD1  sing N N 163 
ILE CG1 HG12 sing N N 164 
ILE CG1 HG13 sing N N 165 
ILE CG2 HG21 sing N N 166 
ILE CG2 HG22 sing N N 167 
ILE CG2 HG23 sing N N 168 
ILE CD1 HD11 sing N N 169 
ILE CD1 HD12 sing N N 170 
ILE CD1 HD13 sing N N 171 
ILE OXT HXT  sing N N 172 
LEU N   CA   sing N N 173 
LEU N   H    sing N N 174 
LEU N   H2   sing N N 175 
LEU CA  C    sing N N 176 
LEU CA  CB   sing N N 177 
LEU CA  HA   sing N N 178 
LEU C   O    doub N N 179 
LEU C   OXT  sing N N 180 
LEU CB  CG   sing N N 181 
LEU CB  HB2  sing N N 182 
LEU CB  HB3  sing N N 183 
LEU CG  CD1  sing N N 184 
LEU CG  CD2  sing N N 185 
LEU CG  HG   sing N N 186 
LEU CD1 HD11 sing N N 187 
LEU CD1 HD12 sing N N 188 
LEU CD1 HD13 sing N N 189 
LEU CD2 HD21 sing N N 190 
LEU CD2 HD22 sing N N 191 
LEU CD2 HD23 sing N N 192 
LEU OXT HXT  sing N N 193 
LYS N   CA   sing N N 194 
LYS N   H    sing N N 195 
LYS N   H2   sing N N 196 
LYS CA  C    sing N N 197 
LYS CA  CB   sing N N 198 
LYS CA  HA   sing N N 199 
LYS C   O    doub N N 200 
LYS C   OXT  sing N N 201 
LYS CB  CG   sing N N 202 
LYS CB  HB2  sing N N 203 
LYS CB  HB3  sing N N 204 
LYS CG  CD   sing N N 205 
LYS CG  HG2  sing N N 206 
LYS CG  HG3  sing N N 207 
LYS CD  CE   sing N N 208 
LYS CD  HD2  sing N N 209 
LYS CD  HD3  sing N N 210 
LYS CE  NZ   sing N N 211 
LYS CE  HE2  sing N N 212 
LYS CE  HE3  sing N N 213 
LYS NZ  HZ1  sing N N 214 
LYS NZ  HZ2  sing N N 215 
LYS NZ  HZ3  sing N N 216 
LYS OXT HXT  sing N N 217 
MET N   CA   sing N N 218 
MET N   H    sing N N 219 
MET N   H2   sing N N 220 
MET CA  C    sing N N 221 
MET CA  CB   sing N N 222 
MET CA  HA   sing N N 223 
MET C   O    doub N N 224 
MET C   OXT  sing N N 225 
MET CB  CG   sing N N 226 
MET CB  HB2  sing N N 227 
MET CB  HB3  sing N N 228 
MET CG  SD   sing N N 229 
MET CG  HG2  sing N N 230 
MET CG  HG3  sing N N 231 
MET SD  CE   sing N N 232 
MET CE  HE1  sing N N 233 
MET CE  HE2  sing N N 234 
MET CE  HE3  sing N N 235 
MET OXT HXT  sing N N 236 
PHE N   CA   sing N N 237 
PHE N   H    sing N N 238 
PHE N   H2   sing N N 239 
PHE CA  C    sing N N 240 
PHE CA  CB   sing N N 241 
PHE CA  HA   sing N N 242 
PHE C   O    doub N N 243 
PHE C   OXT  sing N N 244 
PHE CB  CG   sing N N 245 
PHE CB  HB2  sing N N 246 
PHE CB  HB3  sing N N 247 
PHE CG  CD1  doub Y N 248 
PHE CG  CD2  sing Y N 249 
PHE CD1 CE1  sing Y N 250 
PHE CD1 HD1  sing N N 251 
PHE CD2 CE2  doub Y N 252 
PHE CD2 HD2  sing N N 253 
PHE CE1 CZ   doub Y N 254 
PHE CE1 HE1  sing N N 255 
PHE CE2 CZ   sing Y N 256 
PHE CE2 HE2  sing N N 257 
PHE CZ  HZ   sing N N 258 
PHE OXT HXT  sing N N 259 
PRO N   CA   sing N N 260 
PRO N   CD   sing N N 261 
PRO N   H    sing N N 262 
PRO CA  C    sing N N 263 
PRO CA  CB   sing N N 264 
PRO CA  HA   sing N N 265 
PRO C   O    doub N N 266 
PRO C   OXT  sing N N 267 
PRO CB  CG   sing N N 268 
PRO CB  HB2  sing N N 269 
PRO CB  HB3  sing N N 270 
PRO CG  CD   sing N N 271 
PRO CG  HG2  sing N N 272 
PRO CG  HG3  sing N N 273 
PRO CD  HD2  sing N N 274 
PRO CD  HD3  sing N N 275 
PRO OXT HXT  sing N N 276 
SER N   CA   sing N N 277 
SER N   H    sing N N 278 
SER N   H2   sing N N 279 
SER CA  C    sing N N 280 
SER CA  CB   sing N N 281 
SER CA  HA   sing N N 282 
SER C   O    doub N N 283 
SER C   OXT  sing N N 284 
SER CB  OG   sing N N 285 
SER CB  HB2  sing N N 286 
SER CB  HB3  sing N N 287 
SER OG  HG   sing N N 288 
SER OXT HXT  sing N N 289 
THR N   CA   sing N N 290 
THR N   H    sing N N 291 
THR N   H2   sing N N 292 
THR CA  C    sing N N 293 
THR CA  CB   sing N N 294 
THR CA  HA   sing N N 295 
THR C   O    doub N N 296 
THR C   OXT  sing N N 297 
THR CB  OG1  sing N N 298 
THR CB  CG2  sing N N 299 
THR CB  HB   sing N N 300 
THR OG1 HG1  sing N N 301 
THR CG2 HG21 sing N N 302 
THR CG2 HG22 sing N N 303 
THR CG2 HG23 sing N N 304 
THR OXT HXT  sing N N 305 
TRP N   CA   sing N N 306 
TRP N   H    sing N N 307 
TRP N   H2   sing N N 308 
TRP CA  C    sing N N 309 
TRP CA  CB   sing N N 310 
TRP CA  HA   sing N N 311 
TRP C   O    doub N N 312 
TRP C   OXT  sing N N 313 
TRP CB  CG   sing N N 314 
TRP CB  HB2  sing N N 315 
TRP CB  HB3  sing N N 316 
TRP CG  CD1  doub Y N 317 
TRP CG  CD2  sing Y N 318 
TRP CD1 NE1  sing Y N 319 
TRP CD1 HD1  sing N N 320 
TRP CD2 CE2  doub Y N 321 
TRP CD2 CE3  sing Y N 322 
TRP NE1 CE2  sing Y N 323 
TRP NE1 HE1  sing N N 324 
TRP CE2 CZ2  sing Y N 325 
TRP CE3 CZ3  doub Y N 326 
TRP CE3 HE3  sing N N 327 
TRP CZ2 CH2  doub Y N 328 
TRP CZ2 HZ2  sing N N 329 
TRP CZ3 CH2  sing Y N 330 
TRP CZ3 HZ3  sing N N 331 
TRP CH2 HH2  sing N N 332 
TRP OXT HXT  sing N N 333 
TYR N   CA   sing N N 334 
TYR N   H    sing N N 335 
TYR N   H2   sing N N 336 
TYR CA  C    sing N N 337 
TYR CA  CB   sing N N 338 
TYR CA  HA   sing N N 339 
TYR C   O    doub N N 340 
TYR C   OXT  sing N N 341 
TYR CB  CG   sing N N 342 
TYR CB  HB2  sing N N 343 
TYR CB  HB3  sing N N 344 
TYR CG  CD1  doub Y N 345 
TYR CG  CD2  sing Y N 346 
TYR CD1 CE1  sing Y N 347 
TYR CD1 HD1  sing N N 348 
TYR CD2 CE2  doub Y N 349 
TYR CD2 HD2  sing N N 350 
TYR CE1 CZ   doub Y N 351 
TYR CE1 HE1  sing N N 352 
TYR CE2 CZ   sing Y N 353 
TYR CE2 HE2  sing N N 354 
TYR CZ  OH   sing N N 355 
TYR OH  HH   sing N N 356 
TYR OXT HXT  sing N N 357 
VAL N   CA   sing N N 358 
VAL N   H    sing N N 359 
VAL N   H2   sing N N 360 
VAL CA  C    sing N N 361 
VAL CA  CB   sing N N 362 
VAL CA  HA   sing N N 363 
VAL C   O    doub N N 364 
VAL C   OXT  sing N N 365 
VAL CB  CG1  sing N N 366 
VAL CB  CG2  sing N N 367 
VAL CB  HB   sing N N 368 
VAL CG1 HG11 sing N N 369 
VAL CG1 HG12 sing N N 370 
VAL CG1 HG13 sing N N 371 
VAL CG2 HG21 sing N N 372 
VAL CG2 HG22 sing N N 373 
VAL CG2 HG23 sing N N 374 
VAL OXT HXT  sing N N 375 
# 
_pdbx_entity_nonpoly.entity_id   2 
_pdbx_entity_nonpoly.name        water 
_pdbx_entity_nonpoly.comp_id     HOH 
# 
_pdbx_initial_refinement_model.id               1 
_pdbx_initial_refinement_model.entity_id_list   ? 
_pdbx_initial_refinement_model.type             'experimental model' 
_pdbx_initial_refinement_model.source_name      PDB 
_pdbx_initial_refinement_model.accession_code   1BFT 
_pdbx_initial_refinement_model.details          'PDB rentry 1BFT' 
# 
